data_6G5Z
#
_entry.id   6G5Z
#
_cell.length_a   128.197
_cell.length_b   206.452
_cell.length_c   116.673
_cell.angle_alpha   90.000
_cell.angle_beta   110.280
_cell.angle_gamma   90.000
#
_symmetry.space_group_name_H-M   'C 1 2 1'
#
loop_
_entity.id
_entity.type
_entity.pdbx_description
1 polymer Choline-sulfatase
2 non-polymer 'MAGNESIUM ION'
3 non-polymer 'SULFATE ION'
4 water water
#
_entity_poly.entity_id   1
_entity_poly.type   'polypeptide(L)'
_entity_poly.pdbx_seq_one_letter_code
;KPNILIIMVDQLNGKLFPDGPADFLHAPNLKALAKRSARFHNNYTSSPL(DDZ)APARASFMAGQLPSRTRVYDNAAEYQ
SSIPTYAHHLRRAGYYTALSGKMHLVGPDQLHGFEERLTTDIYPADFGWTPDYRKPGERIDWWYHNLGSVTGAGVAEITN
QMEYDDEVAFLANQKLYQLSRENDDESRRPWCLTVSFTHPHDPYVARRKFWDLYEDCEHLTPEVGAIPLDEQDPHSQRIM
LSCDYQNFDVTEENVRRSRRAYFANISYLDEKVGELIDTLTRTRMLDDTLILFCSDHGDMLGERGLWFKMNFFEGSARVP
LMIAGPGIAPGLHLTPTSNLDVTPTLADLAGISLEEVRPWTDGVSLVPMVNGVERTEPVLMEYAAEASYAPLVAIREGKW
KYVYCALDPEQLFDLEADPLELTNLAENPRGPVDQATLTAFRDMRAAHWDMEAFDAAVRESQARRWVVYEALRNGAYYPW
DHQPLQKASERYMRNHMNLDTLEESKRYPRGE
;
_entity_poly.pdbx_strand_id   A,B,C,D
#
loop_
_chem_comp.id
_chem_comp.type
_chem_comp.name
_chem_comp.formula
MG non-polymer 'MAGNESIUM ION' 'Mg 2'
SO4 non-polymer 'SULFATE ION' 'O4 S -2'
#
# COMPACT_ATOMS: atom_id res chain seq x y z
N LYS A 1 -13.46 -10.20 -7.72
CA LYS A 1 -14.02 -10.03 -6.38
C LYS A 1 -12.93 -10.29 -5.33
N PRO A 2 -12.69 -9.32 -4.44
CA PRO A 2 -11.63 -9.49 -3.45
C PRO A 2 -12.03 -10.44 -2.33
N ASN A 3 -11.02 -11.03 -1.70
CA ASN A 3 -11.26 -11.71 -0.44
C ASN A 3 -11.51 -10.69 0.66
N ILE A 4 -12.11 -11.14 1.76
CA ILE A 4 -12.45 -10.25 2.86
C ILE A 4 -12.10 -10.94 4.18
N LEU A 5 -11.18 -10.34 4.93
CA LEU A 5 -10.81 -10.81 6.26
C LEU A 5 -11.34 -9.78 7.25
N ILE A 6 -12.29 -10.20 8.07
CA ILE A 6 -12.86 -9.34 9.09
C ILE A 6 -12.24 -9.74 10.42
N ILE A 7 -11.52 -8.82 11.05
CA ILE A 7 -10.94 -9.07 12.36
C ILE A 7 -11.78 -8.30 13.37
N MET A 8 -12.43 -9.02 14.26
CA MET A 8 -13.31 -8.41 15.24
C MET A 8 -12.79 -8.75 16.63
N VAL A 9 -12.92 -7.77 17.54
CA VAL A 9 -12.60 -7.96 18.94
C VAL A 9 -13.75 -7.46 19.78
N ASP A 10 -13.78 -7.88 21.04
CA ASP A 10 -14.91 -7.66 21.91
C ASP A 10 -14.58 -6.62 22.99
N GLN A 11 -15.42 -5.59 23.09
CA GLN A 11 -15.39 -4.68 24.22
C GLN A 11 -14.19 -3.73 24.14
N LEU A 12 -13.88 -3.25 22.93
CA LEU A 12 -12.73 -2.37 22.72
C LEU A 12 -13.20 -0.93 22.61
N ASN A 13 -12.88 -0.13 23.63
CA ASN A 13 -13.15 1.30 23.69
C ASN A 13 -12.57 2.03 22.48
N GLY A 14 -13.45 2.64 21.68
CA GLY A 14 -13.02 3.26 20.45
C GLY A 14 -12.15 4.48 20.64
N LYS A 15 -12.24 5.14 21.80
CA LYS A 15 -11.38 6.30 22.06
C LYS A 15 -9.92 5.91 22.09
N LEU A 16 -9.61 4.62 22.23
CA LEU A 16 -8.24 4.14 22.21
C LEU A 16 -7.70 3.99 20.79
N PHE A 17 -8.52 4.28 19.77
CA PHE A 17 -8.12 4.29 18.37
C PHE A 17 -8.38 5.69 17.83
N PRO A 18 -7.61 6.69 18.26
CA PRO A 18 -7.83 8.05 17.77
C PRO A 18 -7.48 8.23 16.31
N ASP A 19 -6.55 7.44 15.81
CA ASP A 19 -6.02 7.56 14.45
C ASP A 19 -5.26 6.26 14.22
N GLY A 20 -5.96 5.13 14.31
CA GLY A 20 -5.32 3.87 14.53
C GLY A 20 -5.09 3.77 16.02
N PRO A 21 -4.40 2.74 16.50
CA PRO A 21 -4.16 2.63 17.95
C PRO A 21 -3.47 3.86 18.51
N ALA A 22 -3.85 4.19 19.74
CA ALA A 22 -3.16 5.27 20.46
C ALA A 22 -1.67 4.98 20.57
N ASP A 23 -0.87 6.05 20.55
CA ASP A 23 0.58 5.93 20.64
C ASP A 23 1.00 5.06 21.82
N PHE A 24 0.37 5.24 22.99
CA PHE A 24 0.83 4.56 24.19
C PHE A 24 0.58 3.05 24.16
N LEU A 25 -0.31 2.58 23.30
CA LEU A 25 -0.54 1.14 23.21
C LEU A 25 0.64 0.47 22.49
N HIS A 26 1.03 -0.71 22.96
CA HIS A 26 2.00 -1.54 22.25
C HIS A 26 1.22 -2.37 21.26
N ALA A 27 1.11 -1.88 20.02
CA ALA A 27 0.30 -2.54 19.02
C ALA A 27 0.89 -2.29 17.63
N PRO A 28 2.09 -2.82 17.36
CA PRO A 28 2.75 -2.51 16.08
C PRO A 28 2.03 -3.05 14.86
N ASN A 29 1.39 -4.22 14.97
CA ASN A 29 0.74 -4.77 13.79
C ASN A 29 -0.54 -4.01 13.46
N LEU A 30 -1.28 -3.59 14.48
CA LEU A 30 -2.48 -2.79 14.23
C LEU A 30 -2.12 -1.37 13.82
N LYS A 31 -0.98 -0.86 14.26
CA LYS A 31 -0.53 0.46 13.80
C LYS A 31 -0.08 0.41 12.35
N ALA A 32 0.64 -0.64 11.95
CA ALA A 32 0.99 -0.79 10.54
C ALA A 32 -0.26 -0.97 9.68
N LEU A 33 -1.19 -1.81 10.13
CA LEU A 33 -2.46 -1.97 9.40
C LEU A 33 -3.17 -0.64 9.25
N ALA A 34 -3.21 0.16 10.32
CA ALA A 34 -3.91 1.43 10.28
C ALA A 34 -3.33 2.35 9.20
N LYS A 35 -2.01 2.34 9.02
CA LYS A 35 -1.40 3.23 8.03
C LYS A 35 -1.88 2.92 6.62
N ARG A 36 -2.34 1.69 6.35
CA ARG A 36 -2.90 1.30 5.06
C ARG A 36 -4.41 1.45 5.00
N SER A 37 -5.05 1.89 6.07
CA SER A 37 -6.50 1.76 6.22
C SER A 37 -7.20 3.11 6.09
N ALA A 38 -8.43 3.06 5.59
CA ALA A 38 -9.37 4.11 5.91
C ALA A 38 -9.79 3.89 7.36
N ARG A 39 -9.71 4.94 8.15
CA ARG A 39 -9.91 4.86 9.60
C ARG A 39 -11.05 5.78 9.99
N PHE A 40 -12.04 5.24 10.69
CA PHE A 40 -13.25 5.96 11.02
C PHE A 40 -13.21 6.30 12.51
N HIS A 41 -12.80 7.53 12.78
CA HIS A 41 -12.47 7.97 14.13
C HIS A 41 -13.69 7.96 15.04
N ASN A 42 -14.84 8.41 14.54
CA ASN A 42 -16.05 8.54 15.34
C ASN A 42 -17.05 7.46 14.97
N ASN A 43 -16.65 6.21 15.09
CA ASN A 43 -17.51 5.08 14.78
C ASN A 43 -18.16 4.57 16.07
N TYR A 44 -19.44 4.20 15.96
CA TYR A 44 -20.26 3.85 17.11
C TYR A 44 -20.87 2.47 16.94
N THR A 45 -21.00 1.74 18.05
CA THR A 45 -21.85 0.57 18.05
C THR A 45 -23.29 0.98 17.78
N SER A 46 -24.10 0.01 17.37
CA SER A 46 -25.54 0.23 17.32
C SER A 46 -26.23 -0.10 18.64
N SER A 47 -25.57 -0.84 19.54
CA SER A 47 -26.18 -1.16 20.81
C SER A 47 -25.10 -1.64 21.79
N PRO A 48 -24.92 -0.97 22.94
CA PRO A 48 -23.77 -1.27 23.83
C PRO A 48 -23.98 -2.51 24.68
N LEU A 49 -24.07 -3.66 24.02
CA LEU A 49 -24.17 -4.96 24.66
C LEU A 49 -23.86 -6.01 23.61
N DDZ A 50 -23.27 -7.13 24.02
CA DDZ A 50 -22.70 -8.09 23.09
C DDZ A 50 -23.65 -8.63 22.01
O DDZ A 50 -23.49 -8.43 20.81
OG1 DDZ A 50 -21.50 -10.24 22.89
OG2 DDZ A 50 -21.01 -8.93 24.61
CB DDZ A 50 -22.09 -9.34 23.79
HA DDZ A 50 -21.85 -7.56 22.56
HB DDZ A 50 -22.85 -9.94 24.37
HG1 DDZ A 50 -21.29 -11.06 23.35
N ALA A 51 -24.66 -9.37 22.42
CA ALA A 51 -25.55 -10.01 21.43
C ALA A 51 -26.32 -9.00 20.59
N PRO A 52 -26.92 -7.98 21.21
CA PRO A 52 -27.61 -6.96 20.39
C PRO A 52 -26.69 -6.29 19.38
N ALA A 53 -25.49 -5.92 19.79
CA ALA A 53 -24.54 -5.32 18.85
C ALA A 53 -24.21 -6.27 17.72
N ARG A 54 -24.02 -7.55 18.03
CA ARG A 54 -23.52 -8.49 17.05
C ARG A 54 -24.60 -8.93 16.07
N ALA A 55 -25.83 -9.15 16.54
CA ALA A 55 -26.92 -9.43 15.60
C ALA A 55 -27.15 -8.24 14.69
N SER A 56 -27.04 -7.03 15.23
CA SER A 56 -27.21 -5.82 14.43
C SER A 56 -26.06 -5.66 13.44
N PHE A 57 -24.84 -5.91 13.88
CA PHE A 57 -23.68 -5.87 13.00
C PHE A 57 -23.82 -6.84 11.85
N MET A 58 -24.20 -8.09 12.13
CA MET A 58 -24.34 -9.07 11.05
C MET A 58 -25.42 -8.67 10.06
N ALA A 59 -26.55 -8.14 10.55
CA ALA A 59 -27.69 -7.84 9.68
C ALA A 59 -27.63 -6.46 9.08
N GLY A 60 -26.82 -5.55 9.62
CA GLY A 60 -26.93 -4.16 9.24
C GLY A 60 -28.25 -3.54 9.65
N GLN A 61 -28.86 -4.05 10.73
CA GLN A 61 -30.17 -3.61 11.20
C GLN A 61 -30.10 -3.28 12.68
N LEU A 62 -30.93 -2.33 13.10
CA LEU A 62 -31.00 -1.96 14.50
C LEU A 62 -31.67 -3.07 15.32
N PRO A 63 -31.38 -3.12 16.62
CA PRO A 63 -32.05 -4.11 17.48
C PRO A 63 -33.57 -4.06 17.41
N SER A 64 -34.16 -2.86 17.33
CA SER A 64 -35.61 -2.78 17.21
C SER A 64 -36.11 -3.55 16.00
N ARG A 65 -35.28 -3.65 14.97
CA ARG A 65 -35.63 -4.40 13.77
C ARG A 65 -35.18 -5.87 13.82
N THR A 66 -33.97 -6.15 14.31
CA THR A 66 -33.59 -7.55 14.46
C THR A 66 -34.39 -8.26 15.55
N ARG A 67 -34.95 -7.51 16.50
CA ARG A 67 -35.60 -8.02 17.71
C ARG A 67 -34.63 -8.62 18.72
N VAL A 68 -33.32 -8.49 18.52
CA VAL A 68 -32.35 -9.01 19.48
C VAL A 68 -32.07 -7.85 20.44
N TYR A 69 -32.90 -7.76 21.47
CA TYR A 69 -32.86 -6.65 22.41
C TYR A 69 -31.82 -6.83 23.51
N ASP A 70 -31.41 -8.06 23.78
CA ASP A 70 -30.60 -8.35 24.95
C ASP A 70 -29.78 -9.60 24.66
N ASN A 71 -29.05 -10.07 25.68
CA ASN A 71 -28.10 -11.15 25.48
C ASN A 71 -28.75 -12.52 25.48
N ALA A 72 -30.08 -12.58 25.49
CA ALA A 72 -30.77 -13.87 25.47
C ALA A 72 -31.92 -13.90 24.48
N ALA A 73 -31.96 -12.93 23.57
CA ALA A 73 -33.07 -12.79 22.63
C ALA A 73 -32.77 -13.57 21.34
N GLU A 74 -33.75 -14.38 20.92
CA GLU A 74 -33.58 -15.20 19.74
C GLU A 74 -33.31 -14.36 18.50
N TYR A 75 -32.34 -14.81 17.70
CA TYR A 75 -32.03 -14.22 16.40
C TYR A 75 -32.63 -15.14 15.35
N GLN A 76 -33.67 -14.67 14.67
CA GLN A 76 -34.35 -15.49 13.68
C GLN A 76 -33.42 -15.82 12.51
N SER A 77 -33.46 -17.09 12.08
CA SER A 77 -32.57 -17.54 11.02
C SER A 77 -32.95 -16.98 9.65
N SER A 78 -34.16 -16.45 9.51
CA SER A 78 -34.58 -15.89 8.22
C SER A 78 -34.08 -14.47 8.00
N ILE A 79 -33.39 -13.86 8.96
CA ILE A 79 -32.92 -12.49 8.80
C ILE A 79 -31.62 -12.50 7.99
N PRO A 80 -31.54 -11.81 6.86
CA PRO A 80 -30.30 -11.84 6.07
C PRO A 80 -29.16 -11.13 6.79
N THR A 81 -27.97 -11.72 6.70
CA THR A 81 -26.75 -11.15 7.25
C THR A 81 -25.75 -10.92 6.12
N TYR A 82 -24.61 -10.31 6.46
CA TYR A 82 -23.60 -10.12 5.42
C TYR A 82 -23.09 -11.46 4.90
N ALA A 83 -23.19 -12.51 5.71
CA ALA A 83 -22.79 -13.83 5.22
C ALA A 83 -23.74 -14.33 4.14
N HIS A 84 -25.06 -14.11 4.30
CA HIS A 84 -25.99 -14.45 3.23
C HIS A 84 -25.69 -13.63 1.98
N HIS A 85 -25.54 -12.32 2.14
CA HIS A 85 -25.36 -11.45 0.98
C HIS A 85 -24.12 -11.85 0.18
N LEU A 86 -23.01 -12.12 0.88
CA LEU A 86 -21.79 -12.53 0.18
C LEU A 86 -21.90 -13.93 -0.37
N ARG A 87 -22.49 -14.84 0.39
CA ARG A 87 -22.60 -16.23 -0.05
C ARG A 87 -23.48 -16.32 -1.30
N ARG A 88 -24.54 -15.53 -1.33
CA ARG A 88 -25.41 -15.43 -2.50
C ARG A 88 -24.65 -14.86 -3.69
N ALA A 89 -23.70 -13.96 -3.44
CA ALA A 89 -22.88 -13.40 -4.51
C ALA A 89 -21.68 -14.29 -4.86
N GLY A 90 -21.61 -15.51 -4.34
CA GLY A 90 -20.57 -16.44 -4.75
C GLY A 90 -19.38 -16.57 -3.80
N TYR A 91 -19.46 -16.01 -2.60
CA TYR A 91 -18.37 -16.13 -1.62
C TYR A 91 -18.49 -17.39 -0.76
N TYR A 92 -17.35 -18.02 -0.49
CA TYR A 92 -17.23 -18.90 0.66
C TYR A 92 -17.13 -18.04 1.92
N THR A 93 -17.95 -18.36 2.93
CA THR A 93 -17.99 -17.57 4.16
C THR A 93 -17.72 -18.45 5.36
N ALA A 94 -16.94 -17.94 6.31
CA ALA A 94 -16.63 -18.71 7.50
C ALA A 94 -16.44 -17.78 8.69
N LEU A 95 -16.68 -18.35 9.88
CA LEU A 95 -16.50 -17.67 11.16
C LEU A 95 -15.57 -18.51 12.03
N SER A 96 -14.55 -17.87 12.58
CA SER A 96 -13.78 -18.42 13.69
C SER A 96 -13.99 -17.49 14.87
N GLY A 97 -14.48 -18.05 15.96
CA GLY A 97 -14.71 -17.25 17.16
C GLY A 97 -16.15 -16.93 17.50
N LYS A 98 -16.31 -15.79 18.17
CA LYS A 98 -17.52 -15.46 18.90
C LYS A 98 -18.46 -14.63 18.04
N MET A 99 -19.75 -14.91 18.14
CA MET A 99 -20.74 -13.96 17.66
C MET A 99 -21.96 -13.85 18.58
N HIS A 100 -22.04 -14.64 19.64
CA HIS A 100 -23.11 -14.52 20.64
C HIS A 100 -24.48 -14.55 19.98
N LEU A 101 -24.64 -15.46 19.04
CA LEU A 101 -25.95 -15.71 18.45
C LEU A 101 -26.77 -16.55 19.42
N VAL A 102 -28.01 -16.17 19.64
CA VAL A 102 -28.90 -16.84 20.57
C VAL A 102 -29.96 -17.56 19.78
N GLY A 103 -30.17 -18.82 20.11
CA GLY A 103 -31.13 -19.63 19.40
C GLY A 103 -30.45 -20.76 18.68
N PRO A 104 -31.24 -21.66 18.10
CA PRO A 104 -30.69 -22.90 17.54
C PRO A 104 -29.86 -22.70 16.30
N ASP A 105 -30.03 -21.60 15.56
CA ASP A 105 -29.17 -21.29 14.42
C ASP A 105 -27.89 -20.67 14.95
N GLN A 106 -26.77 -21.38 14.82
CA GLN A 106 -25.48 -20.83 15.24
C GLN A 106 -24.59 -20.44 14.05
N LEU A 107 -25.16 -20.36 12.85
CA LEU A 107 -24.43 -19.98 11.64
C LEU A 107 -24.95 -18.71 11.00
N HIS A 108 -26.26 -18.54 10.90
CA HIS A 108 -26.85 -17.32 10.35
C HIS A 108 -26.21 -16.91 9.02
N GLY A 109 -26.09 -17.88 8.11
CA GLY A 109 -25.56 -17.62 6.79
C GLY A 109 -24.13 -18.09 6.58
N PHE A 110 -23.30 -18.07 7.63
CA PHE A 110 -21.94 -18.60 7.51
C PHE A 110 -21.97 -20.04 7.00
N GLU A 111 -21.14 -20.31 5.98
CA GLU A 111 -21.08 -21.66 5.43
C GLU A 111 -20.37 -22.61 6.36
N GLU A 112 -19.43 -22.12 7.15
CA GLU A 112 -18.69 -22.97 8.05
C GLU A 112 -18.31 -22.14 9.26
N ARG A 113 -18.36 -22.76 10.43
CA ARG A 113 -17.96 -22.09 11.66
C ARG A 113 -16.96 -22.97 12.40
N LEU A 114 -15.79 -22.40 12.68
CA LEU A 114 -14.65 -23.21 13.07
C LEU A 114 -14.58 -23.50 14.56
N THR A 115 -15.21 -22.67 15.39
CA THR A 115 -15.21 -22.84 16.83
C THR A 115 -16.64 -22.76 17.34
N THR A 116 -16.86 -23.29 18.53
CA THR A 116 -18.09 -23.01 19.24
C THR A 116 -18.07 -21.57 19.75
N ASP A 117 -19.16 -21.15 20.38
CA ASP A 117 -19.17 -19.83 20.99
C ASP A 117 -18.66 -19.92 22.42
N ILE A 118 -18.01 -18.84 22.86
CA ILE A 118 -17.58 -18.78 24.25
C ILE A 118 -18.78 -18.61 25.17
N TYR A 119 -19.86 -18.02 24.68
CA TYR A 119 -21.00 -17.68 25.50
C TYR A 119 -22.21 -18.52 25.17
N PRO A 120 -23.23 -18.50 26.03
CA PRO A 120 -24.38 -19.39 25.83
C PRO A 120 -25.23 -19.00 24.63
N ALA A 121 -25.92 -20.00 24.09
CA ALA A 121 -26.80 -19.85 22.94
C ALA A 121 -28.27 -19.89 23.31
N ASP A 122 -28.60 -19.93 24.62
CA ASP A 122 -29.97 -20.11 25.09
C ASP A 122 -30.51 -18.84 25.74
N PHE A 123 -31.72 -18.94 26.31
CA PHE A 123 -32.48 -17.78 26.76
C PHE A 123 -32.22 -17.41 28.22
N GLY A 124 -31.10 -17.86 28.79
CA GLY A 124 -30.90 -17.68 30.22
C GLY A 124 -30.80 -16.23 30.65
N TRP A 125 -30.09 -15.41 29.90
CA TRP A 125 -29.79 -14.05 30.35
C TRP A 125 -30.87 -13.07 29.93
N THR A 126 -32.15 -13.43 30.15
CA THR A 126 -33.27 -12.60 29.78
C THR A 126 -33.61 -11.62 30.89
N PRO A 127 -33.52 -10.30 30.66
CA PRO A 127 -33.98 -9.34 31.67
C PRO A 127 -35.49 -9.36 31.81
N ASP A 128 -35.99 -8.70 32.85
CA ASP A 128 -37.43 -8.66 33.13
C ASP A 128 -37.82 -7.25 33.53
N TYR A 129 -38.41 -6.52 32.59
CA TYR A 129 -38.91 -5.17 32.84
C TYR A 129 -40.03 -5.15 33.88
N ARG A 130 -40.66 -6.30 34.17
CA ARG A 130 -41.67 -6.35 35.22
C ARG A 130 -41.09 -6.23 36.63
N LYS A 131 -39.78 -6.38 36.79
CA LYS A 131 -39.14 -6.36 38.11
C LYS A 131 -37.96 -5.39 38.10
N PRO A 132 -38.22 -4.09 37.92
CA PRO A 132 -37.13 -3.11 37.86
C PRO A 132 -36.45 -2.94 39.21
N GLY A 133 -35.12 -2.88 39.18
CA GLY A 133 -34.33 -2.76 40.37
C GLY A 133 -33.75 -4.07 40.88
N GLU A 134 -34.28 -5.19 40.44
CA GLU A 134 -33.64 -6.47 40.68
C GLU A 134 -32.34 -6.58 39.89
N ARG A 135 -31.48 -7.49 40.34
CA ARG A 135 -30.36 -7.94 39.55
C ARG A 135 -30.29 -9.45 39.69
N ILE A 136 -29.75 -10.12 38.67
CA ILE A 136 -29.54 -11.56 38.71
C ILE A 136 -28.05 -11.78 38.85
N ASP A 137 -27.63 -12.18 40.05
CA ASP A 137 -26.20 -12.19 40.35
C ASP A 137 -25.46 -13.25 39.56
N TRP A 138 -26.13 -14.32 39.11
CA TRP A 138 -25.38 -15.38 38.45
C TRP A 138 -25.00 -15.04 37.01
N TRP A 139 -25.56 -14.00 36.39
CA TRP A 139 -25.04 -13.57 35.08
C TRP A 139 -24.80 -12.06 34.92
N TYR A 140 -25.47 -11.19 35.68
CA TYR A 140 -25.18 -9.76 35.60
C TYR A 140 -23.69 -9.50 35.76
N HIS A 141 -23.21 -8.46 35.06
CA HIS A 141 -21.92 -7.87 35.36
C HIS A 141 -21.82 -7.50 36.83
N ASN A 142 -20.60 -7.54 37.37
CA ASN A 142 -20.31 -6.96 38.66
C ASN A 142 -18.85 -6.53 38.68
N LEU A 143 -18.51 -5.70 39.65
CA LEU A 143 -17.18 -5.12 39.70
C LEU A 143 -16.11 -6.09 40.20
N GLY A 144 -16.45 -7.38 40.35
CA GLY A 144 -15.44 -8.37 40.69
C GLY A 144 -14.31 -8.43 39.68
N SER A 145 -14.61 -8.14 38.41
CA SER A 145 -13.55 -8.08 37.42
C SER A 145 -12.55 -6.99 37.75
N VAL A 146 -13.01 -5.88 38.34
CA VAL A 146 -12.13 -4.75 38.63
C VAL A 146 -11.23 -5.09 39.81
N THR A 147 -11.80 -5.63 40.88
CA THR A 147 -11.01 -6.01 42.05
C THR A 147 -10.19 -7.27 41.80
N GLY A 148 -10.55 -8.08 40.81
CA GLY A 148 -9.87 -9.33 40.52
C GLY A 148 -8.85 -9.27 39.41
N ALA A 149 -8.53 -8.09 38.89
CA ALA A 149 -7.63 -7.97 37.75
C ALA A 149 -6.24 -8.49 38.07
N GLY A 150 -5.57 -9.01 37.06
CA GLY A 150 -4.20 -9.44 37.28
C GLY A 150 -3.59 -10.19 36.12
N VAL A 151 -2.72 -11.13 36.46
CA VAL A 151 -1.81 -11.80 35.54
C VAL A 151 -2.04 -13.31 35.66
N ALA A 152 -2.20 -13.96 34.50
CA ALA A 152 -2.30 -15.41 34.45
C ALA A 152 -1.83 -15.86 33.07
N GLU A 153 -1.36 -17.10 32.98
CA GLU A 153 -0.87 -17.60 31.70
C GLU A 153 -1.94 -18.32 30.89
N ILE A 154 -3.02 -18.76 31.52
CA ILE A 154 -4.19 -19.24 30.80
C ILE A 154 -5.43 -18.74 31.53
N THR A 155 -6.48 -18.46 30.75
CA THR A 155 -7.80 -18.09 31.24
C THR A 155 -8.81 -18.74 30.32
N ASN A 156 -10.10 -18.63 30.67
CA ASN A 156 -11.15 -19.08 29.76
C ASN A 156 -11.02 -18.39 28.42
N GLN A 157 -10.79 -17.07 28.44
CA GLN A 157 -10.78 -16.29 27.22
C GLN A 157 -9.50 -16.50 26.41
N MET A 158 -8.37 -16.75 27.06
CA MET A 158 -7.17 -16.98 26.27
C MET A 158 -7.17 -18.36 25.65
N GLU A 159 -7.69 -19.37 26.35
CA GLU A 159 -7.93 -20.64 25.68
C GLU A 159 -8.78 -20.43 24.44
N TYR A 160 -9.87 -19.67 24.57
CA TYR A 160 -10.75 -19.45 23.44
C TYR A 160 -10.03 -18.74 22.30
N ASP A 161 -9.38 -17.61 22.59
CA ASP A 161 -8.80 -16.80 21.53
C ASP A 161 -7.57 -17.47 20.92
N ASP A 162 -6.79 -18.20 21.72
CA ASP A 162 -5.68 -18.97 21.16
C ASP A 162 -6.19 -19.89 20.06
N GLU A 163 -7.31 -20.57 20.32
CA GLU A 163 -7.87 -21.50 19.36
C GLU A 163 -8.49 -20.78 18.17
N VAL A 164 -9.23 -19.70 18.41
CA VAL A 164 -9.78 -18.88 17.33
C VAL A 164 -8.69 -18.49 16.34
N ALA A 165 -7.56 -18.02 16.87
CA ALA A 165 -6.45 -17.59 16.04
C ALA A 165 -5.85 -18.77 15.27
N PHE A 166 -5.61 -19.90 15.95
CA PHE A 166 -5.00 -21.02 15.27
C PHE A 166 -5.87 -21.51 14.12
N LEU A 167 -7.17 -21.65 14.37
CA LEU A 167 -8.04 -22.21 13.34
C LEU A 167 -8.25 -21.20 12.21
N ALA A 168 -8.19 -19.90 12.51
CA ALA A 168 -8.29 -18.90 11.46
C ALA A 168 -7.08 -18.97 10.53
N ASN A 169 -5.87 -19.09 11.10
CA ASN A 169 -4.69 -19.21 10.26
C ASN A 169 -4.68 -20.53 9.50
N GLN A 170 -5.12 -21.61 10.12
CA GLN A 170 -5.20 -22.88 9.41
C GLN A 170 -6.16 -22.78 8.23
N LYS A 171 -7.26 -22.03 8.40
CA LYS A 171 -8.23 -21.90 7.32
C LYS A 171 -7.67 -21.07 6.18
N LEU A 172 -6.91 -20.03 6.50
CA LEU A 172 -6.24 -19.27 5.45
C LEU A 172 -5.25 -20.13 4.68
N TYR A 173 -4.51 -21.00 5.38
CA TYR A 173 -3.63 -21.94 4.69
C TYR A 173 -4.42 -22.90 3.80
N GLN A 174 -5.51 -23.46 4.32
CA GLN A 174 -6.31 -24.36 3.51
C GLN A 174 -6.87 -23.65 2.28
N LEU A 175 -7.28 -22.39 2.43
CA LEU A 175 -7.87 -21.64 1.33
C LEU A 175 -6.85 -21.29 0.25
N SER A 176 -5.59 -21.06 0.64
CA SER A 176 -4.55 -20.79 -0.34
C SER A 176 -4.35 -21.96 -1.30
N ARG A 177 -4.73 -23.17 -0.91
CA ARG A 177 -4.59 -24.31 -1.81
C ARG A 177 -5.50 -24.21 -3.03
N GLU A 178 -6.46 -23.29 -3.01
CA GLU A 178 -7.36 -23.02 -4.13
C GLU A 178 -6.89 -21.85 -4.99
N ASN A 179 -5.74 -21.25 -4.67
CA ASN A 179 -5.36 -19.97 -5.27
C ASN A 179 -5.10 -20.08 -6.77
N ASP A 180 -4.62 -21.23 -7.25
CA ASP A 180 -4.36 -21.42 -8.67
C ASP A 180 -5.58 -21.90 -9.43
N ASP A 181 -6.71 -22.12 -8.76
CA ASP A 181 -7.90 -22.65 -9.40
C ASP A 181 -8.67 -21.50 -10.05
N GLU A 182 -8.79 -21.53 -11.38
CA GLU A 182 -9.51 -20.49 -12.09
C GLU A 182 -10.91 -20.28 -11.51
N SER A 183 -11.60 -21.38 -11.17
CA SER A 183 -12.98 -21.34 -10.74
C SER A 183 -13.13 -21.23 -9.21
N ARG A 184 -12.11 -20.74 -8.50
CA ARG A 184 -12.19 -20.61 -7.06
C ARG A 184 -13.23 -19.58 -6.66
N ARG A 185 -13.93 -19.86 -5.57
CA ARG A 185 -14.77 -18.84 -4.96
C ARG A 185 -13.89 -17.87 -4.17
N PRO A 186 -14.16 -16.57 -4.22
CA PRO A 186 -13.54 -15.68 -3.24
C PRO A 186 -14.02 -16.08 -1.84
N TRP A 187 -13.26 -15.70 -0.82
CA TRP A 187 -13.59 -16.09 0.54
C TRP A 187 -13.75 -14.87 1.42
N CYS A 188 -14.57 -15.03 2.45
CA CYS A 188 -14.76 -14.03 3.50
C CYS A 188 -14.67 -14.76 4.82
N LEU A 189 -13.64 -14.44 5.60
CA LEU A 189 -13.36 -15.10 6.87
C LEU A 189 -13.49 -14.06 7.97
N THR A 190 -14.37 -14.33 8.93
CA THR A 190 -14.54 -13.48 10.11
C THR A 190 -13.80 -14.14 11.27
N VAL A 191 -12.89 -13.39 11.88
CA VAL A 191 -12.08 -13.86 13.01
C VAL A 191 -12.46 -12.98 14.19
N SER A 192 -13.16 -13.57 15.16
CA SER A 192 -13.87 -12.80 16.18
C SER A 192 -13.36 -13.19 17.57
N PHE A 193 -12.57 -12.31 18.17
CA PHE A 193 -11.91 -12.58 19.43
C PHE A 193 -12.74 -12.08 20.61
N THR A 194 -12.59 -12.74 21.76
CA THR A 194 -13.30 -12.31 22.95
C THR A 194 -12.55 -11.25 23.74
N HIS A 195 -11.22 -11.16 23.64
CA HIS A 195 -10.53 -10.05 24.27
C HIS A 195 -10.83 -8.76 23.53
N PRO A 196 -10.66 -7.59 24.19
CA PRO A 196 -10.19 -7.32 25.56
C PRO A 196 -11.28 -7.31 26.64
N HIS A 197 -12.43 -7.87 26.32
CA HIS A 197 -13.48 -8.17 27.27
C HIS A 197 -12.91 -8.71 28.59
N ASP A 198 -13.54 -8.33 29.70
CA ASP A 198 -13.12 -8.81 31.01
C ASP A 198 -13.48 -10.30 31.16
N PRO A 199 -12.86 -11.01 32.13
CA PRO A 199 -11.91 -10.60 33.17
C PRO A 199 -10.67 -9.90 32.65
N TYR A 200 -10.24 -8.86 33.38
CA TYR A 200 -9.04 -8.10 33.01
C TYR A 200 -7.83 -8.86 33.53
N VAL A 201 -7.45 -9.90 32.79
CA VAL A 201 -6.39 -10.82 33.19
C VAL A 201 -5.52 -11.13 31.98
N ALA A 202 -4.21 -10.94 32.10
CA ALA A 202 -3.33 -10.93 30.95
C ALA A 202 -2.10 -11.79 31.19
N ARG A 203 -1.56 -12.35 30.11
CA ARG A 203 -0.28 -13.03 30.20
C ARG A 203 0.81 -12.04 30.62
N ARG A 204 1.76 -12.55 31.40
CA ARG A 204 2.78 -11.70 32.01
C ARG A 204 3.61 -10.97 30.97
N LYS A 205 3.91 -11.64 29.85
CA LYS A 205 4.66 -11.02 28.77
C LYS A 205 4.03 -9.72 28.30
N PHE A 206 2.69 -9.68 28.21
CA PHE A 206 2.01 -8.46 27.76
C PHE A 206 1.76 -7.49 28.90
N TRP A 207 1.42 -8.00 30.09
CA TRP A 207 1.35 -7.15 31.28
C TRP A 207 2.63 -6.35 31.48
N ASP A 208 3.77 -6.97 31.22
CA ASP A 208 5.05 -6.29 31.46
C ASP A 208 5.27 -5.13 30.51
N LEU A 209 4.54 -5.09 29.39
CA LEU A 209 4.69 -3.99 28.45
C LEU A 209 4.21 -2.66 29.02
N TYR A 210 3.39 -2.67 30.07
CA TYR A 210 2.72 -1.47 30.56
C TYR A 210 3.17 -1.06 31.97
N GLU A 211 4.35 -1.53 32.41
CA GLU A 211 4.88 -1.13 33.71
C GLU A 211 4.89 0.39 33.86
N ASP A 212 5.34 1.10 32.83
CA ASP A 212 5.49 2.55 32.88
C ASP A 212 4.29 3.30 32.31
N CYS A 213 3.16 2.63 32.13
CA CYS A 213 2.04 3.22 31.41
C CYS A 213 1.51 4.47 32.11
N GLU A 214 1.20 5.49 31.33
CA GLU A 214 0.74 6.77 31.84
C GLU A 214 -0.78 6.91 31.77
N HIS A 215 -1.49 5.87 31.35
CA HIS A 215 -2.93 5.95 31.13
C HIS A 215 -3.71 4.97 32.01
N LEU A 216 -3.18 4.65 33.18
CA LEU A 216 -3.81 3.65 34.02
C LEU A 216 -4.93 4.21 34.89
N THR A 217 -5.17 5.52 34.86
CA THR A 217 -6.34 6.09 35.52
C THR A 217 -7.10 6.98 34.55
N PRO A 218 -8.42 6.92 34.53
CA PRO A 218 -9.17 7.77 33.61
C PRO A 218 -9.07 9.23 34.00
N GLU A 219 -9.19 10.11 33.00
CA GLU A 219 -9.23 11.54 33.27
C GLU A 219 -10.43 11.90 34.13
N VAL A 220 -11.60 11.38 33.78
CA VAL A 220 -12.84 11.61 34.53
C VAL A 220 -13.01 10.44 35.48
N GLY A 221 -12.93 10.70 36.78
CA GLY A 221 -13.02 9.67 37.79
C GLY A 221 -14.44 9.44 38.27
N ALA A 222 -14.54 8.70 39.38
CA ALA A 222 -15.82 8.24 39.88
C ALA A 222 -16.74 9.41 40.20
N ILE A 223 -17.97 9.34 39.70
CA ILE A 223 -19.04 10.25 40.08
C ILE A 223 -19.88 9.55 41.14
N PRO A 224 -20.12 10.17 42.30
CA PRO A 224 -20.92 9.49 43.34
C PRO A 224 -22.34 9.23 42.89
N LEU A 225 -22.92 8.16 43.44
CA LEU A 225 -24.27 7.74 43.06
C LEU A 225 -25.24 8.93 43.05
N ASP A 226 -25.25 9.71 44.13
CA ASP A 226 -26.18 10.83 44.25
C ASP A 226 -26.04 11.81 43.09
N GLU A 227 -24.84 11.92 42.50
CA GLU A 227 -24.57 12.89 41.44
C GLU A 227 -24.68 12.29 40.04
N GLN A 228 -24.97 10.99 39.93
CA GLN A 228 -25.06 10.33 38.63
C GLN A 228 -26.43 10.58 37.99
N ASP A 229 -26.45 10.62 36.66
CA ASP A 229 -27.70 10.56 35.94
C ASP A 229 -28.40 9.23 36.24
N PRO A 230 -29.71 9.14 36.00
CA PRO A 230 -30.45 7.94 36.43
C PRO A 230 -29.97 6.64 35.82
N HIS A 231 -29.64 6.64 34.52
CA HIS A 231 -29.21 5.39 33.88
C HIS A 231 -27.88 4.91 34.46
N SER A 232 -26.92 5.82 34.62
CA SER A 232 -25.67 5.47 35.28
C SER A 232 -25.92 4.89 36.67
N GLN A 233 -26.90 5.43 37.41
CA GLN A 233 -27.24 4.88 38.72
C GLN A 233 -27.75 3.44 38.60
N ARG A 234 -28.57 3.18 37.57
CA ARG A 234 -29.06 1.82 37.37
C ARG A 234 -27.92 0.87 37.03
N ILE A 235 -26.93 1.34 36.27
CA ILE A 235 -25.77 0.50 35.95
C ILE A 235 -24.98 0.18 37.22
N MET A 236 -24.72 1.21 38.04
CA MET A 236 -24.00 0.98 39.29
C MET A 236 -24.73 -0.02 40.18
N LEU A 237 -26.05 0.11 40.29
CA LEU A 237 -26.82 -0.87 41.08
C LEU A 237 -26.75 -2.25 40.44
N SER A 238 -26.89 -2.32 39.12
CA SER A 238 -26.85 -3.60 38.43
C SER A 238 -25.50 -4.27 38.56
N CYS A 239 -24.42 -3.49 38.71
CA CYS A 239 -23.10 -4.06 38.92
C CYS A 239 -22.82 -4.35 40.38
N ASP A 240 -23.79 -4.15 41.28
CA ASP A 240 -23.62 -4.45 42.69
C ASP A 240 -22.48 -3.64 43.27
N TYR A 241 -22.39 -2.37 42.86
CA TYR A 241 -21.23 -1.55 43.22
C TYR A 241 -21.07 -1.39 44.72
N GLN A 242 -22.17 -1.46 45.48
CA GLN A 242 -22.11 -1.26 46.92
C GLN A 242 -21.30 -2.34 47.63
N ASN A 243 -21.17 -3.52 47.01
CA ASN A 243 -20.48 -4.65 47.63
C ASN A 243 -19.04 -4.81 47.14
N PHE A 244 -18.45 -3.74 46.61
CA PHE A 244 -17.06 -3.78 46.16
C PHE A 244 -16.38 -2.48 46.54
N ASP A 245 -15.15 -2.59 47.05
CA ASP A 245 -14.32 -1.43 47.36
C ASP A 245 -13.28 -1.32 46.25
N VAL A 246 -13.62 -0.57 45.20
CA VAL A 246 -12.72 -0.39 44.07
C VAL A 246 -11.70 0.68 44.44
N THR A 247 -10.45 0.27 44.63
CA THR A 247 -9.38 1.19 44.96
C THR A 247 -8.76 1.74 43.69
N GLU A 248 -7.89 2.75 43.86
CA GLU A 248 -7.15 3.27 42.72
C GLU A 248 -6.24 2.20 42.15
N GLU A 249 -5.64 1.38 43.01
CA GLU A 249 -4.84 0.25 42.53
C GLU A 249 -5.67 -0.69 41.67
N ASN A 250 -6.92 -0.94 42.05
CA ASN A 250 -7.78 -1.83 41.27
C ASN A 250 -8.04 -1.25 39.89
N VAL A 251 -8.33 0.04 39.81
CA VAL A 251 -8.53 0.71 38.54
C VAL A 251 -7.29 0.56 37.67
N ARG A 252 -6.11 0.75 38.26
CA ARG A 252 -4.86 0.69 37.49
C ARG A 252 -4.57 -0.72 37.01
N ARG A 253 -4.78 -1.73 37.85
CA ARG A 253 -4.52 -3.10 37.43
C ARG A 253 -5.49 -3.52 36.32
N SER A 254 -6.75 -3.11 36.42
CA SER A 254 -7.72 -3.47 35.39
C SER A 254 -7.37 -2.83 34.04
N ARG A 255 -7.08 -1.53 34.04
CA ARG A 255 -6.68 -0.89 32.79
C ARG A 255 -5.38 -1.47 32.27
N ARG A 256 -4.45 -1.82 33.17
CA ARG A 256 -3.17 -2.35 32.71
C ARG A 256 -3.35 -3.68 32.01
N ALA A 257 -4.16 -4.57 32.58
CA ALA A 257 -4.37 -5.88 31.97
C ALA A 257 -5.18 -5.75 30.68
N TYR A 258 -6.12 -4.82 30.65
CA TYR A 258 -6.89 -4.55 29.44
C TYR A 258 -5.97 -4.11 28.30
N PHE A 259 -5.08 -3.14 28.55
CA PHE A 259 -4.13 -2.73 27.53
C PHE A 259 -3.23 -3.88 27.13
N ALA A 260 -2.79 -4.69 28.10
CA ALA A 260 -1.98 -5.85 27.80
C ALA A 260 -2.71 -6.81 26.88
N ASN A 261 -4.01 -6.95 27.06
CA ASN A 261 -4.75 -7.87 26.21
C ASN A 261 -4.98 -7.30 24.81
N ILE A 262 -4.98 -5.97 24.65
CA ILE A 262 -4.90 -5.42 23.30
C ILE A 262 -3.59 -5.85 22.64
N SER A 263 -2.48 -5.82 23.39
CA SER A 263 -1.19 -6.23 22.85
C SER A 263 -1.16 -7.72 22.54
N TYR A 264 -1.81 -8.52 23.39
CA TYR A 264 -2.03 -9.93 23.10
C TYR A 264 -2.73 -10.11 21.75
N LEU A 265 -3.79 -9.33 21.52
CA LEU A 265 -4.50 -9.40 20.25
C LEU A 265 -3.62 -8.90 19.10
N ASP A 266 -2.78 -7.90 19.35
CA ASP A 266 -1.95 -7.35 18.27
C ASP A 266 -1.03 -8.41 17.70
N GLU A 267 -0.48 -9.27 18.56
CA GLU A 267 0.36 -10.37 18.10
C GLU A 267 -0.44 -11.29 17.19
N LYS A 268 -1.71 -11.52 17.51
CA LYS A 268 -2.53 -12.39 16.67
C LYS A 268 -2.86 -11.71 15.35
N VAL A 269 -3.04 -10.39 15.35
CA VAL A 269 -3.24 -9.68 14.09
C VAL A 269 -2.01 -9.86 13.19
N GLY A 270 -0.82 -9.77 13.78
CA GLY A 270 0.40 -9.99 12.99
C GLY A 270 0.51 -11.38 12.39
N GLU A 271 0.11 -12.41 13.15
CA GLU A 271 0.12 -13.76 12.61
C GLU A 271 -0.78 -13.87 11.38
N LEU A 272 -2.01 -13.36 11.50
CA LEU A 272 -2.96 -13.43 10.39
C LEU A 272 -2.41 -12.74 9.15
N ILE A 273 -1.86 -11.54 9.30
CA ILE A 273 -1.33 -10.82 8.15
C ILE A 273 -0.10 -11.54 7.58
N ASP A 274 0.73 -12.14 8.44
CA ASP A 274 1.86 -12.91 7.94
C ASP A 274 1.40 -14.12 7.13
N THR A 275 0.34 -14.78 7.60
CA THR A 275 -0.21 -15.89 6.83
C THR A 275 -0.74 -15.41 5.49
N LEU A 276 -1.49 -14.32 5.48
CA LEU A 276 -1.98 -13.76 4.22
C LEU A 276 -0.83 -13.45 3.29
N THR A 277 0.29 -12.95 3.84
CA THR A 277 1.40 -12.50 3.02
C THR A 277 2.11 -13.69 2.37
N ARG A 278 2.39 -14.73 3.16
CA ARG A 278 3.16 -15.87 2.68
C ARG A 278 2.33 -16.78 1.79
N THR A 279 1.01 -16.79 1.96
CA THR A 279 0.13 -17.54 1.07
C THR A 279 -0.16 -16.80 -0.22
N ARG A 280 0.33 -15.55 -0.35
CA ARG A 280 0.19 -14.73 -1.55
C ARG A 280 -1.25 -14.27 -1.78
N MET A 281 -1.98 -14.02 -0.69
CA MET A 281 -3.36 -13.56 -0.75
C MET A 281 -3.54 -12.12 -0.29
N LEU A 282 -2.49 -11.47 0.21
CA LEU A 282 -2.64 -10.16 0.82
C LEU A 282 -3.08 -9.09 -0.18
N ASP A 283 -2.56 -9.14 -1.41
CA ASP A 283 -2.87 -8.08 -2.37
C ASP A 283 -4.33 -8.12 -2.83
N ASP A 284 -5.00 -9.27 -2.68
CA ASP A 284 -6.37 -9.45 -3.14
C ASP A 284 -7.38 -9.46 -1.99
N THR A 285 -6.97 -9.04 -0.80
CA THR A 285 -7.76 -9.19 0.42
C THR A 285 -8.04 -7.83 1.04
N LEU A 286 -9.31 -7.54 1.29
CA LEU A 286 -9.68 -6.44 2.16
C LEU A 286 -9.61 -6.90 3.62
N ILE A 287 -9.13 -6.02 4.49
CA ILE A 287 -9.05 -6.31 5.93
C ILE A 287 -9.84 -5.24 6.67
N LEU A 288 -10.85 -5.67 7.41
CA LEU A 288 -11.62 -4.79 8.28
C LEU A 288 -11.29 -5.11 9.72
N PHE A 289 -11.16 -4.07 10.53
CA PHE A 289 -10.96 -4.21 11.98
C PHE A 289 -12.12 -3.53 12.67
N CYS A 290 -12.78 -4.25 13.59
CA CYS A 290 -14.01 -3.75 14.20
C CYS A 290 -14.19 -4.34 15.59
N SER A 291 -15.20 -3.83 16.29
CA SER A 291 -15.55 -4.29 17.62
C SER A 291 -17.04 -4.08 17.83
N ASP A 292 -17.60 -4.82 18.80
CA ASP A 292 -19.05 -4.79 19.00
C ASP A 292 -19.49 -3.60 19.86
N HIS A 293 -18.74 -3.28 20.91
CA HIS A 293 -19.04 -2.15 21.79
C HIS A 293 -17.77 -1.85 22.57
N GLY A 294 -17.83 -0.82 23.40
CA GLY A 294 -16.66 -0.36 24.15
C GLY A 294 -16.64 -0.83 25.59
N ASP A 295 -15.83 -0.14 26.40
CA ASP A 295 -15.67 -0.40 27.84
C ASP A 295 -15.31 0.94 28.48
N MET A 296 -16.09 1.36 29.47
CA MET A 296 -15.85 2.65 30.10
C MET A 296 -14.51 2.69 30.83
N LEU A 297 -14.04 1.54 31.31
CA LEU A 297 -12.70 1.42 31.88
C LEU A 297 -12.50 2.33 33.10
N GLY A 298 -13.56 2.47 33.90
CA GLY A 298 -13.47 3.30 35.09
C GLY A 298 -13.81 4.76 34.88
N GLU A 299 -13.93 5.23 33.64
CA GLU A 299 -14.32 6.62 33.42
C GLU A 299 -15.71 6.88 33.97
N ARG A 300 -15.85 7.97 34.72
CA ARG A 300 -17.07 8.34 35.43
C ARG A 300 -17.39 7.41 36.60
N GLY A 301 -16.48 6.49 36.93
CA GLY A 301 -16.76 5.45 37.91
C GLY A 301 -17.42 4.23 37.31
N LEU A 302 -17.63 4.22 36.00
CA LEU A 302 -18.33 3.13 35.35
C LEU A 302 -17.34 2.17 34.70
N TRP A 303 -17.78 0.92 34.58
CA TRP A 303 -17.06 -0.14 33.89
C TRP A 303 -17.99 -0.78 32.86
N PHE A 304 -17.37 -1.44 31.88
CA PHE A 304 -18.11 -2.24 30.90
C PHE A 304 -18.94 -1.34 29.98
N LYS A 305 -20.15 -1.76 29.60
CA LYS A 305 -20.87 -1.06 28.55
C LYS A 305 -22.27 -0.67 29.01
N MET A 306 -23.30 -1.02 28.25
CA MET A 306 -24.70 -0.77 28.59
C MET A 306 -25.08 0.71 28.59
N ASN A 307 -24.24 1.60 28.06
CA ASN A 307 -24.61 3.01 27.98
C ASN A 307 -24.04 3.64 26.72
N PHE A 308 -24.43 4.90 26.49
CA PHE A 308 -24.11 5.61 25.26
C PHE A 308 -22.96 6.61 25.42
N PHE A 309 -22.36 6.72 26.59
CA PHE A 309 -21.16 7.54 26.73
C PHE A 309 -20.07 7.01 25.81
N GLU A 310 -19.11 7.89 25.50
CA GLU A 310 -18.13 7.61 24.46
C GLU A 310 -17.40 6.29 24.69
N GLY A 311 -17.00 6.01 25.93
CA GLY A 311 -16.15 4.86 26.16
C GLY A 311 -16.86 3.55 25.90
N SER A 312 -18.16 3.51 26.14
CA SER A 312 -19.01 2.36 25.91
C SER A 312 -19.51 2.28 24.46
N ALA A 313 -19.84 3.43 23.84
CA ALA A 313 -20.49 3.44 22.54
C ALA A 313 -19.52 3.56 21.37
N ARG A 314 -18.33 4.12 21.59
CA ARG A 314 -17.35 4.24 20.53
C ARG A 314 -16.63 2.92 20.33
N VAL A 315 -16.52 2.49 19.06
CA VAL A 315 -15.70 1.32 18.72
C VAL A 315 -14.89 1.61 17.48
N PRO A 316 -13.68 1.06 17.40
CA PRO A 316 -12.84 1.33 16.22
C PRO A 316 -13.44 0.72 14.97
N LEU A 317 -13.07 1.30 13.83
CA LEU A 317 -13.39 0.73 12.52
C LEU A 317 -12.31 1.15 11.54
N MET A 318 -11.67 0.17 10.90
CA MET A 318 -10.65 0.41 9.89
C MET A 318 -10.88 -0.55 8.74
N ILE A 319 -10.61 -0.09 7.52
CA ILE A 319 -10.70 -0.92 6.33
C ILE A 319 -9.45 -0.70 5.49
N ALA A 320 -8.84 -1.79 5.03
CA ALA A 320 -7.64 -1.70 4.22
C ALA A 320 -7.72 -2.69 3.07
N GLY A 321 -7.13 -2.30 1.94
CA GLY A 321 -6.95 -3.24 0.85
C GLY A 321 -7.24 -2.61 -0.50
N PRO A 322 -7.43 -3.45 -1.51
CA PRO A 322 -7.53 -2.94 -2.88
C PRO A 322 -8.67 -1.95 -3.03
N GLY A 323 -8.35 -0.80 -3.62
CA GLY A 323 -9.32 0.25 -3.88
C GLY A 323 -9.65 1.14 -2.71
N ILE A 324 -9.05 0.91 -1.55
CA ILE A 324 -9.35 1.66 -0.34
C ILE A 324 -8.28 2.73 -0.17
N ALA A 325 -8.70 3.97 -0.10
CA ALA A 325 -7.79 5.08 0.15
C ALA A 325 -7.46 5.17 1.64
N PRO A 326 -6.18 5.14 2.03
CA PRO A 326 -5.87 5.30 3.45
C PRO A 326 -6.13 6.72 3.90
N GLY A 327 -6.61 6.87 5.13
CA GLY A 327 -6.89 8.19 5.65
C GLY A 327 -7.86 8.16 6.80
N LEU A 328 -7.89 9.26 7.53
CA LEU A 328 -8.70 9.41 8.72
C LEU A 328 -9.99 10.15 8.38
N HIS A 329 -11.11 9.65 8.89
CA HIS A 329 -12.40 10.29 8.73
C HIS A 329 -12.99 10.63 10.09
N LEU A 330 -13.51 11.84 10.21
CA LEU A 330 -14.09 12.30 11.47
C LEU A 330 -15.61 12.29 11.47
N THR A 331 -16.25 12.23 10.31
CA THR A 331 -17.70 12.18 10.28
C THR A 331 -18.18 10.94 11.03
N PRO A 332 -19.18 11.05 11.90
CA PRO A 332 -19.64 9.87 12.64
C PRO A 332 -20.15 8.77 11.72
N THR A 333 -19.81 7.54 12.09
CA THR A 333 -20.23 6.34 11.38
C THR A 333 -20.71 5.30 12.38
N SER A 334 -21.24 4.20 11.86
CA SER A 334 -21.94 3.20 12.66
C SER A 334 -21.53 1.80 12.23
N ASN A 335 -21.52 0.88 13.21
CA ASN A 335 -21.43 -0.55 12.90
C ASN A 335 -22.53 -1.00 11.96
N LEU A 336 -23.70 -0.34 12.00
CA LEU A 336 -24.75 -0.64 11.04
C LEU A 336 -24.27 -0.51 9.60
N ASP A 337 -23.18 0.23 9.37
CA ASP A 337 -22.70 0.50 8.03
C ASP A 337 -21.79 -0.60 7.49
N VAL A 338 -21.40 -1.57 8.32
CA VAL A 338 -20.42 -2.56 7.87
C VAL A 338 -21.02 -3.50 6.84
N THR A 339 -22.22 -4.02 7.09
CA THR A 339 -22.80 -4.96 6.13
C THR A 339 -23.02 -4.34 4.77
N PRO A 340 -23.63 -3.15 4.65
CA PRO A 340 -23.75 -2.55 3.30
C PRO A 340 -22.41 -2.15 2.71
N THR A 341 -21.43 -1.81 3.54
CA THR A 341 -20.08 -1.52 3.02
C THR A 341 -19.45 -2.79 2.43
N LEU A 342 -19.56 -3.92 3.14
CA LEU A 342 -19.03 -5.19 2.63
C LEU A 342 -19.72 -5.57 1.32
N ALA A 343 -21.04 -5.44 1.28
CA ALA A 343 -21.79 -5.77 0.05
C ALA A 343 -21.30 -4.92 -1.11
N ASP A 344 -21.14 -3.62 -0.87
CA ASP A 344 -20.66 -2.71 -1.92
C ASP A 344 -19.27 -3.12 -2.39
N LEU A 345 -18.36 -3.40 -1.44
CA LEU A 345 -17.00 -3.81 -1.78
C LEU A 345 -16.99 -5.11 -2.56
N ALA A 346 -17.94 -6.00 -2.32
CA ALA A 346 -18.03 -7.27 -3.02
C ALA A 346 -18.73 -7.17 -4.38
N GLY A 347 -19.12 -5.98 -4.81
CA GLY A 347 -19.74 -5.81 -6.11
C GLY A 347 -21.24 -5.97 -6.13
N ILE A 348 -21.88 -6.12 -4.98
CA ILE A 348 -23.32 -6.31 -4.89
C ILE A 348 -24.02 -4.97 -5.07
N SER A 349 -25.09 -4.96 -5.86
CA SER A 349 -25.76 -3.71 -6.16
C SER A 349 -26.49 -3.15 -4.94
N LEU A 350 -26.59 -1.82 -4.91
CA LEU A 350 -27.32 -1.14 -3.84
C LEU A 350 -28.74 -1.67 -3.65
N GLU A 351 -29.44 -1.92 -4.76
CA GLU A 351 -30.84 -2.31 -4.62
C GLU A 351 -30.98 -3.68 -3.98
N GLU A 352 -30.00 -4.55 -4.16
CA GLU A 352 -30.07 -5.90 -3.60
C GLU A 352 -29.99 -5.88 -2.07
N VAL A 353 -29.34 -4.88 -1.47
CA VAL A 353 -29.20 -4.82 -0.02
C VAL A 353 -30.04 -3.72 0.61
N ARG A 354 -30.47 -2.72 -0.15
CA ARG A 354 -31.28 -1.63 0.39
C ARG A 354 -32.44 -2.10 1.27
N PRO A 355 -33.22 -3.12 0.90
CA PRO A 355 -34.38 -3.47 1.72
C PRO A 355 -34.01 -4.17 3.03
N TRP A 356 -32.75 -4.57 3.19
CA TRP A 356 -32.34 -5.40 4.31
C TRP A 356 -31.42 -4.70 5.28
N THR A 357 -31.07 -3.43 5.05
CA THR A 357 -30.12 -2.74 5.90
C THR A 357 -30.63 -1.36 6.28
N ASP A 358 -30.28 -0.94 7.50
CA ASP A 358 -30.56 0.39 8.03
C ASP A 358 -29.37 1.33 7.94
N GLY A 359 -28.20 0.83 7.55
CA GLY A 359 -27.00 1.64 7.42
C GLY A 359 -26.77 2.07 5.98
N VAL A 360 -25.58 2.63 5.75
CA VAL A 360 -25.16 3.06 4.42
C VAL A 360 -23.74 2.58 4.16
N SER A 361 -23.42 2.39 2.89
CA SER A 361 -22.05 2.03 2.53
C SER A 361 -21.11 3.18 2.84
N LEU A 362 -19.94 2.85 3.39
CA LEU A 362 -18.91 3.83 3.67
C LEU A 362 -17.98 4.07 2.48
N VAL A 363 -18.09 3.26 1.42
CA VAL A 363 -17.18 3.38 0.29
C VAL A 363 -17.23 4.79 -0.31
N PRO A 364 -18.38 5.41 -0.54
CA PRO A 364 -18.36 6.78 -1.07
C PRO A 364 -17.63 7.76 -0.16
N MET A 365 -17.74 7.58 1.15
CA MET A 365 -17.00 8.44 2.09
C MET A 365 -15.51 8.27 1.90
N VAL A 366 -15.06 7.01 1.72
CA VAL A 366 -13.66 6.75 1.45
C VAL A 366 -13.22 7.44 0.16
N ASN A 367 -14.16 7.64 -0.77
CA ASN A 367 -13.87 8.30 -2.05
C ASN A 367 -14.37 9.74 -2.08
N GLY A 368 -14.34 10.43 -0.94
CA GLY A 368 -14.56 11.85 -0.90
C GLY A 368 -15.99 12.35 -0.96
N VAL A 369 -16.99 11.46 -0.91
CA VAL A 369 -18.39 11.88 -0.89
C VAL A 369 -18.81 12.09 0.56
N GLU A 370 -19.36 13.27 0.85
CA GLU A 370 -19.76 13.59 2.21
C GLU A 370 -20.89 12.68 2.65
N ARG A 371 -20.77 12.12 3.85
CA ARG A 371 -21.85 11.34 4.45
C ARG A 371 -22.63 12.23 5.39
N THR A 372 -23.96 12.20 5.27
CA THR A 372 -24.83 13.07 6.05
C THR A 372 -25.73 12.33 7.02
N GLU A 373 -26.01 11.05 6.79
CA GLU A 373 -26.98 10.33 7.62
C GLU A 373 -26.54 10.34 9.07
N PRO A 374 -27.47 10.42 10.02
CA PRO A 374 -27.10 10.38 11.44
C PRO A 374 -26.75 8.96 11.86
N VAL A 375 -26.11 8.87 13.03
CA VAL A 375 -25.80 7.58 13.67
C VAL A 375 -26.84 7.32 14.75
N LEU A 376 -27.50 6.16 14.69
CA LEU A 376 -28.55 5.80 15.63
C LEU A 376 -28.08 4.65 16.53
N MET A 377 -28.46 4.69 17.81
CA MET A 377 -28.16 3.63 18.76
C MET A 377 -29.38 3.32 19.62
N GLU A 378 -29.43 2.08 20.14
CA GLU A 378 -30.52 1.62 20.99
C GLU A 378 -29.96 0.77 22.13
N TYR A 379 -30.67 0.77 23.26
CA TYR A 379 -30.35 -0.14 24.35
C TYR A 379 -31.64 -0.53 25.07
N ALA A 380 -31.82 -1.84 25.29
CA ALA A 380 -33.06 -2.34 25.89
C ALA A 380 -32.77 -3.60 26.71
N ALA A 381 -31.68 -3.60 27.48
CA ALA A 381 -31.30 -4.79 28.24
C ALA A 381 -31.10 -4.46 29.71
N GLU A 382 -30.27 -5.23 30.41
CA GLU A 382 -30.14 -5.05 31.85
C GLU A 382 -29.65 -3.64 32.17
N ALA A 383 -30.16 -3.10 33.27
CA ALA A 383 -29.91 -1.75 33.77
C ALA A 383 -30.78 -0.73 33.02
N SER A 384 -31.57 -1.15 32.04
CA SER A 384 -32.66 -0.34 31.53
C SER A 384 -33.96 -0.88 32.09
N TYR A 385 -34.87 0.03 32.45
CA TYR A 385 -36.24 -0.33 32.81
C TYR A 385 -37.21 0.03 31.70
N ALA A 386 -36.73 0.73 30.67
CA ALA A 386 -37.44 0.97 29.43
C ALA A 386 -36.39 1.26 28.37
N PRO A 387 -36.71 1.12 27.09
CA PRO A 387 -35.68 1.28 26.06
C PRO A 387 -35.09 2.68 26.04
N LEU A 388 -33.80 2.76 25.73
CA LEU A 388 -33.12 4.02 25.47
C LEU A 388 -32.70 4.09 24.01
N VAL A 389 -32.70 5.29 23.46
CA VAL A 389 -32.25 5.54 22.11
C VAL A 389 -31.31 6.75 22.13
N ALA A 390 -30.42 6.79 21.15
CA ALA A 390 -29.45 7.88 21.05
C ALA A 390 -29.27 8.24 19.58
N ILE A 391 -28.99 9.51 19.33
CA ILE A 391 -28.72 10.02 18.00
C ILE A 391 -27.39 10.75 18.05
N ARG A 392 -26.49 10.39 17.15
CA ARG A 392 -25.20 11.06 17.00
C ARG A 392 -25.15 11.69 15.62
N GLU A 393 -25.08 13.02 15.58
CA GLU A 393 -25.15 13.74 14.31
C GLU A 393 -24.28 14.98 14.42
N GLY A 394 -23.40 15.18 13.44
CA GLY A 394 -22.52 16.32 13.49
C GLY A 394 -21.70 16.27 14.76
N LYS A 395 -21.75 17.35 15.53
CA LYS A 395 -21.03 17.43 16.79
C LYS A 395 -21.88 17.03 17.99
N TRP A 396 -23.12 16.57 17.78
CA TRP A 396 -24.05 16.36 18.88
C TRP A 396 -24.25 14.88 19.18
N LYS A 397 -24.55 14.62 20.45
CA LYS A 397 -25.11 13.34 20.89
C LYS A 397 -26.34 13.63 21.71
N TYR A 398 -27.45 12.97 21.38
CA TYR A 398 -28.72 13.11 22.07
C TYR A 398 -29.17 11.75 22.56
N VAL A 399 -29.59 11.67 23.82
CA VAL A 399 -30.04 10.42 24.43
C VAL A 399 -31.42 10.61 25.03
N TYR A 400 -32.33 9.70 24.73
CA TYR A 400 -33.70 9.77 25.23
C TYR A 400 -34.12 8.45 25.87
N CYS A 401 -34.72 8.54 27.05
CA CYS A 401 -35.44 7.45 27.68
C CYS A 401 -36.69 8.03 28.33
N ALA A 402 -37.83 7.38 28.12
CA ALA A 402 -39.09 7.89 28.67
C ALA A 402 -39.00 8.11 30.18
N LEU A 403 -38.14 7.37 30.88
CA LEU A 403 -38.06 7.46 32.33
C LEU A 403 -37.02 8.44 32.84
N ASP A 404 -36.22 9.04 31.97
CA ASP A 404 -35.06 9.82 32.38
C ASP A 404 -35.12 11.22 31.80
N PRO A 405 -34.40 12.17 32.42
CA PRO A 405 -34.11 13.43 31.72
C PRO A 405 -33.29 13.16 30.47
N GLU A 406 -33.57 13.96 29.44
CA GLU A 406 -32.79 13.87 28.21
C GLU A 406 -31.36 14.29 28.47
N GLN A 407 -30.46 13.79 27.63
CA GLN A 407 -29.07 14.22 27.61
C GLN A 407 -28.74 14.77 26.23
N LEU A 408 -27.96 15.86 26.21
CA LEU A 408 -27.52 16.48 24.96
C LEU A 408 -26.09 16.95 25.17
N PHE A 409 -25.18 16.46 24.34
CA PHE A 409 -23.76 16.76 24.50
C PHE A 409 -23.22 17.34 23.22
N ASP A 410 -22.44 18.42 23.36
CA ASP A 410 -21.67 19.00 22.26
C ASP A 410 -20.27 18.42 22.38
N LEU A 411 -19.98 17.42 21.54
CA LEU A 411 -18.74 16.66 21.69
C LEU A 411 -17.52 17.42 21.21
N GLU A 412 -17.70 18.50 20.43
CA GLU A 412 -16.55 19.30 20.03
C GLU A 412 -16.14 20.26 21.14
N ALA A 413 -17.11 20.87 21.82
CA ALA A 413 -16.81 21.68 22.99
C ALA A 413 -16.55 20.85 24.23
N ASP A 414 -17.16 19.67 24.33
CA ASP A 414 -17.25 18.92 25.59
C ASP A 414 -17.03 17.45 25.29
N PRO A 415 -15.82 17.08 24.85
CA PRO A 415 -15.58 15.69 24.43
C PRO A 415 -15.74 14.67 25.55
N LEU A 416 -15.68 15.10 26.82
CA LEU A 416 -15.82 14.20 27.96
C LEU A 416 -17.25 14.14 28.48
N GLU A 417 -18.19 14.85 27.83
CA GLU A 417 -19.61 14.76 28.15
C GLU A 417 -19.86 15.10 29.62
N LEU A 418 -19.31 16.24 30.05
CA LEU A 418 -19.42 16.70 31.42
C LEU A 418 -20.54 17.70 31.64
N THR A 419 -21.09 18.28 30.58
CA THR A 419 -22.17 19.27 30.68
C THR A 419 -23.37 18.78 29.87
N ASN A 420 -24.46 18.49 30.56
CA ASN A 420 -25.71 18.10 29.89
C ASN A 420 -26.44 19.36 29.44
N LEU A 421 -26.41 19.64 28.14
CA LEU A 421 -27.02 20.85 27.61
C LEU A 421 -28.54 20.82 27.57
N ALA A 422 -29.15 19.64 27.74
CA ALA A 422 -30.61 19.59 27.84
C ALA A 422 -31.07 20.09 29.21
N GLU A 423 -30.21 19.96 30.21
CA GLU A 423 -30.45 20.50 31.55
C GLU A 423 -29.95 21.93 31.67
N ASN A 424 -28.79 22.22 31.08
CA ASN A 424 -28.12 23.52 31.22
C ASN A 424 -27.75 24.04 29.83
N PRO A 425 -28.73 24.43 29.03
CA PRO A 425 -28.43 24.94 27.70
C PRO A 425 -27.61 26.22 27.77
N ARG A 426 -26.65 26.36 26.85
CA ARG A 426 -25.81 27.54 26.83
C ARG A 426 -26.54 28.77 26.29
N GLY A 427 -27.54 28.56 25.43
CA GLY A 427 -28.29 29.65 24.84
C GLY A 427 -29.44 29.13 24.01
N PRO A 428 -30.03 30.00 23.18
CA PRO A 428 -31.20 29.57 22.38
C PRO A 428 -30.85 28.57 21.29
N VAL A 429 -29.61 28.53 20.81
CA VAL A 429 -29.23 27.50 19.85
C VAL A 429 -29.33 26.12 20.49
N ASP A 430 -28.83 25.98 21.72
CA ASP A 430 -28.93 24.70 22.41
C ASP A 430 -30.39 24.29 22.61
N GLN A 431 -31.26 25.26 22.87
CA GLN A 431 -32.68 24.95 23.02
C GLN A 431 -33.30 24.57 21.68
N ALA A 432 -32.89 25.23 20.60
CA ALA A 432 -33.40 24.84 19.28
C ALA A 432 -32.85 23.48 18.87
N THR A 433 -31.59 23.20 19.18
CA THR A 433 -31.02 21.90 18.85
C THR A 433 -31.76 20.78 19.56
N LEU A 434 -32.06 20.96 20.84
CA LEU A 434 -32.81 19.95 21.57
C LEU A 434 -34.16 19.67 20.91
N THR A 435 -34.85 20.73 20.47
CA THR A 435 -36.14 20.55 19.80
C THR A 435 -35.99 19.76 18.51
N ALA A 436 -34.97 20.07 17.72
CA ALA A 436 -34.74 19.32 16.48
C ALA A 436 -34.53 17.84 16.77
N PHE A 437 -33.73 17.51 17.79
CA PHE A 437 -33.48 16.10 18.09
C PHE A 437 -34.73 15.40 18.58
N ARG A 438 -35.52 16.06 19.43
CA ARG A 438 -36.82 15.48 19.80
C ARG A 438 -37.63 15.13 18.57
N ASP A 439 -37.66 16.04 17.58
CA ASP A 439 -38.38 15.78 16.34
C ASP A 439 -37.76 14.60 15.60
N MET A 440 -36.44 14.59 15.48
CA MET A 440 -35.76 13.46 14.86
C MET A 440 -36.08 12.16 15.59
N ARG A 441 -36.13 12.20 16.92
CA ARG A 441 -36.40 11.00 17.70
C ARG A 441 -37.81 10.47 17.44
N ALA A 442 -38.80 11.37 17.43
CA ALA A 442 -40.17 10.96 17.11
C ALA A 442 -40.28 10.42 15.69
N ALA A 443 -39.42 10.89 14.79
CA ALA A 443 -39.46 10.41 13.41
C ALA A 443 -38.99 8.95 13.33
N HIS A 444 -37.94 8.61 14.07
CA HIS A 444 -37.30 7.30 13.91
C HIS A 444 -37.89 6.23 14.82
N TRP A 445 -38.39 6.57 16.00
CA TRP A 445 -38.85 5.58 16.97
C TRP A 445 -40.22 5.90 17.53
N ASP A 446 -41.04 4.86 17.67
CA ASP A 446 -42.21 4.86 18.55
C ASP A 446 -41.78 4.16 19.85
N MET A 447 -41.52 4.94 20.90
CA MET A 447 -40.94 4.40 22.13
C MET A 447 -41.93 3.55 22.91
N GLU A 448 -43.22 3.89 22.87
CA GLU A 448 -44.22 3.06 23.53
C GLU A 448 -44.26 1.68 22.89
N ALA A 449 -44.21 1.62 21.56
CA ALA A 449 -44.22 0.34 20.86
C ALA A 449 -42.94 -0.44 21.14
N PHE A 450 -41.80 0.24 21.14
CA PHE A 450 -40.53 -0.38 21.48
C PHE A 450 -40.62 -1.05 22.84
N ASP A 451 -41.09 -0.31 23.85
CA ASP A 451 -41.22 -0.89 25.19
C ASP A 451 -42.14 -2.11 25.19
N ALA A 452 -43.26 -2.04 24.48
CA ALA A 452 -44.19 -3.17 24.49
C ALA A 452 -43.59 -4.39 23.81
N ALA A 453 -42.84 -4.19 22.73
CA ALA A 453 -42.21 -5.31 22.04
C ALA A 453 -41.14 -5.96 22.92
N VAL A 454 -40.37 -5.17 23.65
CA VAL A 454 -39.34 -5.72 24.54
C VAL A 454 -39.99 -6.53 25.66
N ARG A 455 -41.06 -6.00 26.25
CA ARG A 455 -41.77 -6.72 27.32
C ARG A 455 -42.34 -8.05 26.81
N GLU A 456 -42.92 -8.06 25.61
CA GLU A 456 -43.49 -9.31 25.11
C GLU A 456 -42.40 -10.33 24.82
N SER A 457 -41.24 -9.85 24.34
CA SER A 457 -40.13 -10.76 24.06
C SER A 457 -39.61 -11.38 25.34
N GLN A 458 -39.47 -10.59 26.41
CA GLN A 458 -39.04 -11.14 27.69
C GLN A 458 -40.05 -12.14 28.23
N ALA A 459 -41.34 -11.83 28.11
CA ALA A 459 -42.36 -12.69 28.71
C ALA A 459 -42.42 -14.05 28.02
N ARG A 460 -42.32 -14.08 26.69
CA ARG A 460 -42.23 -15.34 25.96
C ARG A 460 -41.12 -16.20 26.52
N ARG A 461 -39.92 -15.63 26.62
CA ARG A 461 -38.75 -16.42 26.96
C ARG A 461 -38.81 -16.91 28.41
N TRP A 462 -39.41 -16.14 29.31
CA TRP A 462 -39.50 -16.62 30.69
C TRP A 462 -40.37 -17.87 30.76
N VAL A 463 -41.43 -17.93 29.95
CA VAL A 463 -42.22 -19.16 29.86
C VAL A 463 -41.39 -20.28 29.26
N VAL A 464 -40.80 -20.03 28.10
CA VAL A 464 -40.14 -21.07 27.32
C VAL A 464 -38.90 -21.57 28.04
N TYR A 465 -38.09 -20.67 28.59
CA TYR A 465 -36.82 -21.09 29.19
C TYR A 465 -37.04 -21.93 30.44
N GLU A 466 -38.04 -21.57 31.25
CA GLU A 466 -38.34 -22.38 32.42
C GLU A 466 -38.68 -23.80 32.02
N ALA A 467 -39.39 -23.95 30.90
CA ALA A 467 -39.71 -25.29 30.39
C ALA A 467 -38.46 -26.00 29.91
N LEU A 468 -37.62 -25.31 29.13
CA LEU A 468 -36.45 -25.95 28.54
C LEU A 468 -35.43 -26.39 29.59
N ARG A 469 -35.46 -25.79 30.77
CA ARG A 469 -34.58 -26.19 31.85
C ARG A 469 -35.23 -27.21 32.78
N ASN A 470 -36.36 -27.78 32.41
CA ASN A 470 -36.90 -28.95 33.09
C ASN A 470 -36.57 -30.18 32.27
N GLY A 471 -36.26 -31.27 32.94
CA GLY A 471 -35.90 -32.51 32.28
C GLY A 471 -34.54 -32.40 31.60
N ALA A 472 -34.33 -33.30 30.63
CA ALA A 472 -33.07 -33.32 29.89
C ALA A 472 -32.91 -32.06 29.06
N TYR A 473 -31.72 -31.44 29.14
CA TYR A 473 -31.45 -30.23 28.39
C TYR A 473 -30.98 -30.56 26.99
N TYR A 474 -31.54 -29.88 25.99
CA TYR A 474 -31.05 -30.00 24.62
C TYR A 474 -30.22 -28.77 24.29
N PRO A 475 -28.90 -28.87 24.19
CA PRO A 475 -28.07 -27.70 23.97
C PRO A 475 -28.09 -27.26 22.51
N TRP A 476 -27.94 -25.95 22.32
CA TRP A 476 -27.88 -25.35 20.99
C TRP A 476 -26.47 -24.93 20.61
N ASP A 477 -25.47 -25.21 21.42
CA ASP A 477 -24.13 -24.72 21.15
C ASP A 477 -23.59 -25.32 19.86
N HIS A 478 -22.95 -24.49 19.04
CA HIS A 478 -22.37 -25.00 17.81
C HIS A 478 -21.27 -26.03 18.10
N GLN A 479 -21.33 -27.15 17.39
CA GLN A 479 -20.26 -28.15 17.42
C GLN A 479 -19.58 -28.20 16.05
N PRO A 480 -18.36 -27.69 15.92
CA PRO A 480 -17.69 -27.75 14.60
C PRO A 480 -17.57 -29.18 14.10
N LEU A 481 -17.58 -29.32 12.77
CA LEU A 481 -17.86 -30.59 12.11
C LEU A 481 -16.68 -31.57 12.18
N GLN A 482 -17.02 -32.84 12.29
CA GLN A 482 -16.05 -33.92 12.31
C GLN A 482 -15.78 -34.42 10.90
N LYS A 483 -14.50 -34.58 10.54
CA LYS A 483 -14.15 -34.98 9.19
C LYS A 483 -12.96 -35.94 9.13
N ALA A 484 -12.64 -36.64 10.23
CA ALA A 484 -11.37 -37.37 10.32
C ALA A 484 -11.25 -38.43 9.23
N SER A 485 -12.36 -39.08 8.89
CA SER A 485 -12.31 -40.12 7.88
C SER A 485 -12.03 -39.56 6.48
N GLU A 486 -12.10 -38.25 6.31
CA GLU A 486 -11.85 -37.60 5.02
C GLU A 486 -10.63 -36.68 5.04
N ARG A 487 -9.89 -36.63 6.14
CA ARG A 487 -8.73 -35.74 6.27
C ARG A 487 -7.44 -36.50 6.08
N TYR A 488 -6.40 -35.75 5.67
CA TYR A 488 -5.04 -36.31 5.56
C TYR A 488 -5.12 -37.51 4.61
N MET A 489 -4.36 -38.58 4.86
CA MET A 489 -4.17 -39.65 3.91
C MET A 489 -5.07 -40.82 4.26
N ARG A 490 -5.96 -41.18 3.33
CA ARG A 490 -6.90 -42.28 3.49
C ARG A 490 -6.89 -43.12 2.22
N ASN A 491 -7.15 -44.42 2.35
CA ASN A 491 -6.87 -45.34 1.27
C ASN A 491 -7.96 -45.45 0.23
N HIS A 492 -8.93 -44.53 0.23
CA HIS A 492 -9.76 -44.31 -0.95
C HIS A 492 -9.23 -43.16 -1.81
N MET A 493 -8.09 -42.58 -1.45
CA MET A 493 -7.48 -41.47 -2.18
C MET A 493 -6.28 -41.96 -2.98
N ASN A 494 -5.89 -41.16 -3.97
CA ASN A 494 -4.60 -41.31 -4.63
C ASN A 494 -3.52 -40.68 -3.76
N LEU A 495 -2.55 -41.49 -3.33
CA LEU A 495 -1.64 -41.06 -2.27
C LEU A 495 -0.72 -39.92 -2.73
N ASP A 496 -0.20 -39.99 -3.96
CA ASP A 496 0.68 -38.93 -4.45
C ASP A 496 -0.13 -37.73 -4.94
N THR A 497 -1.30 -37.97 -5.54
CA THR A 497 -2.20 -36.87 -5.86
C THR A 497 -2.50 -36.02 -4.64
N LEU A 498 -2.77 -36.67 -3.51
CA LEU A 498 -3.06 -35.96 -2.26
C LEU A 498 -1.97 -34.95 -1.94
N GLU A 499 -0.73 -35.42 -1.83
CA GLU A 499 0.36 -34.53 -1.41
C GLU A 499 0.44 -33.29 -2.29
N GLU A 500 0.28 -33.48 -3.61
CA GLU A 500 0.35 -32.34 -4.52
C GLU A 500 -0.81 -31.37 -4.28
N SER A 501 -2.03 -31.89 -4.10
CA SER A 501 -3.18 -31.01 -3.88
C SER A 501 -3.07 -30.25 -2.55
N LYS A 502 -2.43 -30.84 -1.54
CA LYS A 502 -2.32 -30.20 -0.23
C LYS A 502 -1.11 -29.28 -0.11
N ARG A 503 -0.23 -29.27 -1.11
CA ARG A 503 0.96 -28.42 -1.11
C ARG A 503 0.68 -27.09 -1.80
N TYR A 504 1.11 -25.99 -1.17
CA TYR A 504 0.96 -24.70 -1.85
C TYR A 504 1.90 -23.66 -1.27
N PRO A 505 2.59 -22.84 -2.09
CA PRO A 505 2.63 -22.87 -3.56
C PRO A 505 3.16 -24.19 -4.13
N ARG A 506 2.94 -24.42 -5.41
CA ARG A 506 3.31 -25.67 -6.07
C ARG A 506 4.48 -25.44 -7.03
N GLY A 507 5.28 -26.51 -7.19
CA GLY A 507 6.33 -26.52 -8.19
C GLY A 507 7.55 -25.66 -7.92
N GLU A 508 7.75 -25.23 -6.68
CA GLU A 508 8.84 -24.32 -6.35
C GLU A 508 9.88 -24.98 -5.44
N LYS B 1 27.46 -6.59 -34.81
CA LYS B 1 27.24 -5.66 -33.71
C LYS B 1 25.83 -5.04 -33.80
N PRO B 2 25.01 -5.23 -32.78
CA PRO B 2 23.63 -4.73 -32.85
C PRO B 2 23.55 -3.24 -32.56
N ASN B 3 22.56 -2.59 -33.17
CA ASN B 3 22.20 -1.25 -32.76
C ASN B 3 21.59 -1.32 -31.36
N ILE B 4 21.66 -0.20 -30.65
CA ILE B 4 21.14 -0.13 -29.29
C ILE B 4 20.30 1.14 -29.17
N LEU B 5 19.03 0.97 -28.84
CA LEU B 5 18.13 2.08 -28.55
C LEU B 5 17.86 2.06 -27.04
N ILE B 6 18.33 3.08 -26.35
CA ILE B 6 18.08 3.24 -24.92
C ILE B 6 16.95 4.25 -24.74
N ILE B 7 15.83 3.80 -24.20
CA ILE B 7 14.72 4.69 -23.87
C ILE B 7 14.72 4.91 -22.36
N MET B 8 14.97 6.15 -21.95
CA MET B 8 15.04 6.51 -20.55
C MET B 8 13.95 7.53 -20.24
N VAL B 9 13.34 7.39 -19.07
CA VAL B 9 12.36 8.33 -18.57
C VAL B 9 12.81 8.77 -17.20
N ASP B 10 12.23 9.86 -16.71
CA ASP B 10 12.70 10.49 -15.48
C ASP B 10 11.66 10.34 -14.39
N GLN B 11 12.08 9.83 -13.23
CA GLN B 11 11.26 9.81 -12.02
C GLN B 11 10.10 8.80 -12.13
N LEU B 12 10.37 7.62 -12.69
CA LEU B 12 9.36 6.58 -12.85
C LEU B 12 9.50 5.51 -11.76
N ASN B 13 8.52 5.48 -10.85
CA ASN B 13 8.38 4.51 -9.76
C ASN B 13 8.35 3.08 -10.29
N GLY B 14 9.39 2.31 -10.00
CA GLY B 14 9.51 0.96 -10.54
C GLY B 14 8.46 -0.02 -10.06
N LYS B 15 7.79 0.26 -8.94
CA LYS B 15 6.72 -0.62 -8.49
C LYS B 15 5.56 -0.63 -9.47
N LEU B 16 5.48 0.38 -10.34
CA LEU B 16 4.47 0.43 -11.39
C LEU B 16 4.80 -0.47 -12.58
N PHE B 17 5.98 -1.10 -12.57
CA PHE B 17 6.37 -2.04 -13.62
C PHE B 17 6.63 -3.41 -12.99
N PRO B 18 5.60 -4.03 -12.43
CA PRO B 18 5.81 -5.34 -11.77
C PRO B 18 6.17 -6.46 -12.74
N ASP B 19 5.79 -6.34 -14.00
CA ASP B 19 6.06 -7.36 -15.00
C ASP B 19 5.75 -6.70 -16.34
N GLY B 20 6.61 -5.77 -16.73
CA GLY B 20 6.19 -4.71 -17.60
C GLY B 20 5.25 -3.80 -16.85
N PRO B 21 4.62 -2.87 -17.57
CA PRO B 21 3.69 -1.95 -16.92
C PRO B 21 2.58 -2.69 -16.19
N ALA B 22 2.17 -2.13 -15.06
CA ALA B 22 1.03 -2.65 -14.34
C ALA B 22 -0.22 -2.66 -15.24
N ASP B 23 -1.11 -3.63 -14.96
CA ASP B 23 -2.31 -3.78 -15.78
C ASP B 23 -3.12 -2.49 -15.85
N PHE B 24 -3.25 -1.77 -14.73
CA PHE B 24 -4.12 -0.59 -14.69
C PHE B 24 -3.59 0.57 -15.52
N LEU B 25 -2.33 0.54 -15.97
CA LEU B 25 -1.79 1.59 -16.79
C LEU B 25 -2.19 1.39 -18.24
N HIS B 26 -2.52 2.49 -18.93
CA HIS B 26 -2.75 2.42 -20.36
C HIS B 26 -1.41 2.62 -21.04
N ALA B 27 -0.80 1.53 -21.46
CA ALA B 27 0.53 1.56 -22.01
C ALA B 27 0.72 0.38 -22.95
N PRO B 28 -0.08 0.30 -24.02
CA PRO B 28 0.01 -0.87 -24.91
C PRO B 28 1.37 -1.06 -25.55
N ASN B 29 2.07 0.03 -25.89
CA ASN B 29 3.37 -0.14 -26.55
C ASN B 29 4.43 -0.66 -25.58
N LEU B 30 4.42 -0.19 -24.34
CA LEU B 30 5.38 -0.68 -23.35
C LEU B 30 5.02 -2.08 -22.86
N LYS B 31 3.73 -2.42 -22.84
CA LYS B 31 3.35 -3.79 -22.53
C LYS B 31 3.78 -4.74 -23.63
N ALA B 32 3.69 -4.30 -24.90
CA ALA B 32 4.16 -5.15 -25.99
C ALA B 32 5.67 -5.26 -25.99
N LEU B 33 6.38 -4.17 -25.68
CA LEU B 33 7.83 -4.26 -25.55
C LEU B 33 8.20 -5.23 -24.44
N ALA B 34 7.50 -5.14 -23.31
CA ALA B 34 7.83 -5.96 -22.15
C ALA B 34 7.70 -7.44 -22.46
N LYS B 35 6.64 -7.82 -23.20
CA LYS B 35 6.37 -9.23 -23.48
C LYS B 35 7.54 -9.90 -24.20
N ARG B 36 8.33 -9.14 -24.96
CA ARG B 36 9.51 -9.71 -25.60
C ARG B 36 10.81 -9.27 -24.94
N SER B 37 10.74 -8.75 -23.71
CA SER B 37 11.92 -8.27 -23.00
C SER B 37 12.32 -9.23 -21.89
N ALA B 38 13.61 -9.21 -21.57
CA ALA B 38 14.04 -9.58 -20.23
C ALA B 38 13.67 -8.44 -19.30
N ARG B 39 12.86 -8.73 -18.28
CA ARG B 39 12.33 -7.73 -17.38
C ARG B 39 12.89 -7.95 -15.98
N PHE B 40 13.41 -6.89 -15.38
CA PHE B 40 14.09 -6.98 -14.08
C PHE B 40 13.18 -6.33 -13.05
N HIS B 41 12.40 -7.17 -12.37
CA HIS B 41 11.35 -6.72 -11.48
C HIS B 41 11.90 -5.86 -10.35
N ASN B 42 13.02 -6.28 -9.76
CA ASN B 42 13.56 -5.60 -8.59
C ASN B 42 14.80 -4.80 -8.94
N ASN B 43 14.69 -3.89 -9.90
CA ASN B 43 15.82 -3.08 -10.30
C ASN B 43 15.82 -1.75 -9.57
N TYR B 44 17.01 -1.26 -9.21
CA TYR B 44 17.16 -0.14 -8.32
C TYR B 44 18.04 0.92 -8.96
N THR B 45 17.72 2.18 -8.65
CA THR B 45 18.66 3.26 -8.92
C THR B 45 19.91 3.07 -8.08
N SER B 46 20.99 3.70 -8.50
CA SER B 46 22.16 3.75 -7.63
C SER B 46 22.18 4.97 -6.73
N SER B 47 21.31 5.96 -6.99
CA SER B 47 21.21 7.14 -6.12
C SER B 47 19.92 7.89 -6.43
N PRO B 48 19.03 8.11 -5.44
CA PRO B 48 17.68 8.60 -5.75
C PRO B 48 17.62 10.11 -5.94
N LEU B 49 18.30 10.58 -6.97
CA LEU B 49 18.32 12.00 -7.33
C LEU B 49 18.86 12.09 -8.75
N DDZ B 50 18.40 13.08 -9.52
CA DDZ B 50 18.64 13.09 -10.95
C DDZ B 50 20.08 12.99 -11.41
O DDZ B 50 20.52 12.04 -12.07
OG1 DDZ B 50 18.39 14.48 -12.99
OG2 DDZ B 50 16.63 14.24 -11.64
CB DDZ B 50 18.05 14.37 -11.63
HA DDZ B 50 18.07 12.20 -11.38
HB DDZ B 50 18.38 15.33 -11.14
HG1 DDZ B 50 17.94 15.25 -13.36
N ALA B 51 20.89 13.99 -11.08
CA ALA B 51 22.27 14.03 -11.59
C ALA B 51 23.13 12.89 -11.03
N PRO B 52 23.08 12.64 -9.72
CA PRO B 52 23.84 11.49 -9.19
C PRO B 52 23.44 10.19 -9.85
N ALA B 53 22.14 9.97 -10.06
CA ALA B 53 21.68 8.76 -10.72
C ALA B 53 22.21 8.67 -12.16
N ARG B 54 22.18 9.79 -12.88
CA ARG B 54 22.53 9.78 -14.29
C ARG B 54 24.04 9.68 -14.51
N ALA B 55 24.83 10.40 -13.72
CA ALA B 55 26.28 10.23 -13.85
C ALA B 55 26.69 8.80 -13.53
N SER B 56 26.08 8.23 -12.50
CA SER B 56 26.38 6.85 -12.13
C SER B 56 25.90 5.88 -13.20
N PHE B 57 24.69 6.12 -13.75
CA PHE B 57 24.17 5.34 -14.86
C PHE B 57 25.14 5.37 -16.04
N MET B 58 25.60 6.56 -16.44
CA MET B 58 26.45 6.67 -17.61
C MET B 58 27.80 5.98 -17.38
N ALA B 59 28.36 6.09 -16.18
CA ALA B 59 29.67 5.51 -15.89
C ALA B 59 29.61 4.06 -15.42
N GLY B 60 28.45 3.59 -14.96
CA GLY B 60 28.42 2.31 -14.26
C GLY B 60 29.17 2.34 -12.95
N GLN B 61 29.23 3.51 -12.30
CA GLN B 61 30.00 3.73 -11.09
C GLN B 61 29.12 4.42 -10.06
N LEU B 62 29.35 4.11 -8.79
CA LEU B 62 28.59 4.73 -7.72
C LEU B 62 28.96 6.20 -7.58
N PRO B 63 28.07 7.00 -6.98
CA PRO B 63 28.41 8.41 -6.71
C PRO B 63 29.70 8.60 -5.94
N SER B 64 29.99 7.72 -4.98
CA SER B 64 31.25 7.86 -4.24
C SER B 64 32.46 7.74 -5.17
N ARG B 65 32.30 7.09 -6.31
CA ARG B 65 33.39 7.01 -7.29
C ARG B 65 33.31 8.11 -8.36
N THR B 66 32.13 8.39 -8.92
CA THR B 66 32.03 9.48 -9.89
C THR B 66 32.29 10.84 -9.26
N ARG B 67 32.06 10.96 -7.96
CA ARG B 67 32.06 12.23 -7.23
C ARG B 67 30.85 13.10 -7.52
N VAL B 68 29.87 12.61 -8.29
CA VAL B 68 28.66 13.39 -8.55
C VAL B 68 27.70 13.07 -7.43
N TYR B 69 27.82 13.84 -6.34
CA TYR B 69 27.09 13.61 -5.10
C TYR B 69 25.68 14.17 -5.13
N ASP B 70 25.45 15.21 -5.92
CA ASP B 70 24.22 15.99 -5.83
C ASP B 70 23.98 16.61 -7.19
N ASN B 71 22.95 17.45 -7.28
CA ASN B 71 22.53 17.96 -8.57
C ASN B 71 23.37 19.14 -9.04
N ALA B 72 24.42 19.52 -8.32
CA ALA B 72 25.29 20.61 -8.73
C ALA B 72 26.75 20.20 -8.79
N ALA B 73 27.05 18.90 -8.74
CA ALA B 73 28.41 18.43 -8.63
C ALA B 73 28.98 18.15 -10.01
N GLU B 74 30.15 18.72 -10.27
CA GLU B 74 30.80 18.56 -11.56
C GLU B 74 31.07 17.10 -11.88
N TYR B 75 30.77 16.72 -13.10
CA TYR B 75 31.07 15.40 -13.65
C TYR B 75 32.32 15.55 -14.52
N GLN B 76 33.43 14.99 -14.06
CA GLN B 76 34.69 15.13 -14.78
C GLN B 76 34.60 14.50 -16.17
N SER B 77 35.15 15.20 -17.16
CA SER B 77 35.07 14.69 -18.53
C SER B 77 35.98 13.47 -18.73
N SER B 78 36.93 13.23 -17.83
CA SER B 78 37.85 12.11 -17.98
C SER B 78 37.28 10.78 -17.50
N ILE B 79 36.08 10.76 -16.93
CA ILE B 79 35.43 9.52 -16.48
C ILE B 79 34.80 8.79 -17.66
N PRO B 80 35.18 7.54 -17.95
CA PRO B 80 34.58 6.84 -19.08
C PRO B 80 33.11 6.49 -18.83
N THR B 81 32.29 6.65 -19.86
CA THR B 81 30.88 6.29 -19.82
C THR B 81 30.62 5.21 -20.86
N TYR B 82 29.38 4.70 -20.87
CA TYR B 82 29.05 3.72 -21.89
C TYR B 82 29.18 4.31 -23.28
N ALA B 83 29.05 5.63 -23.43
CA ALA B 83 29.27 6.24 -24.74
C ALA B 83 30.71 6.09 -25.18
N HIS B 84 31.66 6.40 -24.28
CA HIS B 84 33.06 6.14 -24.60
C HIS B 84 33.28 4.68 -24.96
N HIS B 85 32.80 3.76 -24.12
CA HIS B 85 33.05 2.35 -24.34
C HIS B 85 32.54 1.91 -25.71
N LEU B 86 31.30 2.26 -26.04
CA LEU B 86 30.74 1.89 -27.33
C LEU B 86 31.45 2.63 -28.46
N ARG B 87 31.69 3.92 -28.28
CA ARG B 87 32.33 4.72 -29.31
C ARG B 87 33.74 4.21 -29.60
N ARG B 88 34.42 3.69 -28.59
CA ARG B 88 35.74 3.13 -28.78
C ARG B 88 35.66 1.82 -29.55
N ALA B 89 34.58 1.06 -29.37
CA ALA B 89 34.34 -0.18 -30.11
C ALA B 89 33.69 0.03 -31.48
N GLY B 90 33.59 1.26 -31.97
CA GLY B 90 33.14 1.52 -33.32
C GLY B 90 31.71 2.00 -33.49
N TYR B 91 31.01 2.35 -32.41
CA TYR B 91 29.63 2.82 -32.49
C TYR B 91 29.56 4.32 -32.71
N TYR B 92 28.60 4.75 -33.53
CA TYR B 92 28.09 6.12 -33.47
C TYR B 92 27.16 6.21 -32.27
N THR B 93 27.38 7.21 -31.43
CA THR B 93 26.62 7.38 -30.19
C THR B 93 25.97 8.75 -30.18
N ALA B 94 24.72 8.81 -29.74
CA ALA B 94 24.02 10.09 -29.70
C ALA B 94 23.00 10.11 -28.59
N LEU B 95 22.75 11.30 -28.06
CA LEU B 95 21.75 11.53 -27.03
C LEU B 95 20.71 12.51 -27.55
N SER B 96 19.44 12.15 -27.39
CA SER B 96 18.34 13.10 -27.51
C SER B 96 17.70 13.23 -26.13
N GLY B 97 17.66 14.46 -25.61
CA GLY B 97 17.03 14.68 -24.33
C GLY B 97 17.96 14.92 -23.16
N LYS B 98 17.48 14.54 -21.97
CA LYS B 98 18.03 15.00 -20.70
C LYS B 98 19.09 14.03 -20.18
N MET B 99 20.14 14.58 -19.59
CA MET B 99 21.03 13.77 -18.77
C MET B 99 21.54 14.48 -17.53
N HIS B 100 21.25 15.76 -17.38
CA HIS B 100 21.54 16.51 -16.16
C HIS B 100 23.02 16.41 -15.80
N LEU B 101 23.87 16.58 -16.81
CA LEU B 101 25.30 16.62 -16.62
C LEU B 101 25.70 18.01 -16.14
N VAL B 102 26.50 18.08 -15.08
CA VAL B 102 26.89 19.35 -14.47
C VAL B 102 28.34 19.61 -14.83
N GLY B 103 28.59 20.82 -15.32
CA GLY B 103 29.92 21.19 -15.73
C GLY B 103 29.97 21.51 -17.20
N PRO B 104 31.13 21.96 -17.66
CA PRO B 104 31.26 22.40 -19.06
C PRO B 104 31.16 21.28 -20.08
N ASP B 105 31.42 20.03 -19.70
CA ASP B 105 31.27 18.92 -20.66
C ASP B 105 29.80 18.49 -20.68
N GLN B 106 29.13 18.71 -21.80
CA GLN B 106 27.73 18.31 -21.95
C GLN B 106 27.55 17.11 -22.86
N LEU B 107 28.64 16.44 -23.21
CA LEU B 107 28.58 15.22 -24.03
C LEU B 107 29.08 13.97 -23.30
N HIS B 108 30.20 14.04 -22.59
CA HIS B 108 30.73 12.90 -21.84
C HIS B 108 30.77 11.64 -22.69
N GLY B 109 31.35 11.77 -23.88
CA GLY B 109 31.56 10.65 -24.77
C GLY B 109 30.55 10.57 -25.90
N PHE B 110 29.34 11.08 -25.71
CA PHE B 110 28.36 11.11 -26.80
C PHE B 110 28.92 11.88 -27.99
N GLU B 111 28.90 11.25 -29.16
CA GLU B 111 29.42 11.91 -30.36
C GLU B 111 28.52 13.07 -30.78
N GLU B 112 27.22 12.97 -30.54
CA GLU B 112 26.30 14.03 -30.94
C GLU B 112 25.19 14.10 -29.92
N ARG B 113 24.78 15.32 -29.57
CA ARG B 113 23.64 15.56 -28.71
C ARG B 113 22.63 16.43 -29.44
N LEU B 114 21.40 15.94 -29.55
CA LEU B 114 20.41 16.56 -30.42
C LEU B 114 19.61 17.67 -29.75
N THR B 115 19.58 17.71 -28.42
CA THR B 115 18.87 18.75 -27.69
C THR B 115 19.79 19.29 -26.60
N THR B 116 19.44 20.48 -26.12
CA THR B 116 20.00 20.97 -24.89
C THR B 116 19.37 20.21 -23.71
N ASP B 117 19.86 20.47 -22.52
CA ASP B 117 19.20 19.88 -21.36
C ASP B 117 18.03 20.74 -20.93
N ILE B 118 17.05 20.10 -20.29
CA ILE B 118 15.95 20.84 -19.71
C ILE B 118 16.41 21.57 -18.45
N TYR B 119 17.42 21.04 -17.77
CA TYR B 119 17.87 21.53 -16.48
C TYR B 119 19.23 22.22 -16.55
N PRO B 120 19.63 22.91 -15.47
CA PRO B 120 20.87 23.70 -15.51
C PRO B 120 22.12 22.84 -15.50
N ALA B 121 23.20 23.41 -16.03
CA ALA B 121 24.50 22.75 -16.13
C ALA B 121 25.54 23.34 -15.17
N ASP B 122 25.14 24.24 -14.26
CA ASP B 122 26.07 24.92 -13.38
C ASP B 122 25.94 24.42 -11.93
N PHE B 123 26.65 25.09 -11.01
CA PHE B 123 26.76 24.65 -9.62
C PHE B 123 25.68 25.25 -8.72
N GLY B 124 24.55 25.69 -9.28
CA GLY B 124 23.55 26.38 -8.49
C GLY B 124 22.96 25.57 -7.35
N TRP B 125 22.65 24.29 -7.61
CA TRP B 125 21.90 23.46 -6.66
C TRP B 125 22.79 22.72 -5.65
N THR B 126 23.80 23.40 -5.07
CA THR B 126 24.77 22.75 -4.20
C THR B 126 24.28 22.73 -2.76
N PRO B 127 24.20 21.56 -2.10
CA PRO B 127 23.91 21.52 -0.66
C PRO B 127 25.16 21.85 0.16
N ASP B 128 24.95 21.98 1.47
CA ASP B 128 26.04 22.38 2.36
C ASP B 128 25.88 21.67 3.71
N TYR B 129 26.75 20.68 3.96
CA TYR B 129 26.70 19.94 5.21
C TYR B 129 27.06 20.78 6.43
N ARG B 130 27.59 21.98 6.23
CA ARG B 130 27.89 22.86 7.35
C ARG B 130 26.66 23.61 7.85
N LYS B 131 25.55 23.58 7.10
CA LYS B 131 24.28 24.17 7.53
C LYS B 131 23.20 23.09 7.56
N PRO B 132 23.36 22.07 8.40
CA PRO B 132 22.33 21.01 8.45
C PRO B 132 21.00 21.58 8.92
N GLY B 133 19.97 21.41 8.10
CA GLY B 133 18.63 21.83 8.43
C GLY B 133 18.08 22.99 7.63
N GLU B 134 18.89 23.67 6.81
CA GLU B 134 18.35 24.73 5.97
C GLU B 134 17.71 24.13 4.71
N ARG B 135 16.92 24.96 4.05
CA ARG B 135 16.34 24.64 2.76
C ARG B 135 16.44 25.85 1.85
N ILE B 136 16.49 25.62 0.54
CA ILE B 136 16.66 26.69 -0.44
C ILE B 136 15.44 26.63 -1.37
N ASP B 137 14.56 27.61 -1.23
CA ASP B 137 13.22 27.49 -1.81
C ASP B 137 13.21 27.62 -3.32
N TRP B 138 14.19 28.31 -3.91
CA TRP B 138 14.12 28.56 -5.35
C TRP B 138 14.55 27.35 -6.19
N TRP B 139 15.08 26.28 -5.58
CA TRP B 139 15.27 25.03 -6.33
C TRP B 139 14.92 23.75 -5.57
N TYR B 140 14.72 23.79 -4.25
CA TYR B 140 14.25 22.60 -3.56
C TYR B 140 12.89 22.18 -4.09
N HIS B 141 12.71 20.87 -4.25
CA HIS B 141 11.39 20.29 -4.34
C HIS B 141 10.46 20.92 -3.32
N ASN B 142 9.20 21.11 -3.72
CA ASN B 142 8.17 21.50 -2.78
C ASN B 142 6.85 20.93 -3.26
N LEU B 143 5.90 20.87 -2.35
CA LEU B 143 4.64 20.21 -2.62
C LEU B 143 3.69 21.03 -3.49
N GLY B 144 4.16 22.14 -4.06
CA GLY B 144 3.34 22.89 -5.00
C GLY B 144 2.96 22.09 -6.22
N SER B 145 3.84 21.16 -6.64
CA SER B 145 3.48 20.26 -7.72
C SER B 145 2.27 19.40 -7.34
N VAL B 146 2.15 19.05 -6.07
CA VAL B 146 1.03 18.21 -5.64
C VAL B 146 -0.27 19.02 -5.60
N THR B 147 -0.21 20.23 -5.04
CA THR B 147 -1.42 21.06 -4.99
C THR B 147 -1.76 21.70 -6.33
N GLY B 148 -0.84 21.69 -7.29
CA GLY B 148 -1.06 22.29 -8.59
C GLY B 148 -1.27 21.31 -9.71
N ALA B 149 -1.46 20.02 -9.42
CA ALA B 149 -1.60 19.00 -10.45
C ALA B 149 -2.85 19.25 -11.28
N GLY B 150 -2.83 18.79 -12.53
CA GLY B 150 -4.02 18.97 -13.35
C GLY B 150 -3.75 18.73 -14.83
N VAL B 151 -4.46 19.49 -15.65
CA VAL B 151 -4.55 19.26 -17.08
C VAL B 151 -4.11 20.51 -17.81
N ALA B 152 -3.29 20.33 -18.84
CA ALA B 152 -2.89 21.43 -19.71
C ALA B 152 -2.39 20.84 -21.03
N GLU B 153 -2.54 21.61 -22.12
CA GLU B 153 -2.18 21.05 -23.42
C GLU B 153 -0.74 21.31 -23.81
N ILE B 154 -0.06 22.22 -23.12
CA ILE B 154 1.38 22.36 -23.25
C ILE B 154 1.95 22.71 -21.89
N THR B 155 3.16 22.24 -21.64
CA THR B 155 3.95 22.56 -20.46
C THR B 155 5.38 22.67 -20.90
N ASN B 156 6.22 23.20 -20.02
CA ASN B 156 7.67 23.17 -20.25
C ASN B 156 8.12 21.75 -20.59
N GLN B 157 7.67 20.75 -19.82
CA GLN B 157 8.19 19.40 -20.02
C GLN B 157 7.62 18.76 -21.28
N MET B 158 6.36 19.02 -21.63
CA MET B 158 5.82 18.48 -22.86
C MET B 158 6.43 19.13 -24.10
N GLU B 159 6.75 20.43 -24.02
CA GLU B 159 7.50 21.05 -25.11
C GLU B 159 8.82 20.33 -25.29
N TYR B 160 9.52 20.10 -24.19
CA TYR B 160 10.81 19.43 -24.25
C TYR B 160 10.69 18.02 -24.81
N ASP B 161 9.80 17.20 -24.23
CA ASP B 161 9.71 15.80 -24.64
C ASP B 161 9.17 15.66 -26.07
N ASP B 162 8.22 16.51 -26.46
CA ASP B 162 7.79 16.50 -27.85
C ASP B 162 8.98 16.65 -28.78
N GLU B 163 9.90 17.56 -28.45
CA GLU B 163 11.07 17.79 -29.28
C GLU B 163 12.06 16.64 -29.19
N VAL B 164 12.30 16.13 -27.97
CA VAL B 164 13.14 14.94 -27.80
C VAL B 164 12.66 13.83 -28.72
N ALA B 165 11.35 13.56 -28.70
CA ALA B 165 10.79 12.48 -29.49
C ALA B 165 10.96 12.74 -30.98
N PHE B 166 10.63 13.94 -31.43
CA PHE B 166 10.75 14.25 -32.85
C PHE B 166 12.18 14.06 -33.34
N LEU B 167 13.15 14.65 -32.63
CA LEU B 167 14.52 14.54 -33.10
C LEU B 167 15.05 13.11 -33.00
N ALA B 168 14.61 12.34 -32.01
CA ALA B 168 15.02 10.93 -31.95
C ALA B 168 14.50 10.15 -33.15
N ASN B 169 13.23 10.34 -33.49
CA ASN B 169 12.69 9.67 -34.67
C ASN B 169 13.34 10.17 -35.95
N GLN B 170 13.59 11.48 -36.04
CA GLN B 170 14.33 12.01 -37.19
C GLN B 170 15.71 11.36 -37.29
N LYS B 171 16.42 11.22 -36.17
CA LYS B 171 17.75 10.61 -36.22
C LYS B 171 17.66 9.16 -36.68
N LEU B 172 16.67 8.40 -36.20
CA LEU B 172 16.53 7.02 -36.64
C LEU B 172 16.33 6.95 -38.15
N TYR B 173 15.51 7.84 -38.70
CA TYR B 173 15.36 7.90 -40.16
C TYR B 173 16.70 8.18 -40.83
N GLN B 174 17.44 9.18 -40.33
CA GLN B 174 18.75 9.47 -40.92
C GLN B 174 19.67 8.25 -40.83
N LEU B 175 19.70 7.58 -39.68
CA LEU B 175 20.55 6.40 -39.52
C LEU B 175 20.16 5.29 -40.48
N SER B 176 18.88 5.21 -40.87
CA SER B 176 18.47 4.18 -41.80
C SER B 176 19.03 4.39 -43.22
N ARG B 177 19.47 5.60 -43.56
CA ARG B 177 19.98 5.85 -44.90
C ARG B 177 21.39 5.28 -45.10
N GLU B 178 22.14 5.09 -44.01
CA GLU B 178 23.41 4.36 -44.05
C GLU B 178 23.21 2.84 -43.95
N ASN B 179 21.96 2.35 -43.92
CA ASN B 179 21.70 0.95 -43.64
C ASN B 179 22.05 0.02 -44.78
N ASP B 180 22.44 0.56 -45.95
CA ASP B 180 22.82 -0.26 -47.09
C ASP B 180 24.33 -0.41 -47.25
N ASP B 181 25.12 0.52 -46.71
CA ASP B 181 26.57 0.42 -46.74
C ASP B 181 27.04 -0.47 -45.60
N GLU B 182 27.63 -1.61 -45.94
CA GLU B 182 28.25 -2.46 -44.93
C GLU B 182 29.30 -1.71 -44.11
N SER B 183 29.82 -0.60 -44.64
CA SER B 183 30.84 0.21 -43.98
C SER B 183 30.28 1.09 -42.87
N ARG B 184 28.97 1.07 -42.63
CA ARG B 184 28.36 1.97 -41.65
C ARG B 184 28.55 1.46 -40.23
N ARG B 185 28.82 2.39 -39.32
CA ARG B 185 28.96 2.03 -37.92
C ARG B 185 27.62 1.57 -37.34
N PRO B 186 27.63 0.61 -36.42
CA PRO B 186 26.43 0.39 -35.61
C PRO B 186 26.18 1.65 -34.79
N TRP B 187 24.94 1.84 -34.37
CA TRP B 187 24.59 3.07 -33.68
C TRP B 187 23.99 2.75 -32.32
N CYS B 188 24.19 3.68 -31.39
CA CYS B 188 23.56 3.64 -30.08
C CYS B 188 22.92 5.00 -29.85
N LEU B 189 21.60 5.02 -29.71
CA LEU B 189 20.85 6.25 -29.53
C LEU B 189 20.16 6.21 -28.18
N THR B 190 20.42 7.22 -27.37
CA THR B 190 19.78 7.34 -26.07
C THR B 190 18.72 8.41 -26.16
N VAL B 191 17.48 8.03 -25.85
CA VAL B 191 16.32 8.90 -25.92
C VAL B 191 15.83 9.08 -24.50
N SER B 192 15.99 10.28 -23.95
CA SER B 192 15.89 10.49 -22.51
C SER B 192 14.83 11.56 -22.24
N PHE B 193 13.67 11.13 -21.76
CA PHE B 193 12.53 12.00 -21.56
C PHE B 193 12.48 12.52 -20.14
N THR B 194 11.89 13.70 -19.99
CA THR B 194 11.75 14.32 -18.67
C THR B 194 10.50 13.86 -17.92
N HIS B 195 9.44 13.46 -18.61
CA HIS B 195 8.31 12.86 -17.91
C HIS B 195 8.69 11.49 -17.36
N PRO B 196 7.98 10.98 -16.34
CA PRO B 196 6.81 11.55 -15.64
C PRO B 196 7.12 12.42 -14.42
N HIS B 197 8.37 12.90 -14.35
CA HIS B 197 8.77 13.95 -13.40
C HIS B 197 7.70 15.03 -13.33
N ASP B 198 7.51 15.57 -12.11
CA ASP B 198 6.59 16.68 -11.90
C ASP B 198 7.10 17.95 -12.58
N PRO B 199 6.22 18.93 -12.84
CA PRO B 199 4.79 19.09 -12.57
C PRO B 199 3.92 17.94 -13.03
N TYR B 200 2.96 17.59 -12.17
CA TYR B 200 2.01 16.53 -12.47
C TYR B 200 0.87 17.14 -13.30
N VAL B 201 1.19 17.46 -14.54
CA VAL B 201 0.27 18.14 -15.47
C VAL B 201 0.28 17.38 -16.79
N ALA B 202 -0.90 16.99 -17.26
CA ALA B 202 -1.02 16.12 -18.42
C ALA B 202 -2.00 16.69 -19.45
N ARG B 203 -1.80 16.29 -20.71
CA ARG B 203 -2.79 16.55 -21.76
C ARG B 203 -4.09 15.82 -21.44
N ARG B 204 -5.21 16.47 -21.80
CA ARG B 204 -6.52 15.95 -21.40
C ARG B 204 -6.79 14.58 -21.99
N LYS B 205 -6.28 14.33 -23.20
CA LYS B 205 -6.40 13.00 -23.83
C LYS B 205 -5.90 11.89 -22.91
N PHE B 206 -4.74 12.08 -22.29
CA PHE B 206 -4.20 11.05 -21.41
C PHE B 206 -4.82 11.10 -20.03
N TRP B 207 -5.16 12.31 -19.56
CA TRP B 207 -5.89 12.45 -18.30
C TRP B 207 -7.19 11.67 -18.34
N ASP B 208 -7.89 11.74 -19.48
CA ASP B 208 -9.19 11.08 -19.59
C ASP B 208 -9.08 9.55 -19.49
N LEU B 209 -7.91 8.98 -19.77
CA LEU B 209 -7.75 7.53 -19.70
C LEU B 209 -7.90 7.00 -18.27
N TYR B 210 -7.83 7.86 -17.25
CA TYR B 210 -7.76 7.40 -15.86
C TYR B 210 -8.94 7.89 -15.03
N GLU B 211 -10.07 8.21 -15.66
CA GLU B 211 -11.25 8.61 -14.90
C GLU B 211 -11.67 7.53 -13.92
N ASP B 212 -11.64 6.27 -14.33
CA ASP B 212 -12.09 5.15 -13.51
C ASP B 212 -10.96 4.48 -12.72
N CYS B 213 -9.86 5.18 -12.47
CA CYS B 213 -8.66 4.52 -11.94
C CYS B 213 -8.80 4.18 -10.45
N GLU B 214 -8.38 2.96 -10.11
CA GLU B 214 -8.45 2.43 -8.75
C GLU B 214 -7.17 2.64 -7.96
N HIS B 215 -6.23 3.43 -8.48
CA HIS B 215 -4.90 3.54 -7.89
C HIS B 215 -4.50 4.99 -7.68
N LEU B 216 -5.48 5.88 -7.53
CA LEU B 216 -5.20 7.29 -7.40
C LEU B 216 -4.82 7.70 -5.99
N THR B 217 -4.80 6.75 -5.05
CA THR B 217 -4.27 6.98 -3.72
C THR B 217 -3.21 5.92 -3.42
N PRO B 218 -2.22 6.27 -2.61
CA PRO B 218 -1.14 5.32 -2.33
C PRO B 218 -1.60 4.21 -1.40
N GLU B 219 -0.77 3.16 -1.30
CA GLU B 219 -1.08 2.02 -0.44
C GLU B 219 -0.79 2.29 1.01
N VAL B 220 0.07 3.27 1.30
CA VAL B 220 0.35 3.71 2.66
C VAL B 220 0.07 5.20 2.70
N GLY B 221 -0.72 5.63 3.68
CA GLY B 221 -1.10 7.01 3.80
C GLY B 221 -0.02 7.84 4.46
N ALA B 222 -0.35 9.12 4.64
CA ALA B 222 0.60 10.06 5.21
C ALA B 222 0.92 9.68 6.65
N ILE B 223 2.20 9.60 6.97
CA ILE B 223 2.66 9.30 8.32
C ILE B 223 3.03 10.61 9.00
N PRO B 224 2.46 10.93 10.16
CA PRO B 224 2.79 12.20 10.82
C PRO B 224 4.28 12.34 11.06
N LEU B 225 4.74 13.60 11.08
CA LEU B 225 6.16 13.89 11.22
C LEU B 225 6.77 13.16 12.41
N ASP B 226 6.07 13.17 13.56
CA ASP B 226 6.65 12.58 14.78
C ASP B 226 6.83 11.07 14.66
N GLU B 227 6.08 10.41 13.78
CA GLU B 227 6.17 8.97 13.60
C GLU B 227 7.07 8.57 12.44
N GLN B 228 7.67 9.55 11.76
CA GLN B 228 8.56 9.28 10.65
C GLN B 228 9.98 8.99 11.15
N ASP B 229 10.70 8.19 10.38
CA ASP B 229 12.11 8.00 10.59
C ASP B 229 12.86 9.31 10.33
N PRO B 230 14.06 9.46 10.90
CA PRO B 230 14.75 10.77 10.82
C PRO B 230 14.97 11.28 9.40
N HIS B 231 15.35 10.42 8.45
CA HIS B 231 15.60 10.90 7.10
C HIS B 231 14.31 11.40 6.45
N SER B 232 13.21 10.65 6.62
CA SER B 232 11.91 11.09 6.13
C SER B 232 11.52 12.43 6.75
N GLN B 233 11.85 12.63 8.02
CA GLN B 233 11.60 13.93 8.65
C GLN B 233 12.41 15.03 7.96
N ARG B 234 13.70 14.76 7.66
CA ARG B 234 14.50 15.75 6.94
C ARG B 234 13.91 16.06 5.57
N ILE B 235 13.41 15.05 4.86
CA ILE B 235 12.80 15.28 3.56
C ILE B 235 11.56 16.15 3.71
N MET B 236 10.74 15.86 4.72
CA MET B 236 9.47 16.56 4.86
C MET B 236 9.68 18.05 5.09
N LEU B 237 10.69 18.41 5.87
CA LEU B 237 11.00 19.83 5.98
C LEU B 237 11.52 20.38 4.66
N SER B 238 12.48 19.66 4.05
CA SER B 238 13.02 20.02 2.73
C SER B 238 11.97 20.54 1.78
N CYS B 239 10.87 19.83 1.64
CA CYS B 239 9.83 20.27 0.75
C CYS B 239 8.88 21.23 1.43
N ASP B 240 9.26 21.79 2.58
CA ASP B 240 8.41 22.73 3.29
C ASP B 240 7.01 22.15 3.50
N TYR B 241 6.94 20.89 3.90
N TYR B 241 6.93 20.86 3.89
CA TYR B 241 5.64 20.22 3.95
CA TYR B 241 5.63 20.18 3.95
C TYR B 241 4.63 21.00 4.79
C TYR B 241 4.63 20.95 4.80
N GLN B 242 5.10 21.64 5.85
CA GLN B 242 4.20 22.33 6.76
C GLN B 242 3.54 23.56 6.13
N ASN B 243 4.04 24.05 4.99
CA ASN B 243 3.44 25.19 4.31
C ASN B 243 2.52 24.79 3.15
N PHE B 244 2.09 23.53 3.09
CA PHE B 244 1.14 23.11 2.08
C PHE B 244 0.03 22.28 2.73
N ASP B 245 -1.19 22.45 2.26
CA ASP B 245 -2.33 21.67 2.70
C ASP B 245 -2.65 20.70 1.57
N VAL B 246 -2.06 19.52 1.65
CA VAL B 246 -2.25 18.49 0.62
C VAL B 246 -3.51 17.73 0.97
N THR B 247 -4.57 17.97 0.20
CA THR B 247 -5.84 17.28 0.35
C THR B 247 -5.79 15.95 -0.40
N GLU B 248 -6.74 15.07 -0.09
CA GLU B 248 -6.85 13.82 -0.84
C GLU B 248 -7.11 14.08 -2.32
N GLU B 249 -7.89 15.10 -2.64
CA GLU B 249 -8.09 15.46 -4.04
C GLU B 249 -6.75 15.80 -4.71
N ASN B 250 -5.88 16.54 -4.00
CA ASN B 250 -4.55 16.82 -4.53
C ASN B 250 -3.77 15.54 -4.82
N VAL B 251 -3.80 14.59 -3.88
CA VAL B 251 -3.15 13.30 -4.09
C VAL B 251 -3.69 12.62 -5.34
N ARG B 252 -5.01 12.56 -5.46
CA ARG B 252 -5.63 11.88 -6.60
C ARG B 252 -5.29 12.56 -7.91
N ARG B 253 -5.34 13.89 -7.94
CA ARG B 253 -5.03 14.59 -9.18
C ARG B 253 -3.57 14.42 -9.56
N SER B 254 -2.68 14.40 -8.57
CA SER B 254 -1.26 14.22 -8.85
C SER B 254 -0.98 12.85 -9.44
N ARG B 255 -1.51 11.80 -8.81
CA ARG B 255 -1.29 10.47 -9.33
C ARG B 255 -1.98 10.28 -10.68
N ARG B 256 -3.15 10.90 -10.87
CA ARG B 256 -3.83 10.74 -12.15
C ARG B 256 -3.02 11.36 -13.30
N ALA B 257 -2.51 12.57 -13.10
CA ALA B 257 -1.69 13.21 -14.12
C ALA B 257 -0.39 12.44 -14.35
N TYR B 258 0.20 11.91 -13.28
CA TYR B 258 1.42 11.12 -13.43
C TYR B 258 1.17 9.89 -14.30
N PHE B 259 0.11 9.14 -14.01
CA PHE B 259 -0.24 7.98 -14.84
C PHE B 259 -0.55 8.43 -16.26
N ALA B 260 -1.23 9.56 -16.40
CA ALA B 260 -1.51 10.10 -17.73
C ALA B 260 -0.21 10.36 -18.47
N ASN B 261 0.82 10.82 -17.75
CA ASN B 261 2.06 11.14 -18.42
C ASN B 261 2.86 9.87 -18.75
N ILE B 262 2.67 8.79 -18.01
CA ILE B 262 3.16 7.49 -18.47
C ILE B 262 2.52 7.14 -19.81
N SER B 263 1.21 7.33 -19.93
CA SER B 263 0.53 7.04 -21.18
C SER B 263 1.02 7.94 -22.31
N TYR B 264 1.24 9.23 -22.00
CA TYR B 264 1.86 10.15 -22.94
C TYR B 264 3.19 9.60 -23.44
N LEU B 265 4.01 9.07 -22.52
CA LEU B 265 5.29 8.48 -22.91
C LEU B 265 5.09 7.22 -23.73
N ASP B 266 4.06 6.45 -23.42
CA ASP B 266 3.85 5.19 -24.13
C ASP B 266 3.60 5.43 -25.61
N GLU B 267 2.89 6.51 -25.92
CA GLU B 267 2.68 6.87 -27.32
C GLU B 267 4.01 7.15 -28.01
N LYS B 268 4.94 7.78 -27.29
CA LYS B 268 6.24 8.06 -27.89
C LYS B 268 7.08 6.80 -28.06
N VAL B 269 6.97 5.86 -27.11
CA VAL B 269 7.60 4.56 -27.31
C VAL B 269 7.07 3.90 -28.57
N GLY B 270 5.75 3.92 -28.75
CA GLY B 270 5.16 3.37 -29.96
C GLY B 270 5.68 4.02 -31.23
N GLU B 271 5.87 5.35 -31.20
CA GLU B 271 6.42 6.05 -32.36
C GLU B 271 7.82 5.53 -32.70
N LEU B 272 8.68 5.41 -31.69
CA LEU B 272 10.04 4.93 -31.92
C LEU B 272 10.05 3.51 -32.48
N ILE B 273 9.22 2.62 -31.93
CA ILE B 273 9.15 1.26 -32.45
C ILE B 273 8.67 1.28 -33.90
N ASP B 274 7.68 2.11 -34.20
CA ASP B 274 7.18 2.20 -35.57
C ASP B 274 8.30 2.63 -36.53
N THR B 275 9.07 3.65 -36.16
CA THR B 275 10.19 4.05 -37.00
C THR B 275 11.18 2.91 -37.22
N LEU B 276 11.52 2.18 -36.14
CA LEU B 276 12.43 1.04 -36.29
C LEU B 276 11.83 0.01 -37.23
N THR B 277 10.53 -0.19 -37.13
CA THR B 277 9.87 -1.23 -37.93
C THR B 277 9.85 -0.85 -39.40
N ARG B 278 9.45 0.37 -39.70
CA ARG B 278 9.30 0.78 -41.09
C ARG B 278 10.65 0.96 -41.78
N THR B 279 11.70 1.32 -41.04
CA THR B 279 13.05 1.37 -41.63
C THR B 279 13.73 0.01 -41.66
N ARG B 280 13.10 -1.03 -41.13
CA ARG B 280 13.68 -2.39 -41.11
C ARG B 280 14.95 -2.47 -40.28
N MET B 281 15.04 -1.67 -39.22
CA MET B 281 16.14 -1.77 -38.27
C MET B 281 15.75 -2.50 -36.98
N LEU B 282 14.47 -2.83 -36.82
CA LEU B 282 13.96 -3.36 -35.55
C LEU B 282 14.67 -4.65 -35.16
N ASP B 283 14.78 -5.60 -36.10
CA ASP B 283 15.31 -6.93 -35.80
C ASP B 283 16.78 -6.91 -35.41
N ASP B 284 17.52 -5.86 -35.76
CA ASP B 284 18.93 -5.74 -35.43
C ASP B 284 19.19 -4.77 -34.29
N THR B 285 18.16 -4.42 -33.53
CA THR B 285 18.22 -3.35 -32.54
C THR B 285 17.86 -3.87 -31.17
N LEU B 286 18.79 -3.73 -30.23
CA LEU B 286 18.48 -3.89 -28.82
C LEU B 286 17.75 -2.66 -28.30
N ILE B 287 16.71 -2.89 -27.51
CA ILE B 287 15.93 -1.82 -26.90
C ILE B 287 15.97 -1.99 -25.39
N LEU B 288 16.48 -0.98 -24.69
CA LEU B 288 16.47 -0.92 -23.24
C LEU B 288 15.51 0.16 -22.78
N PHE B 289 14.76 -0.14 -21.73
CA PHE B 289 13.88 0.83 -21.09
C PHE B 289 14.33 0.98 -19.64
N CYS B 290 14.52 2.23 -19.20
CA CYS B 290 15.10 2.49 -17.90
C CYS B 290 14.66 3.84 -17.37
N SER B 291 15.00 4.10 -16.11
CA SER B 291 14.71 5.37 -15.46
C SER B 291 15.80 5.66 -14.43
N ASP B 292 15.93 6.94 -14.06
CA ASP B 292 17.02 7.34 -13.18
C ASP B 292 16.69 7.09 -11.70
N HIS B 293 15.45 7.31 -11.29
CA HIS B 293 14.96 7.09 -9.94
C HIS B 293 13.44 7.12 -9.99
N GLY B 294 12.82 6.83 -8.85
CA GLY B 294 11.38 6.74 -8.77
C GLY B 294 10.71 7.98 -8.20
N ASP B 295 9.49 7.79 -7.71
CA ASP B 295 8.68 8.85 -7.13
C ASP B 295 7.77 8.20 -6.10
N MET B 296 7.79 8.69 -4.87
CA MET B 296 6.98 8.07 -3.82
C MET B 296 5.48 8.26 -4.06
N LEU B 297 5.10 9.29 -4.80
CA LEU B 297 3.70 9.47 -5.24
C LEU B 297 2.72 9.51 -4.06
N GLY B 298 3.14 10.15 -2.96
CA GLY B 298 2.32 10.30 -1.78
C GLY B 298 2.37 9.14 -0.80
N GLU B 299 2.96 8.00 -1.16
CA GLU B 299 3.09 6.90 -0.22
C GLU B 299 3.90 7.34 1.00
N ARG B 300 3.40 6.97 2.19
CA ARG B 300 3.95 7.35 3.49
C ARG B 300 3.80 8.84 3.76
N GLY B 301 3.11 9.57 2.87
CA GLY B 301 3.08 11.01 2.92
C GLY B 301 4.20 11.68 2.16
N LEU B 302 5.08 10.91 1.54
CA LEU B 302 6.23 11.45 0.83
C LEU B 302 5.94 11.56 -0.67
N TRP B 303 6.54 12.57 -1.28
CA TRP B 303 6.54 12.79 -2.72
C TRP B 303 7.96 12.82 -3.24
N PHE B 304 8.13 12.47 -4.51
CA PHE B 304 9.42 12.59 -5.18
C PHE B 304 10.42 11.53 -4.69
N LYS B 305 11.68 11.90 -4.51
CA LYS B 305 12.71 10.88 -4.32
C LYS B 305 13.59 11.20 -3.11
N MET B 306 14.91 11.09 -3.24
CA MET B 306 15.85 11.43 -2.18
C MET B 306 15.86 10.41 -1.03
N ASN B 307 15.29 9.22 -1.22
CA ASN B 307 15.29 8.20 -0.17
C ASN B 307 15.36 6.81 -0.80
N PHE B 308 15.45 5.80 0.06
CA PHE B 308 15.67 4.43 -0.37
C PHE B 308 14.41 3.56 -0.25
N PHE B 309 13.28 4.13 0.18
CA PHE B 309 12.04 3.37 0.12
C PHE B 309 11.74 2.94 -1.32
N GLU B 310 10.95 1.87 -1.44
CA GLU B 310 10.71 1.24 -2.73
C GLU B 310 10.29 2.24 -3.81
N GLY B 311 9.33 3.12 -3.49
CA GLY B 311 8.75 3.97 -4.54
C GLY B 311 9.75 4.94 -5.13
N SER B 312 10.74 5.34 -4.33
CA SER B 312 11.80 6.25 -4.76
C SER B 312 12.98 5.51 -5.37
N ALA B 313 13.33 4.32 -4.86
CA ALA B 313 14.56 3.66 -5.27
C ALA B 313 14.36 2.63 -6.37
N ARG B 314 13.17 2.03 -6.46
CA ARG B 314 12.88 1.12 -7.56
C ARG B 314 12.66 1.89 -8.86
N VAL B 315 13.29 1.42 -9.94
CA VAL B 315 13.02 1.92 -11.29
C VAL B 315 12.97 0.75 -12.25
N PRO B 316 12.14 0.86 -13.30
CA PRO B 316 12.03 -0.24 -14.26
C PRO B 316 13.32 -0.45 -15.03
N LEU B 317 13.50 -1.69 -15.50
CA LEU B 317 14.58 -2.02 -16.41
C LEU B 317 14.13 -3.20 -17.26
N MET B 318 14.13 -3.00 -18.57
CA MET B 318 13.77 -4.04 -19.53
C MET B 318 14.76 -4.00 -20.68
N ILE B 319 14.99 -5.16 -21.28
CA ILE B 319 15.90 -5.28 -22.42
C ILE B 319 15.28 -6.24 -23.41
N ALA B 320 15.22 -5.84 -24.67
CA ALA B 320 14.65 -6.68 -25.72
C ALA B 320 15.55 -6.63 -26.94
N GLY B 321 15.45 -7.68 -27.76
CA GLY B 321 16.09 -7.66 -29.06
C GLY B 321 16.92 -8.89 -29.33
N PRO B 322 17.82 -8.80 -30.32
CA PRO B 322 18.60 -9.97 -30.72
C PRO B 322 19.43 -10.51 -29.56
N GLY B 323 19.37 -11.83 -29.37
CA GLY B 323 20.12 -12.51 -28.34
C GLY B 323 19.54 -12.39 -26.94
N ILE B 324 18.34 -11.83 -26.78
CA ILE B 324 17.75 -11.62 -25.46
C ILE B 324 16.55 -12.54 -25.33
N ALA B 325 16.64 -13.49 -24.43
CA ALA B 325 15.51 -14.36 -24.14
C ALA B 325 14.54 -13.65 -23.22
N PRO B 326 13.24 -13.60 -23.54
CA PRO B 326 12.30 -12.91 -22.66
C PRO B 326 12.08 -13.65 -21.36
N GLY B 327 11.72 -12.90 -20.33
CA GLY B 327 11.41 -13.50 -19.05
C GLY B 327 11.46 -12.47 -17.93
N LEU B 328 10.86 -12.86 -16.81
CA LEU B 328 10.82 -12.03 -15.61
C LEU B 328 11.85 -12.53 -14.61
N HIS B 329 12.67 -11.60 -14.11
CA HIS B 329 13.73 -11.90 -13.16
C HIS B 329 13.44 -11.19 -11.85
N LEU B 330 13.47 -11.94 -10.73
CA LEU B 330 13.17 -11.36 -9.44
C LEU B 330 14.42 -11.02 -8.62
N THR B 331 15.58 -11.55 -9.00
CA THR B 331 16.81 -11.22 -8.31
C THR B 331 17.09 -9.72 -8.42
N PRO B 332 17.42 -9.03 -7.32
CA PRO B 332 17.67 -7.59 -7.42
C PRO B 332 18.82 -7.25 -8.36
N THR B 333 18.62 -6.19 -9.14
CA THR B 333 19.59 -5.65 -10.09
C THR B 333 19.71 -4.14 -9.90
N SER B 334 20.66 -3.55 -10.62
CA SER B 334 21.03 -2.17 -10.40
C SER B 334 21.18 -1.43 -11.72
N ASN B 335 20.83 -0.14 -11.72
CA ASN B 335 21.21 0.75 -12.82
C ASN B 335 22.71 0.72 -13.07
N LEU B 336 23.51 0.42 -12.04
CA LEU B 336 24.94 0.26 -12.23
C LEU B 336 25.26 -0.82 -13.25
N ASP B 337 24.35 -1.77 -13.46
CA ASP B 337 24.61 -2.90 -14.33
C ASP B 337 24.37 -2.60 -15.80
N VAL B 338 23.80 -1.44 -16.11
CA VAL B 338 23.45 -1.12 -17.50
C VAL B 338 24.71 -0.96 -18.34
N THR B 339 25.67 -0.17 -17.87
CA THR B 339 26.86 0.07 -18.69
C THR B 339 27.64 -1.21 -18.99
N PRO B 340 27.95 -2.07 -18.02
CA PRO B 340 28.61 -3.34 -18.38
C PRO B 340 27.73 -4.27 -19.19
N THR B 341 26.41 -4.20 -19.02
CA THR B 341 25.52 -5.01 -19.87
C THR B 341 25.57 -4.53 -21.31
N LEU B 342 25.50 -3.22 -21.51
CA LEU B 342 25.63 -2.65 -22.86
C LEU B 342 26.96 -3.06 -23.48
N ALA B 343 28.06 -2.89 -22.75
CA ALA B 343 29.37 -3.26 -23.28
C ALA B 343 29.41 -4.73 -23.66
N ASP B 344 28.87 -5.60 -22.80
CA ASP B 344 28.84 -7.03 -23.08
C ASP B 344 28.02 -7.33 -24.33
N LEU B 345 26.83 -6.73 -24.46
CA LEU B 345 26.01 -6.93 -25.65
C LEU B 345 26.72 -6.45 -26.91
N ALA B 346 27.56 -5.43 -26.80
CA ALA B 346 28.29 -4.89 -27.93
C ALA B 346 29.56 -5.65 -28.28
N GLY B 347 29.84 -6.77 -27.61
CA GLY B 347 31.03 -7.55 -27.92
C GLY B 347 32.31 -7.07 -27.28
N ILE B 348 32.24 -6.09 -26.39
CA ILE B 348 33.42 -5.61 -25.68
C ILE B 348 33.80 -6.63 -24.63
N SER B 349 35.10 -6.85 -24.44
CA SER B 349 35.53 -7.87 -23.49
C SER B 349 35.33 -7.40 -22.05
N LEU B 350 35.19 -8.38 -21.16
CA LEU B 350 35.01 -8.08 -19.74
C LEU B 350 36.20 -7.27 -19.20
N GLU B 351 37.42 -7.61 -19.62
CA GLU B 351 38.59 -6.94 -19.08
C GLU B 351 38.67 -5.48 -19.52
N GLU B 352 38.06 -5.15 -20.66
CA GLU B 352 38.11 -3.77 -21.14
C GLU B 352 37.25 -2.84 -20.29
N VAL B 353 36.20 -3.34 -19.67
CA VAL B 353 35.31 -2.51 -18.86
C VAL B 353 35.45 -2.80 -17.36
N ARG B 354 35.99 -3.96 -16.98
CA ARG B 354 36.19 -4.30 -15.56
C ARG B 354 36.75 -3.16 -14.72
N PRO B 355 37.83 -2.48 -15.11
CA PRO B 355 38.40 -1.43 -14.24
C PRO B 355 37.52 -0.21 -14.08
N TRP B 356 36.45 -0.06 -14.86
CA TRP B 356 35.71 1.18 -14.92
C TRP B 356 34.27 1.05 -14.44
N THR B 357 33.86 -0.12 -13.96
CA THR B 357 32.48 -0.34 -13.53
C THR B 357 32.41 -1.01 -12.17
N ASP B 358 31.40 -0.63 -11.38
CA ASP B 358 31.09 -1.23 -10.10
C ASP B 358 29.93 -2.21 -10.15
N GLY B 359 29.20 -2.28 -11.26
CA GLY B 359 28.17 -3.28 -11.48
C GLY B 359 28.66 -4.45 -12.30
N VAL B 360 27.69 -5.25 -12.76
CA VAL B 360 27.97 -6.49 -13.47
C VAL B 360 27.05 -6.59 -14.69
N SER B 361 27.52 -7.31 -15.71
CA SER B 361 26.67 -7.60 -16.87
C SER B 361 25.47 -8.44 -16.46
N LEU B 362 24.31 -8.11 -16.99
CA LEU B 362 23.11 -8.89 -16.76
C LEU B 362 22.88 -9.95 -17.84
N VAL B 363 23.74 -10.01 -18.86
CA VAL B 363 23.54 -10.97 -19.94
C VAL B 363 23.62 -12.40 -19.44
N PRO B 364 24.65 -12.82 -18.68
CA PRO B 364 24.67 -14.21 -18.19
C PRO B 364 23.36 -14.60 -17.56
N MET B 365 22.75 -13.63 -16.92
CA MET B 365 21.54 -13.84 -16.15
C MET B 365 20.30 -13.91 -17.04
N VAL B 366 20.26 -13.11 -18.11
CA VAL B 366 19.26 -13.33 -19.15
C VAL B 366 19.34 -14.77 -19.64
N ASN B 367 20.54 -15.34 -19.66
CA ASN B 367 20.77 -16.70 -20.14
C ASN B 367 20.80 -17.73 -19.01
N GLY B 368 20.16 -17.43 -17.88
CA GLY B 368 19.93 -18.41 -16.84
C GLY B 368 21.01 -18.54 -15.78
N VAL B 369 22.08 -17.76 -15.83
CA VAL B 369 23.13 -17.83 -14.81
C VAL B 369 22.73 -17.00 -13.60
N GLU B 370 22.80 -17.59 -12.42
CA GLU B 370 22.37 -16.90 -11.21
C GLU B 370 23.29 -15.73 -10.92
N ARG B 371 22.70 -14.60 -10.55
CA ARG B 371 23.44 -13.39 -10.17
C ARG B 371 23.43 -13.27 -8.66
N THR B 372 24.61 -13.21 -8.05
CA THR B 372 24.73 -13.19 -6.59
C THR B 372 25.13 -11.85 -6.01
N GLU B 373 25.68 -10.94 -6.81
CA GLU B 373 26.17 -9.69 -6.24
C GLU B 373 25.03 -8.89 -5.63
N PRO B 374 25.24 -8.22 -4.50
CA PRO B 374 24.20 -7.36 -3.93
C PRO B 374 24.03 -6.09 -4.75
N VAL B 375 22.95 -5.39 -4.44
CA VAL B 375 22.66 -4.09 -5.05
C VAL B 375 23.01 -3.00 -4.05
N LEU B 376 23.83 -2.03 -4.49
CA LEU B 376 24.32 -0.96 -3.65
C LEU B 376 23.72 0.38 -4.06
N MET B 377 23.43 1.24 -3.08
CA MET B 377 22.91 2.57 -3.34
C MET B 377 23.54 3.58 -2.39
N GLU B 378 23.60 4.83 -2.82
CA GLU B 378 24.14 5.92 -2.01
C GLU B 378 23.26 7.15 -2.17
N TYR B 379 23.28 8.01 -1.16
CA TYR B 379 22.64 9.31 -1.26
C TYR B 379 23.43 10.29 -0.42
N ALA B 380 23.76 11.45 -1.00
CA ALA B 380 24.59 12.43 -0.31
C ALA B 380 24.25 13.85 -0.76
N ALA B 381 22.95 14.14 -0.93
CA ALA B 381 22.50 15.44 -1.41
C ALA B 381 21.49 16.04 -0.43
N GLU B 382 20.60 16.91 -0.90
CA GLU B 382 19.74 17.66 0.01
C GLU B 382 18.84 16.72 0.81
N ALA B 383 18.59 17.10 2.06
CA ALA B 383 17.85 16.37 3.07
C ALA B 383 18.71 15.27 3.69
N SER B 384 19.96 15.11 3.28
CA SER B 384 20.96 14.39 4.06
C SER B 384 21.84 15.41 4.75
N TYR B 385 22.23 15.11 5.99
CA TYR B 385 23.26 15.87 6.68
C TYR B 385 24.57 15.10 6.74
N ALA B 386 24.56 13.85 6.27
CA ALA B 386 25.71 12.98 6.15
C ALA B 386 25.31 11.90 5.15
N PRO B 387 26.26 11.27 4.47
CA PRO B 387 25.88 10.31 3.41
C PRO B 387 25.13 9.12 3.97
N LEU B 388 24.17 8.63 3.18
CA LEU B 388 23.46 7.39 3.45
C LEU B 388 23.85 6.36 2.41
N VAL B 389 23.89 5.09 2.84
CA VAL B 389 24.17 3.99 1.94
C VAL B 389 23.12 2.91 2.21
N ALA B 390 22.90 2.07 1.20
CA ALA B 390 21.93 1.00 1.30
C ALA B 390 22.43 -0.23 0.56
N ILE B 391 22.01 -1.39 1.05
CA ILE B 391 22.34 -2.67 0.45
C ILE B 391 21.04 -3.42 0.24
N ARG B 392 20.84 -3.90 -0.98
CA ARG B 392 19.70 -4.73 -1.30
C ARG B 392 20.23 -6.09 -1.73
N GLU B 393 19.86 -7.13 -1.00
CA GLU B 393 20.36 -8.47 -1.30
C GLU B 393 19.34 -9.49 -0.86
N GLY B 394 19.06 -10.46 -1.73
CA GLY B 394 18.04 -11.43 -1.40
C GLY B 394 16.72 -10.74 -1.13
N LYS B 395 16.10 -11.09 -0.01
CA LYS B 395 14.83 -10.49 0.36
C LYS B 395 14.99 -9.21 1.17
N TRP B 396 16.20 -8.75 1.39
CA TRP B 396 16.50 -7.75 2.41
C TRP B 396 16.86 -6.40 1.81
N LYS B 397 16.54 -5.35 2.55
CA LYS B 397 17.09 -4.02 2.31
C LYS B 397 17.63 -3.45 3.61
N TYR B 398 18.87 -3.00 3.58
CA TYR B 398 19.53 -2.42 4.75
C TYR B 398 19.97 -1.00 4.43
N VAL B 399 19.69 -0.06 5.33
CA VAL B 399 20.03 1.35 5.15
C VAL B 399 20.83 1.84 6.35
N TYR B 400 21.94 2.52 6.07
CA TYR B 400 22.83 3.03 7.10
C TYR B 400 23.12 4.51 6.86
N CYS B 401 23.05 5.29 7.94
CA CYS B 401 23.58 6.64 8.00
C CYS B 401 24.19 6.82 9.38
N ALA B 402 25.37 7.45 9.46
CA ALA B 402 26.01 7.57 10.76
C ALA B 402 25.17 8.36 11.75
N LEU B 403 24.24 9.18 11.27
CA LEU B 403 23.43 10.02 12.14
C LEU B 403 22.09 9.40 12.53
N ASP B 404 21.69 8.30 11.89
CA ASP B 404 20.35 7.76 12.02
C ASP B 404 20.37 6.34 12.57
N PRO B 405 19.28 5.89 13.17
CA PRO B 405 19.12 4.45 13.41
C PRO B 405 19.14 3.69 12.09
N GLU B 406 19.65 2.46 12.14
CA GLU B 406 19.65 1.63 10.96
C GLU B 406 18.21 1.26 10.59
N GLN B 407 18.03 0.90 9.33
CA GLN B 407 16.80 0.28 8.85
C GLN B 407 17.12 -1.05 8.19
N LEU B 408 16.27 -2.04 8.45
CA LEU B 408 16.37 -3.36 7.85
C LEU B 408 14.97 -3.82 7.52
N PHE B 409 14.72 -4.14 6.26
CA PHE B 409 13.41 -4.56 5.81
C PHE B 409 13.49 -5.91 5.13
N ASP B 410 12.50 -6.75 5.42
CA ASP B 410 12.28 -8.01 4.73
C ASP B 410 11.16 -7.74 3.74
N LEU B 411 11.52 -7.57 2.47
CA LEU B 411 10.54 -7.12 1.49
C LEU B 411 9.60 -8.23 1.05
N GLU B 412 9.91 -9.50 1.34
CA GLU B 412 8.98 -10.58 1.03
C GLU B 412 7.90 -10.70 2.10
N ALA B 413 8.24 -10.41 3.36
CA ALA B 413 7.25 -10.37 4.43
C ALA B 413 6.62 -9.00 4.60
N ASP B 414 7.28 -7.95 4.14
CA ASP B 414 6.91 -6.57 4.47
C ASP B 414 7.18 -5.69 3.25
N PRO B 415 6.46 -5.94 2.15
CA PRO B 415 6.74 -5.21 0.91
C PRO B 415 6.56 -3.71 1.02
N LEU B 416 5.77 -3.24 1.96
CA LEU B 416 5.54 -1.81 2.15
C LEU B 416 6.49 -1.20 3.18
N GLU B 417 7.42 -1.98 3.73
CA GLU B 417 8.47 -1.45 4.60
C GLU B 417 7.86 -0.69 5.79
N LEU B 418 6.87 -1.33 6.42
CA LEU B 418 6.22 -0.78 7.59
C LEU B 418 6.81 -1.27 8.91
N THR B 419 7.74 -2.22 8.89
CA THR B 419 8.36 -2.72 10.12
C THR B 419 9.87 -2.71 9.97
N ASN B 420 10.54 -1.86 10.73
CA ASN B 420 12.00 -1.77 10.72
C ASN B 420 12.58 -2.85 11.64
N LEU B 421 13.16 -3.90 11.03
CA LEU B 421 13.64 -5.05 11.79
C LEU B 421 14.96 -4.82 12.51
N ALA B 422 15.67 -3.71 12.22
CA ALA B 422 16.81 -3.35 13.04
C ALA B 422 16.37 -2.91 14.42
N GLU B 423 15.25 -2.20 14.49
CA GLU B 423 14.72 -1.78 15.78
C GLU B 423 13.87 -2.89 16.41
N ASN B 424 13.14 -3.61 15.57
CA ASN B 424 12.11 -4.55 16.00
C ASN B 424 12.32 -5.91 15.33
N PRO B 425 13.44 -6.58 15.62
CA PRO B 425 13.67 -7.88 14.98
C PRO B 425 12.61 -8.89 15.39
N ARG B 426 12.31 -9.80 14.48
CA ARG B 426 11.31 -10.83 14.74
C ARG B 426 11.88 -12.01 15.52
N GLY B 427 13.19 -12.18 15.49
CA GLY B 427 13.82 -13.33 16.10
C GLY B 427 15.32 -13.35 15.82
N PRO B 428 15.94 -14.48 16.14
CA PRO B 428 17.42 -14.54 16.03
C PRO B 428 17.96 -14.30 14.63
N VAL B 429 17.26 -14.78 13.59
CA VAL B 429 17.79 -14.63 12.24
C VAL B 429 17.87 -13.16 11.86
N ASP B 430 16.87 -12.37 12.25
CA ASP B 430 16.89 -10.94 11.96
C ASP B 430 18.11 -10.28 12.59
N GLN B 431 18.47 -10.69 13.82
CA GLN B 431 19.65 -10.12 14.47
C GLN B 431 20.92 -10.50 13.71
N ALA B 432 21.06 -11.77 13.34
CA ALA B 432 22.26 -12.20 12.63
C ALA B 432 22.35 -11.54 11.26
N THR B 433 21.20 -11.29 10.64
CA THR B 433 21.18 -10.60 9.36
C THR B 433 21.66 -9.17 9.50
N LEU B 434 21.18 -8.46 10.53
CA LEU B 434 21.64 -7.09 10.77
C LEU B 434 23.14 -7.05 10.93
N THR B 435 23.70 -7.97 11.73
CA THR B 435 25.14 -8.02 11.92
C THR B 435 25.87 -8.27 10.61
N ALA B 436 25.37 -9.20 9.79
CA ALA B 436 26.02 -9.48 8.52
C ALA B 436 25.98 -8.28 7.57
N PHE B 437 24.87 -7.53 7.55
CA PHE B 437 24.84 -6.34 6.72
C PHE B 437 25.78 -5.25 7.24
N ARG B 438 25.95 -5.16 8.56
CA ARG B 438 26.94 -4.22 9.08
C ARG B 438 28.34 -4.59 8.58
N ASP B 439 28.67 -5.88 8.61
CA ASP B 439 29.96 -6.35 8.08
C ASP B 439 30.08 -6.04 6.60
N MET B 440 29.02 -6.29 5.82
CA MET B 440 29.03 -5.96 4.41
C MET B 440 29.18 -4.46 4.18
N ARG B 441 28.50 -3.65 4.98
N ARG B 441 28.50 -3.64 4.98
CA ARG B 441 28.62 -2.20 4.83
CA ARG B 441 28.63 -2.20 4.82
C ARG B 441 30.06 -1.75 5.05
C ARG B 441 30.08 -1.76 5.03
N ALA B 442 30.71 -2.26 6.10
CA ALA B 442 32.09 -1.89 6.37
C ALA B 442 33.03 -2.34 5.26
N ALA B 443 32.71 -3.46 4.60
CA ALA B 443 33.54 -3.95 3.50
C ALA B 443 33.40 -3.09 2.24
N HIS B 444 32.32 -2.33 2.09
CA HIS B 444 32.08 -1.56 0.88
C HIS B 444 32.34 -0.07 1.02
N TRP B 445 32.13 0.49 2.20
CA TRP B 445 32.23 1.92 2.41
C TRP B 445 33.04 2.26 3.65
N ASP B 446 33.91 3.26 3.51
CA ASP B 446 34.43 4.04 4.63
C ASP B 446 33.56 5.29 4.76
N MET B 447 32.64 5.30 5.73
CA MET B 447 31.66 6.38 5.80
C MET B 447 32.28 7.70 6.26
N GLU B 448 33.34 7.64 7.07
CA GLU B 448 34.02 8.87 7.47
C GLU B 448 34.66 9.55 6.26
N ALA B 449 35.32 8.76 5.41
CA ALA B 449 35.95 9.29 4.20
C ALA B 449 34.89 9.77 3.21
N PHE B 450 33.77 9.06 3.09
CA PHE B 450 32.67 9.50 2.25
C PHE B 450 32.22 10.89 2.66
N ASP B 451 31.96 11.10 3.96
CA ASP B 451 31.47 12.40 4.42
C ASP B 451 32.51 13.49 4.19
N ALA B 452 33.79 13.19 4.39
CA ALA B 452 34.81 14.20 4.21
C ALA B 452 34.93 14.61 2.75
N ALA B 453 34.86 13.63 1.83
CA ALA B 453 34.94 13.95 0.41
C ALA B 453 33.73 14.76 -0.04
N VAL B 454 32.55 14.47 0.50
CA VAL B 454 31.37 15.26 0.17
C VAL B 454 31.54 16.70 0.66
N ARG B 455 31.99 16.86 1.90
CA ARG B 455 32.15 18.21 2.44
C ARG B 455 33.14 19.04 1.62
N GLU B 456 34.26 18.43 1.23
CA GLU B 456 35.25 19.17 0.43
C GLU B 456 34.66 19.58 -0.91
N SER B 457 33.88 18.70 -1.54
CA SER B 457 33.26 19.05 -2.82
C SER B 457 32.28 20.19 -2.67
N GLN B 458 31.46 20.17 -1.61
CA GLN B 458 30.51 21.26 -1.39
C GLN B 458 31.22 22.59 -1.22
N ALA B 459 32.31 22.58 -0.45
CA ALA B 459 32.99 23.83 -0.08
C ALA B 459 33.67 24.46 -1.27
N ARG B 460 34.45 23.68 -2.03
CA ARG B 460 34.96 24.14 -3.31
C ARG B 460 33.91 24.88 -4.11
N ARG B 461 32.76 24.22 -4.32
CA ARG B 461 31.77 24.74 -5.25
C ARG B 461 31.13 26.00 -4.70
N TRP B 462 31.04 26.14 -3.38
CA TRP B 462 30.44 27.35 -2.83
C TRP B 462 31.33 28.55 -3.08
N VAL B 463 32.65 28.37 -2.99
CA VAL B 463 33.57 29.43 -3.40
C VAL B 463 33.38 29.76 -4.87
N VAL B 464 33.40 28.74 -5.71
CA VAL B 464 33.42 28.94 -7.15
C VAL B 464 32.11 29.57 -7.63
N TYR B 465 30.97 29.06 -7.17
CA TYR B 465 29.71 29.50 -7.76
C TYR B 465 29.44 30.98 -7.45
N GLU B 466 29.73 31.42 -6.23
CA GLU B 466 29.53 32.84 -5.93
C GLU B 466 30.27 33.71 -6.93
N ALA B 467 31.52 33.33 -7.22
CA ALA B 467 32.30 34.09 -8.20
C ALA B 467 31.66 34.04 -9.58
N LEU B 468 31.18 32.86 -9.99
CA LEU B 468 30.68 32.70 -11.36
C LEU B 468 29.39 33.46 -11.60
N ARG B 469 28.67 33.84 -10.55
CA ARG B 469 27.44 34.60 -10.71
C ARG B 469 27.64 36.09 -10.47
N ASN B 470 28.89 36.54 -10.41
CA ASN B 470 29.22 37.96 -10.49
C ASN B 470 29.62 38.29 -11.92
N GLY B 471 29.27 39.49 -12.35
CA GLY B 471 29.62 39.89 -13.70
C GLY B 471 28.87 39.08 -14.75
N ALA B 472 29.40 39.17 -15.98
CA ALA B 472 28.78 38.49 -17.11
C ALA B 472 28.80 36.97 -16.90
N TYR B 473 27.65 36.33 -17.11
CA TYR B 473 27.55 34.90 -16.95
C TYR B 473 27.98 34.19 -18.22
N TYR B 474 28.82 33.15 -18.08
CA TYR B 474 29.17 32.30 -19.20
C TYR B 474 28.41 30.99 -19.08
N PRO B 475 27.41 30.74 -19.93
CA PRO B 475 26.61 29.51 -19.79
C PRO B 475 27.34 28.28 -20.34
N TRP B 476 27.09 27.15 -19.68
CA TRP B 476 27.60 25.85 -20.12
C TRP B 476 26.56 25.02 -20.84
N ASP B 477 25.34 25.53 -20.99
CA ASP B 477 24.26 24.77 -21.61
C ASP B 477 24.65 24.31 -23.01
N HIS B 478 24.33 23.05 -23.33
CA HIS B 478 24.64 22.51 -24.65
C HIS B 478 23.81 23.20 -25.72
N GLN B 479 24.47 23.59 -26.82
CA GLN B 479 23.82 24.17 -27.98
C GLN B 479 23.99 23.24 -29.17
N PRO B 480 22.94 22.54 -29.64
CA PRO B 480 23.12 21.63 -30.78
C PRO B 480 23.61 22.36 -32.01
N LEU B 481 24.42 21.67 -32.81
CA LEU B 481 25.03 22.24 -34.01
C LEU B 481 24.23 21.91 -35.25
N ALA B 484 22.95 24.23 -41.45
CA ALA B 484 21.98 24.78 -42.40
C ALA B 484 22.62 24.97 -43.78
N SER B 485 23.82 25.56 -43.81
CA SER B 485 24.53 25.71 -45.07
C SER B 485 25.00 24.38 -45.65
N GLU B 486 24.90 23.29 -44.89
CA GLU B 486 25.22 21.95 -45.37
C GLU B 486 24.01 21.02 -45.42
N ARG B 487 22.84 21.48 -44.96
CA ARG B 487 21.62 20.69 -44.99
C ARG B 487 20.86 20.90 -46.29
N TYR B 488 20.13 19.86 -46.69
CA TYR B 488 19.18 19.91 -47.82
C TYR B 488 19.96 20.27 -49.10
N MET B 489 19.30 20.95 -50.05
CA MET B 489 19.86 21.15 -51.37
C MET B 489 20.68 22.43 -51.40
N ARG B 490 21.99 22.30 -51.63
CA ARG B 490 22.92 23.41 -51.71
C ARG B 490 23.74 23.27 -52.97
N ASN B 491 24.13 24.40 -53.56
CA ASN B 491 24.67 24.40 -54.91
C ASN B 491 26.15 24.00 -54.99
N HIS B 492 26.73 23.48 -53.91
CA HIS B 492 28.03 22.83 -53.97
C HIS B 492 27.93 21.31 -53.98
N MET B 493 26.71 20.77 -54.08
CA MET B 493 26.46 19.34 -54.13
C MET B 493 25.88 18.97 -55.49
N ASN B 494 25.66 17.67 -55.69
CA ASN B 494 25.00 17.17 -56.89
C ASN B 494 23.50 17.07 -56.62
N LEU B 495 22.71 17.83 -57.39
CA LEU B 495 21.29 17.96 -57.09
C LEU B 495 20.56 16.64 -57.21
N ASP B 496 20.89 15.84 -58.23
CA ASP B 496 20.23 14.55 -58.41
C ASP B 496 20.81 13.48 -57.49
N THR B 497 22.13 13.52 -57.27
CA THR B 497 22.75 12.55 -56.36
C THR B 497 22.33 12.77 -54.92
N LEU B 498 21.97 14.00 -54.56
CA LEU B 498 21.56 14.28 -53.18
C LEU B 498 20.24 13.61 -52.87
N GLU B 499 19.25 13.71 -53.77
CA GLU B 499 17.94 13.13 -53.50
C GLU B 499 18.03 11.62 -53.28
N GLU B 500 18.83 10.93 -54.10
CA GLU B 500 18.98 9.48 -53.93
C GLU B 500 19.72 9.13 -52.64
N SER B 501 20.56 10.04 -52.14
CA SER B 501 21.26 9.80 -50.89
C SER B 501 20.36 10.04 -49.67
N LYS B 502 19.45 11.01 -49.75
CA LYS B 502 18.49 11.26 -48.68
C LYS B 502 17.32 10.30 -48.68
N ARG B 503 17.22 9.44 -49.70
CA ARG B 503 16.09 8.51 -49.86
C ARG B 503 16.47 7.14 -49.29
N TYR B 504 15.48 6.47 -48.68
CA TYR B 504 15.67 5.11 -48.17
C TYR B 504 14.36 4.52 -47.65
N PRO B 505 14.04 3.25 -47.99
CA PRO B 505 14.76 2.25 -48.79
C PRO B 505 15.11 2.70 -50.22
N LYS C 1 -51.86 -35.91 38.34
CA LYS C 1 -51.89 -35.43 36.97
C LYS C 1 -51.92 -36.61 35.98
N PRO C 2 -52.83 -36.59 35.03
CA PRO C 2 -52.95 -37.70 34.10
C PRO C 2 -51.86 -37.68 33.03
N ASN C 3 -51.53 -38.86 32.54
CA ASN C 3 -50.75 -38.96 31.32
C ASN C 3 -51.59 -38.52 30.13
N ILE C 4 -50.91 -38.13 29.06
CA ILE C 4 -51.57 -37.64 27.86
C ILE C 4 -50.94 -38.30 26.64
N LEU C 5 -51.74 -39.05 25.89
CA LEU C 5 -51.32 -39.63 24.62
C LEU C 5 -52.08 -38.92 23.50
N ILE C 6 -51.34 -38.20 22.65
CA ILE C 6 -51.92 -37.50 21.50
C ILE C 6 -51.63 -38.32 20.26
N ILE C 7 -52.69 -38.81 19.61
CA ILE C 7 -52.56 -39.54 18.36
C ILE C 7 -52.99 -38.61 17.25
N MET C 8 -52.05 -38.28 16.37
CA MET C 8 -52.28 -37.35 15.30
C MET C 8 -52.03 -38.05 13.98
N VAL C 9 -52.87 -37.76 13.00
CA VAL C 9 -52.69 -38.26 11.65
C VAL C 9 -52.76 -37.06 10.74
N ASP C 10 -52.28 -37.26 9.52
CA ASP C 10 -52.11 -36.16 8.56
C ASP C 10 -53.12 -36.28 7.45
N GLN C 11 -53.83 -35.18 7.15
CA GLN C 11 -54.66 -35.09 5.96
C GLN C 11 -55.90 -35.99 6.05
N LEU C 12 -56.54 -36.02 7.23
CA LEU C 12 -57.72 -36.87 7.45
C LEU C 12 -58.99 -36.03 7.36
N ASN C 13 -59.78 -36.27 6.32
CA ASN C 13 -61.02 -35.54 6.08
C ASN C 13 -61.99 -35.75 7.23
N GLY C 14 -62.32 -34.66 7.92
CA GLY C 14 -63.13 -34.76 9.13
C GLY C 14 -64.58 -35.20 8.89
N LYS C 15 -65.08 -35.08 7.67
CA LYS C 15 -66.42 -35.59 7.40
C LYS C 15 -66.48 -37.11 7.55
N LEU C 16 -65.33 -37.78 7.54
CA LEU C 16 -65.29 -39.23 7.72
C LEU C 16 -65.47 -39.65 9.17
N PHE C 17 -65.57 -38.68 10.09
CA PHE C 17 -65.79 -38.96 11.51
C PHE C 17 -67.08 -38.27 11.94
N PRO C 18 -68.24 -38.72 11.42
CA PRO C 18 -69.51 -38.07 11.79
C PRO C 18 -69.88 -38.29 13.25
N ASP C 19 -69.35 -39.34 13.87
CA ASP C 19 -69.70 -39.73 15.23
C ASP C 19 -68.72 -40.83 15.59
N GLY C 20 -67.44 -40.48 15.67
CA GLY C 20 -66.37 -41.43 15.51
C GLY C 20 -66.27 -41.82 14.04
N PRO C 21 -65.44 -42.80 13.73
CA PRO C 21 -65.30 -43.22 12.34
C PRO C 21 -66.65 -43.56 11.72
N ALA C 22 -66.81 -43.21 10.44
CA ALA C 22 -68.01 -43.58 9.71
C ALA C 22 -68.17 -45.09 9.68
N ASP C 23 -69.42 -45.54 9.63
CA ASP C 23 -69.72 -46.96 9.68
C ASP C 23 -68.97 -47.75 8.62
N PHE C 24 -68.89 -47.21 7.40
CA PHE C 24 -68.30 -47.97 6.29
C PHE C 24 -66.80 -48.17 6.45
N LEU C 25 -66.13 -47.39 7.30
CA LEU C 25 -64.70 -47.58 7.51
C LEU C 25 -64.44 -48.79 8.39
N HIS C 26 -63.47 -49.60 8.01
CA HIS C 26 -63.01 -50.68 8.88
C HIS C 26 -62.02 -50.07 9.85
N ALA C 27 -62.50 -49.72 11.04
CA ALA C 27 -61.69 -49.04 12.02
C ALA C 27 -62.19 -49.39 13.42
N PRO C 28 -62.09 -50.66 13.82
CA PRO C 28 -62.67 -51.07 15.12
C PRO C 28 -62.01 -50.40 16.32
N ASN C 29 -60.69 -50.16 16.28
CA ASN C 29 -60.04 -49.56 17.44
C ASN C 29 -60.43 -48.10 17.60
N LEU C 30 -60.49 -47.35 16.48
CA LEU C 30 -60.92 -45.96 16.56
C LEU C 30 -62.40 -45.85 16.90
N LYS C 31 -63.22 -46.79 16.43
CA LYS C 31 -64.63 -46.80 16.84
C LYS C 31 -64.76 -47.10 18.32
N ALA C 32 -64.00 -48.09 18.82
CA ALA C 32 -64.02 -48.37 20.25
C ALA C 32 -63.52 -47.18 21.05
N LEU C 33 -62.42 -46.56 20.61
CA LEU C 33 -61.97 -45.34 21.27
C LEU C 33 -63.06 -44.27 21.21
N ALA C 34 -63.70 -44.12 20.04
CA ALA C 34 -64.70 -43.07 19.89
C ALA C 34 -65.85 -43.22 20.88
N LYS C 35 -66.27 -44.46 21.15
CA LYS C 35 -67.43 -44.68 22.02
C LYS C 35 -67.19 -44.18 23.43
N ARG C 36 -65.94 -44.17 23.89
CA ARG C 36 -65.61 -43.65 25.20
C ARG C 36 -65.08 -42.21 25.15
N SER C 37 -65.24 -41.52 24.01
CA SER C 37 -64.66 -40.20 23.81
C SER C 37 -65.72 -39.11 23.79
N ALA C 38 -65.30 -37.92 24.20
CA ALA C 38 -65.97 -36.70 23.78
C ALA C 38 -65.56 -36.41 22.34
N ARG C 39 -66.55 -36.38 21.44
CA ARG C 39 -66.31 -36.33 20.01
C ARG C 39 -66.82 -35.00 19.47
N PHE C 40 -65.95 -34.28 18.80
CA PHE C 40 -66.26 -32.93 18.30
C PHE C 40 -66.45 -33.04 16.80
N HIS C 41 -67.73 -33.05 16.40
CA HIS C 41 -68.12 -33.42 15.05
C HIS C 41 -67.75 -32.35 14.04
N ASN C 42 -67.88 -31.07 14.42
CA ASN C 42 -67.61 -29.98 13.50
C ASN C 42 -66.31 -29.29 13.90
N ASN C 43 -65.21 -30.04 13.88
CA ASN C 43 -63.92 -29.52 14.26
C ASN C 43 -63.13 -29.13 13.01
N TYR C 44 -62.43 -28.01 13.09
CA TYR C 44 -61.75 -27.43 11.95
C TYR C 44 -60.27 -27.26 12.22
N THR C 45 -59.48 -27.38 11.15
CA THR C 45 -58.11 -26.90 11.16
C THR C 45 -58.10 -25.37 11.30
N SER C 46 -56.95 -24.85 11.72
CA SER C 46 -56.70 -23.41 11.69
C SER C 46 -56.18 -22.95 10.34
N SER C 47 -55.60 -23.83 9.56
CA SER C 47 -55.03 -23.45 8.28
C SER C 47 -54.86 -24.72 7.42
N PRO C 48 -55.48 -24.79 6.25
CA PRO C 48 -55.49 -26.05 5.48
C PRO C 48 -54.16 -26.33 4.75
N LEU C 49 -53.10 -26.49 5.53
CA LEU C 49 -51.79 -26.87 5.00
C LEU C 49 -50.91 -27.37 6.15
N DDZ C 50 -50.00 -28.32 5.86
CA DDZ C 50 -49.28 -29.02 6.90
C DDZ C 50 -48.59 -28.14 7.94
O DDZ C 50 -48.95 -28.08 9.11
OG1 DDZ C 50 -47.48 -30.67 7.29
OG2 DDZ C 50 -48.90 -31.04 5.63
CB DDZ C 50 -48.22 -30.00 6.31
HA DDZ C 50 -50.04 -29.66 7.45
HB DDZ C 50 -47.47 -29.48 5.65
HG1 DDZ C 50 -46.93 -31.33 6.87
N ALA C 51 -47.56 -27.39 7.54
CA ALA C 51 -46.76 -26.65 8.52
C ALA C 51 -47.55 -25.54 9.23
N PRO C 52 -48.33 -24.74 8.47
CA PRO C 52 -49.14 -23.73 9.16
C PRO C 52 -50.10 -24.34 10.16
N ALA C 53 -50.77 -25.44 9.79
CA ALA C 53 -51.71 -26.06 10.71
C ALA C 53 -50.99 -26.57 11.96
N ARG C 54 -49.80 -27.15 11.79
CA ARG C 54 -49.12 -27.79 12.90
C ARG C 54 -48.49 -26.77 13.84
N ALA C 55 -47.88 -25.71 13.29
CA ALA C 55 -47.37 -24.66 14.16
C ALA C 55 -48.50 -24.02 14.95
N SER C 56 -49.64 -23.83 14.29
CA SER C 56 -50.79 -23.23 14.97
C SER C 56 -51.36 -24.19 16.00
N PHE C 57 -51.47 -25.47 15.64
CA PHE C 57 -51.82 -26.53 16.57
C PHE C 57 -50.93 -26.53 17.81
N MET C 58 -49.61 -26.49 17.62
CA MET C 58 -48.70 -26.57 18.77
C MET C 58 -48.82 -25.35 19.68
N ALA C 59 -48.95 -24.16 19.10
CA ALA C 59 -48.96 -22.93 19.89
C ALA C 59 -50.36 -22.51 20.33
N GLY C 60 -51.41 -23.10 19.77
CA GLY C 60 -52.73 -22.55 19.98
C GLY C 60 -52.86 -21.12 19.48
N GLN C 61 -52.16 -20.78 18.41
CA GLN C 61 -52.20 -19.45 17.81
C GLN C 61 -52.43 -19.60 16.32
N LEU C 62 -53.06 -18.59 15.72
CA LEU C 62 -53.29 -18.57 14.29
C LEU C 62 -52.00 -18.30 13.53
N PRO C 63 -51.94 -18.71 12.26
CA PRO C 63 -50.77 -18.37 11.43
C PRO C 63 -50.40 -16.89 11.46
N SER C 64 -51.36 -15.97 11.40
CA SER C 64 -51.02 -14.56 11.44
C SER C 64 -50.25 -14.20 12.70
N ARG C 65 -50.40 -14.98 13.77
CA ARG C 65 -49.65 -14.77 14.99
C ARG C 65 -48.36 -15.57 15.05
N THR C 66 -48.37 -16.86 14.66
CA THR C 66 -47.13 -17.63 14.64
C THR C 66 -46.17 -17.17 13.56
N ARG C 67 -46.68 -16.50 12.53
CA ARG C 67 -45.96 -16.13 11.32
C ARG C 67 -45.67 -17.32 10.42
N VAL C 68 -46.13 -18.51 10.76
CA VAL C 68 -45.86 -19.68 9.92
C VAL C 68 -46.98 -19.72 8.88
N TYR C 69 -46.77 -18.97 7.79
CA TYR C 69 -47.78 -18.75 6.76
C TYR C 69 -47.86 -19.89 5.75
N ASP C 70 -46.78 -20.65 5.58
CA ASP C 70 -46.69 -21.64 4.51
C ASP C 70 -45.77 -22.76 4.97
N ASN C 71 -45.45 -23.68 4.06
CA ASN C 71 -44.71 -24.89 4.41
C ASN C 71 -43.20 -24.67 4.50
N ALA C 72 -42.74 -23.44 4.38
CA ALA C 72 -41.31 -23.14 4.45
C ALA C 72 -41.01 -21.97 5.38
N ALA C 73 -41.98 -21.55 6.20
CA ALA C 73 -41.82 -20.38 7.05
C ALA C 73 -41.23 -20.79 8.38
N GLU C 74 -40.23 -20.03 8.84
CA GLU C 74 -39.58 -20.32 10.11
C GLU C 74 -40.55 -20.21 11.28
N TYR C 75 -40.53 -21.23 12.13
CA TYR C 75 -41.24 -21.25 13.40
C TYR C 75 -40.26 -20.86 14.48
N GLN C 76 -40.44 -19.67 15.06
CA GLN C 76 -39.50 -19.16 16.06
C GLN C 76 -39.49 -20.06 17.29
N SER C 77 -38.30 -20.30 17.84
CA SER C 77 -38.19 -21.19 19.00
C SER C 77 -38.71 -20.56 20.29
N SER C 78 -38.84 -19.23 20.34
CA SER C 78 -39.37 -18.57 21.53
C SER C 78 -40.88 -18.66 21.68
N ILE C 79 -41.60 -19.22 20.70
CA ILE C 79 -43.06 -19.28 20.77
C ILE C 79 -43.48 -20.45 21.68
N PRO C 80 -44.24 -20.22 22.74
CA PRO C 80 -44.62 -21.33 23.62
C PRO C 80 -45.61 -22.26 22.92
N THR C 81 -45.41 -23.57 23.12
CA THR C 81 -46.28 -24.61 22.60
C THR C 81 -46.84 -25.39 23.78
N TYR C 82 -47.73 -26.34 23.49
CA TYR C 82 -48.26 -27.17 24.57
C TYR C 82 -47.15 -28.00 25.21
N ALA C 83 -46.10 -28.32 24.46
CA ALA C 83 -44.96 -28.99 25.07
C ALA C 83 -44.36 -28.13 26.17
N HIS C 84 -44.04 -26.87 25.89
CA HIS C 84 -43.52 -25.99 26.92
C HIS C 84 -44.47 -25.91 28.11
N HIS C 85 -45.77 -25.70 27.84
CA HIS C 85 -46.73 -25.52 28.93
C HIS C 85 -46.76 -26.76 29.83
N LEU C 86 -46.87 -27.95 29.24
CA LEU C 86 -46.87 -29.18 30.03
C LEU C 86 -45.52 -29.41 30.69
N ARG C 87 -44.44 -29.22 29.94
CA ARG C 87 -43.10 -29.40 30.49
C ARG C 87 -42.88 -28.51 31.70
N ARG C 88 -43.29 -27.25 31.60
CA ARG C 88 -43.18 -26.30 32.70
C ARG C 88 -44.00 -26.76 33.90
N ALA C 89 -45.14 -27.41 33.66
CA ALA C 89 -45.97 -27.97 34.71
C ALA C 89 -45.47 -29.32 35.23
N GLY C 90 -44.31 -29.80 34.79
CA GLY C 90 -43.75 -31.03 35.33
C GLY C 90 -43.92 -32.28 34.51
N TYR C 91 -44.37 -32.17 33.26
CA TYR C 91 -44.49 -33.34 32.38
C TYR C 91 -43.19 -33.61 31.62
N TYR C 92 -42.86 -34.90 31.51
CA TYR C 92 -42.02 -35.38 30.44
C TYR C 92 -42.82 -35.33 29.14
N THR C 93 -42.24 -34.73 28.09
CA THR C 93 -42.91 -34.55 26.81
C THR C 93 -42.07 -35.18 25.71
N ALA C 94 -42.73 -35.87 24.78
CA ALA C 94 -42.02 -36.48 23.68
C ALA C 94 -42.89 -36.52 22.44
N LEU C 95 -42.21 -36.54 21.29
CA LEU C 95 -42.83 -36.62 19.98
C LEU C 95 -42.21 -37.79 19.23
N SER C 96 -43.06 -38.66 18.72
CA SER C 96 -42.69 -39.65 17.71
C SER C 96 -43.43 -39.29 16.43
N GLY C 97 -42.68 -39.02 15.37
CA GLY C 97 -43.30 -38.73 14.09
C GLY C 97 -43.18 -37.31 13.59
N LYS C 98 -44.18 -36.90 12.79
CA LYS C 98 -44.10 -35.71 11.96
C LYS C 98 -44.66 -34.49 12.69
N MET C 99 -44.04 -33.36 12.47
CA MET C 99 -44.66 -32.10 12.85
C MET C 99 -44.36 -30.96 11.89
N HIS C 100 -43.50 -31.18 10.89
CA HIS C 100 -43.26 -30.23 9.81
C HIS C 100 -42.89 -28.86 10.37
N LEU C 101 -42.01 -28.87 11.36
CA LEU C 101 -41.45 -27.65 11.92
C LEU C 101 -40.33 -27.17 10.99
N VAL C 102 -40.37 -25.89 10.63
CA VAL C 102 -39.39 -25.33 9.70
C VAL C 102 -38.44 -24.45 10.49
N GLY C 103 -37.14 -24.68 10.27
CA GLY C 103 -36.11 -23.95 10.96
C GLY C 103 -35.27 -24.88 11.80
N PRO C 104 -34.22 -24.33 12.39
CA PRO C 104 -33.24 -25.20 13.09
C PRO C 104 -33.76 -25.81 14.39
N ASP C 105 -34.78 -25.23 15.01
CA ASP C 105 -35.41 -25.86 16.17
C ASP C 105 -36.35 -26.95 15.68
N GLN C 106 -36.03 -28.20 15.99
CA GLN C 106 -36.89 -29.31 15.61
C GLN C 106 -37.60 -29.92 16.81
N LEU C 107 -37.55 -29.27 17.97
CA LEU C 107 -38.22 -29.75 19.17
C LEU C 107 -39.33 -28.84 19.65
N HIS C 108 -39.12 -27.53 19.65
CA HIS C 108 -40.14 -26.57 20.05
C HIS C 108 -40.80 -26.97 21.37
N GLY C 109 -39.96 -27.25 22.36
CA GLY C 109 -40.39 -27.58 23.69
C GLY C 109 -40.45 -29.06 24.00
N PHE C 110 -40.60 -29.92 22.99
CA PHE C 110 -40.52 -31.36 23.24
C PHE C 110 -39.18 -31.70 23.89
N GLU C 111 -39.23 -32.47 24.98
CA GLU C 111 -38.00 -32.85 25.67
C GLU C 111 -37.23 -33.90 24.88
N GLU C 112 -37.94 -34.76 24.17
CA GLU C 112 -37.32 -35.79 23.36
C GLU C 112 -38.14 -35.95 22.09
N ARG C 113 -37.45 -36.23 20.99
CA ARG C 113 -38.10 -36.51 19.72
C ARG C 113 -37.48 -37.78 19.14
N LEU C 114 -38.33 -38.77 18.85
CA LEU C 114 -37.87 -40.13 18.62
C LEU C 114 -37.58 -40.43 17.15
N THR C 115 -38.13 -39.65 16.23
CA THR C 115 -37.87 -39.81 14.82
C THR C 115 -37.47 -38.47 14.23
N THR C 116 -36.83 -38.53 13.08
CA THR C 116 -36.69 -37.34 12.28
C THR C 116 -38.03 -37.01 11.64
N ASP C 117 -38.09 -35.91 10.91
CA ASP C 117 -39.31 -35.61 10.17
C ASP C 117 -39.24 -36.24 8.80
N ILE C 118 -40.41 -36.61 8.29
CA ILE C 118 -40.51 -37.14 6.94
C ILE C 118 -40.32 -36.03 5.91
N TYR C 119 -40.65 -34.79 6.26
CA TYR C 119 -40.59 -33.67 5.35
C TYR C 119 -39.47 -32.69 5.70
N PRO C 120 -39.12 -31.78 4.79
CA PRO C 120 -37.97 -30.91 5.00
C PRO C 120 -38.16 -29.91 6.14
N ALA C 121 -37.03 -29.48 6.69
CA ALA C 121 -36.98 -28.53 7.78
C ALA C 121 -36.52 -27.14 7.33
N ASP C 122 -36.33 -26.94 6.04
CA ASP C 122 -35.71 -25.72 5.52
C ASP C 122 -36.72 -24.90 4.71
N PHE C 123 -36.22 -23.81 4.10
CA PHE C 123 -37.05 -22.79 3.48
C PHE C 123 -37.34 -23.08 2.00
N GLY C 124 -37.21 -24.33 1.56
CA GLY C 124 -37.31 -24.62 0.13
C GLY C 124 -38.69 -24.35 -0.44
N TRP C 125 -39.74 -24.73 0.28
CA TRP C 125 -41.10 -24.68 -0.27
C TRP C 125 -41.77 -23.32 -0.04
N THR C 126 -41.02 -22.25 -0.31
CA THR C 126 -41.50 -20.88 -0.08
C THR C 126 -42.32 -20.41 -1.27
N PRO C 127 -43.59 -20.04 -1.10
CA PRO C 127 -44.34 -19.39 -2.19
C PRO C 127 -43.82 -17.98 -2.45
N ASP C 128 -44.28 -17.40 -3.56
CA ASP C 128 -43.87 -16.05 -3.95
C ASP C 128 -45.07 -15.31 -4.53
N TYR C 129 -45.64 -14.38 -3.76
CA TYR C 129 -46.77 -13.59 -4.21
C TYR C 129 -46.43 -12.64 -5.35
N ARG C 130 -45.14 -12.46 -5.65
CA ARG C 130 -44.73 -11.62 -6.77
C ARG C 130 -44.87 -12.31 -8.11
N LYS C 131 -45.08 -13.62 -8.12
CA LYS C 131 -45.22 -14.40 -9.36
C LYS C 131 -46.55 -15.16 -9.35
N PRO C 132 -47.67 -14.45 -9.24
CA PRO C 132 -48.97 -15.14 -9.24
C PRO C 132 -49.18 -15.92 -10.53
N GLY C 133 -49.59 -17.18 -10.38
CA GLY C 133 -49.84 -18.06 -11.51
C GLY C 133 -48.77 -19.12 -11.72
N GLU C 134 -47.55 -18.87 -11.27
CA GLU C 134 -46.50 -19.87 -11.38
C GLU C 134 -46.77 -21.05 -10.46
N ARG C 135 -46.28 -22.21 -10.87
CA ARG C 135 -46.23 -23.37 -9.99
C ARG C 135 -44.80 -23.91 -9.99
N ILE C 136 -44.47 -24.64 -8.93
CA ILE C 136 -43.13 -25.21 -8.74
C ILE C 136 -43.28 -26.72 -8.80
N ASP C 137 -42.91 -27.32 -9.94
CA ASP C 137 -43.25 -28.72 -10.16
C ASP C 137 -42.57 -29.64 -9.17
N TRP C 138 -41.37 -29.30 -8.69
CA TRP C 138 -40.63 -30.28 -7.90
C TRP C 138 -41.20 -30.47 -6.50
N TRP C 139 -42.02 -29.56 -5.98
CA TRP C 139 -42.69 -29.81 -4.69
C TRP C 139 -44.20 -29.56 -4.66
N TYR C 140 -44.77 -28.76 -5.56
CA TYR C 140 -46.22 -28.57 -5.57
C TYR C 140 -46.94 -29.91 -5.62
N HIS C 141 -48.12 -29.96 -4.99
CA HIS C 141 -49.06 -31.04 -5.25
C HIS C 141 -49.35 -31.11 -6.75
N ASN C 142 -49.58 -32.33 -7.23
CA ASN C 142 -50.10 -32.52 -8.57
C ASN C 142 -50.93 -33.81 -8.57
N LEU C 143 -51.79 -33.94 -9.58
CA LEU C 143 -52.74 -35.05 -9.60
C LEU C 143 -52.09 -36.40 -9.91
N GLY C 144 -50.76 -36.48 -10.01
CA GLY C 144 -50.12 -37.77 -10.18
C GLY C 144 -50.48 -38.75 -9.09
N SER C 145 -50.76 -38.25 -7.89
CA SER C 145 -51.17 -39.14 -6.80
C SER C 145 -52.52 -39.77 -7.08
N VAL C 146 -53.41 -39.06 -7.78
CA VAL C 146 -54.71 -39.62 -8.14
C VAL C 146 -54.55 -40.69 -9.21
N THR C 147 -53.73 -40.42 -10.24
CA THR C 147 -53.57 -41.38 -11.32
C THR C 147 -52.63 -42.53 -10.95
N GLY C 148 -51.80 -42.37 -9.92
CA GLY C 148 -50.89 -43.41 -9.50
C GLY C 148 -51.32 -44.19 -8.27
N ALA C 149 -52.57 -44.06 -7.83
CA ALA C 149 -53.02 -44.76 -6.64
C ALA C 149 -52.95 -46.27 -6.86
N GLY C 150 -52.75 -47.01 -5.77
CA GLY C 150 -52.65 -48.46 -5.89
C GLY C 150 -52.20 -49.14 -4.63
N VAL C 151 -51.50 -50.26 -4.81
CA VAL C 151 -51.17 -51.19 -3.74
C VAL C 151 -49.66 -51.42 -3.73
N ALA C 152 -49.06 -51.39 -2.54
CA ALA C 152 -47.66 -51.74 -2.37
C ALA C 152 -47.43 -52.11 -0.91
N GLU C 153 -46.43 -52.96 -0.67
CA GLU C 153 -46.18 -53.44 0.68
C GLU C 153 -45.22 -52.56 1.46
N ILE C 154 -44.52 -51.65 0.78
CA ILE C 154 -43.73 -50.63 1.45
C ILE C 154 -43.79 -49.36 0.62
N THR C 155 -43.81 -48.22 1.30
CA THR C 155 -43.72 -46.90 0.69
C THR C 155 -42.86 -46.04 1.59
N ASN C 156 -42.51 -44.85 1.11
CA ASN C 156 -41.84 -43.89 1.96
C ASN C 156 -42.63 -43.67 3.24
N GLN C 157 -43.94 -43.52 3.13
CA GLN C 157 -44.77 -43.17 4.28
C GLN C 157 -45.01 -44.36 5.20
N MET C 158 -45.13 -45.57 4.67
CA MET C 158 -45.29 -46.73 5.52
C MET C 158 -44.01 -47.07 6.25
N GLU C 159 -42.86 -46.89 5.60
CA GLU C 159 -41.60 -46.99 6.34
C GLU C 159 -41.60 -46.03 7.51
N TYR C 160 -41.98 -44.79 7.25
CA TYR C 160 -42.01 -43.77 8.29
C TYR C 160 -42.95 -44.16 9.42
N ASP C 161 -44.23 -44.40 9.08
CA ASP C 161 -45.23 -44.63 10.11
C ASP C 161 -44.99 -45.94 10.86
N ASP C 162 -44.57 -46.99 10.16
CA ASP C 162 -44.15 -48.21 10.86
C ASP C 162 -43.16 -47.88 11.96
N GLU C 163 -42.20 -47.01 11.66
CA GLU C 163 -41.17 -46.66 12.64
C GLU C 163 -41.72 -45.77 13.74
N VAL C 164 -42.54 -44.79 13.36
CA VAL C 164 -43.23 -43.96 14.34
C VAL C 164 -43.98 -44.83 15.34
N ALA C 165 -44.71 -45.82 14.83
CA ALA C 165 -45.50 -46.66 15.72
C ALA C 165 -44.62 -47.50 16.64
N PHE C 166 -43.59 -48.14 16.08
CA PHE C 166 -42.75 -48.98 16.93
C PHE C 166 -42.11 -48.16 18.05
N LEU C 167 -41.54 -47.01 17.71
CA LEU C 167 -40.83 -46.25 18.73
C LEU C 167 -41.78 -45.66 19.77
N ALA C 168 -43.02 -45.36 19.39
CA ALA C 168 -43.99 -44.86 20.36
C ALA C 168 -44.34 -45.96 21.37
N ASN C 169 -44.63 -47.17 20.88
CA ASN C 169 -44.92 -48.26 21.79
C ASN C 169 -43.71 -48.60 22.65
N GLN C 170 -42.51 -48.53 22.08
CA GLN C 170 -41.30 -48.75 22.87
C GLN C 170 -41.22 -47.73 24.01
N LYS C 171 -41.50 -46.46 23.70
CA LYS C 171 -41.43 -45.41 24.71
C LYS C 171 -42.47 -45.62 25.80
N LEU C 172 -43.68 -46.03 25.42
CA LEU C 172 -44.69 -46.36 26.43
C LEU C 172 -44.20 -47.47 27.35
N TYR C 173 -43.63 -48.53 26.78
CA TYR C 173 -43.04 -49.58 27.60
C TYR C 173 -41.95 -49.02 28.52
N GLN C 174 -41.08 -48.16 27.98
CA GLN C 174 -40.03 -47.57 28.80
C GLN C 174 -40.63 -46.73 29.92
N LEU C 175 -41.70 -45.99 29.62
CA LEU C 175 -42.33 -45.14 30.61
C LEU C 175 -43.03 -45.96 31.69
N SER C 176 -43.54 -47.14 31.34
CA SER C 176 -44.20 -47.98 32.34
C SER C 176 -43.24 -48.43 33.45
N ARG C 177 -41.94 -48.42 33.21
CA ARG C 177 -40.97 -48.84 34.22
C ARG C 177 -40.88 -47.84 35.37
N GLU C 178 -41.38 -46.62 35.20
CA GLU C 178 -41.44 -45.61 36.23
C GLU C 178 -42.76 -45.64 37.01
N ASN C 179 -43.68 -46.53 36.65
CA ASN C 179 -45.03 -46.48 37.20
C ASN C 179 -45.03 -46.57 38.73
N ASP C 180 -44.19 -47.42 39.30
CA ASP C 180 -44.16 -47.65 40.74
C ASP C 180 -43.39 -46.57 41.50
N ASP C 181 -42.93 -45.52 40.81
CA ASP C 181 -42.14 -44.47 41.42
C ASP C 181 -43.08 -43.32 41.78
N GLU C 182 -43.24 -43.08 43.09
CA GLU C 182 -44.10 -41.98 43.53
C GLU C 182 -43.60 -40.63 43.03
N SER C 183 -42.31 -40.51 42.70
CA SER C 183 -41.72 -39.27 42.25
C SER C 183 -41.65 -39.17 40.72
N ARG C 184 -42.33 -40.06 40.00
CA ARG C 184 -42.32 -40.03 38.55
C ARG C 184 -42.94 -38.74 38.03
N ARG C 185 -42.44 -38.26 36.88
CA ARG C 185 -43.16 -37.23 36.15
C ARG C 185 -44.29 -37.86 35.34
N PRO C 186 -45.46 -37.23 35.27
CA PRO C 186 -46.43 -37.66 34.26
C PRO C 186 -45.88 -37.39 32.87
N TRP C 187 -46.38 -38.12 31.88
CA TRP C 187 -45.83 -38.04 30.55
C TRP C 187 -46.88 -37.61 29.54
N CYS C 188 -46.41 -36.92 28.50
CA CYS C 188 -47.22 -36.57 27.36
C CYS C 188 -46.45 -36.99 26.12
N LEU C 189 -47.02 -37.92 25.36
CA LEU C 189 -46.39 -38.50 24.19
C LEU C 189 -47.27 -38.17 23.00
N THR C 190 -46.72 -37.47 22.02
CA THR C 190 -47.41 -37.20 20.77
C THR C 190 -46.91 -38.20 19.73
N VAL C 191 -47.84 -38.88 19.09
CA VAL C 191 -47.55 -39.89 18.08
C VAL C 191 -48.21 -39.40 16.80
N SER C 192 -47.40 -38.93 15.86
CA SER C 192 -47.89 -38.16 14.70
C SER C 192 -47.55 -38.90 13.41
N PHE C 193 -48.56 -39.51 12.80
CA PHE C 193 -48.40 -40.31 11.60
C PHE C 193 -48.58 -39.47 10.35
N THR C 194 -47.95 -39.90 9.26
CA THR C 194 -48.06 -39.20 7.99
C THR C 194 -49.27 -39.65 7.16
N HIS C 195 -49.73 -40.88 7.32
CA HIS C 195 -50.96 -41.29 6.66
C HIS C 195 -52.16 -40.57 7.29
N PRO C 196 -53.28 -40.47 6.58
CA PRO C 196 -53.57 -40.98 5.22
C PRO C 196 -53.20 -40.04 4.09
N HIS C 197 -52.32 -39.08 4.37
CA HIS C 197 -51.75 -38.20 3.37
C HIS C 197 -51.30 -39.03 2.16
N ASP C 198 -51.38 -38.43 0.96
CA ASP C 198 -50.98 -39.12 -0.25
C ASP C 198 -49.45 -39.24 -0.29
N PRO C 199 -48.90 -40.11 -1.17
CA PRO C 199 -49.51 -40.96 -2.21
C PRO C 199 -50.57 -41.93 -1.68
N TYR C 200 -51.63 -42.11 -2.45
CA TYR C 200 -52.73 -42.99 -2.07
C TYR C 200 -52.35 -44.43 -2.43
N VAL C 201 -51.47 -44.99 -1.59
CA VAL C 201 -50.91 -46.31 -1.84
C VAL C 201 -50.98 -47.10 -0.54
N ALA C 202 -51.55 -48.30 -0.60
CA ALA C 202 -51.86 -49.07 0.59
C ALA C 202 -51.33 -50.49 0.46
N ARG C 203 -51.12 -51.13 1.62
CA ARG C 203 -50.82 -52.55 1.66
C ARG C 203 -52.04 -53.36 1.24
N ARG C 204 -51.78 -54.49 0.57
CA ARG C 204 -52.87 -55.31 0.04
C ARG C 204 -53.87 -55.68 1.14
N LYS C 205 -53.36 -56.05 2.32
CA LYS C 205 -54.24 -56.44 3.41
C LYS C 205 -55.33 -55.41 3.67
N PHE C 206 -55.00 -54.12 3.65
CA PHE C 206 -55.98 -53.11 3.98
C PHE C 206 -56.78 -52.68 2.76
N TRP C 207 -56.18 -52.77 1.58
CA TRP C 207 -56.88 -52.47 0.34
C TRP C 207 -58.00 -53.48 0.08
N ASP C 208 -57.79 -54.73 0.46
CA ASP C 208 -58.81 -55.77 0.27
C ASP C 208 -60.03 -55.56 1.16
N LEU C 209 -59.90 -54.75 2.22
CA LEU C 209 -61.03 -54.51 3.11
C LEU C 209 -62.13 -53.68 2.45
N TYR C 210 -61.83 -53.00 1.34
CA TYR C 210 -62.76 -52.06 0.74
C TYR C 210 -63.17 -52.50 -0.66
N GLU C 211 -63.13 -53.81 -0.91
CA GLU C 211 -63.51 -54.35 -2.20
C GLU C 211 -64.94 -53.96 -2.57
N ASP C 212 -65.87 -54.08 -1.63
CA ASP C 212 -67.28 -53.77 -1.88
C ASP C 212 -67.64 -52.35 -1.47
N CYS C 213 -66.67 -51.46 -1.32
CA CYS C 213 -66.93 -50.15 -0.76
C CYS C 213 -67.90 -49.36 -1.62
N GLU C 214 -68.83 -48.67 -0.97
CA GLU C 214 -69.84 -47.89 -1.65
C GLU C 214 -69.57 -46.39 -1.63
N HIS C 215 -68.41 -45.97 -1.11
CA HIS C 215 -68.07 -44.56 -0.99
C HIS C 215 -66.86 -44.22 -1.85
N LEU C 216 -66.63 -44.96 -2.92
CA LEU C 216 -65.47 -44.75 -3.75
C LEU C 216 -65.64 -43.60 -4.73
N THR C 217 -66.81 -42.98 -4.79
CA THR C 217 -67.02 -41.79 -5.58
C THR C 217 -67.59 -40.67 -4.71
N PRO C 218 -67.11 -39.44 -4.88
CA PRO C 218 -67.70 -38.34 -4.12
C PRO C 218 -69.08 -37.99 -4.63
N GLU C 219 -69.93 -37.50 -3.73
CA GLU C 219 -71.30 -37.18 -4.10
C GLU C 219 -71.32 -35.94 -5.00
N VAL C 220 -70.49 -34.94 -4.70
CA VAL C 220 -70.34 -33.76 -5.53
C VAL C 220 -69.16 -34.00 -6.47
N GLY C 221 -69.44 -34.07 -7.77
CA GLY C 221 -68.44 -34.41 -8.76
C GLY C 221 -67.67 -33.19 -9.23
N ALA C 222 -66.90 -33.40 -10.30
CA ALA C 222 -65.97 -32.39 -10.76
C ALA C 222 -66.70 -31.20 -11.36
N ILE C 223 -66.37 -30.01 -10.84
CA ILE C 223 -66.87 -28.75 -11.39
C ILE C 223 -65.91 -28.32 -12.49
N PRO C 224 -66.38 -28.02 -13.69
CA PRO C 224 -65.45 -27.56 -14.74
C PRO C 224 -64.75 -26.29 -14.32
N LEU C 225 -63.55 -26.09 -14.88
CA LEU C 225 -62.73 -24.93 -14.51
C LEU C 225 -63.53 -23.63 -14.61
N ASP C 226 -64.24 -23.43 -15.73
CA ASP C 226 -64.92 -22.17 -15.98
C ASP C 226 -66.05 -21.92 -14.99
N GLU C 227 -66.56 -22.96 -14.33
CA GLU C 227 -67.60 -22.80 -13.34
C GLU C 227 -67.08 -22.78 -11.91
N GLN C 228 -65.78 -22.99 -11.71
CA GLN C 228 -65.21 -23.02 -10.37
C GLN C 228 -65.06 -21.61 -9.83
N ASP C 229 -65.15 -21.48 -8.51
CA ASP C 229 -64.83 -20.21 -7.89
C ASP C 229 -63.35 -19.90 -8.13
N PRO C 230 -62.94 -18.64 -8.00
CA PRO C 230 -61.55 -18.30 -8.38
C PRO C 230 -60.49 -19.06 -7.59
N HIS C 231 -60.67 -19.28 -6.28
CA HIS C 231 -59.65 -19.99 -5.51
C HIS C 231 -59.54 -21.43 -5.96
N SER C 232 -60.67 -22.13 -6.12
CA SER C 232 -60.64 -23.48 -6.64
C SER C 232 -59.94 -23.56 -7.99
N GLN C 233 -60.12 -22.53 -8.82
CA GLN C 233 -59.39 -22.47 -10.09
C GLN C 233 -57.89 -22.39 -9.85
N ARG C 234 -57.47 -21.59 -8.86
CA ARG C 234 -56.05 -21.48 -8.55
C ARG C 234 -55.49 -22.80 -8.06
N ILE C 235 -56.29 -23.58 -7.34
CA ILE C 235 -55.85 -24.88 -6.85
C ILE C 235 -55.69 -25.86 -8.00
N MET C 236 -56.66 -25.88 -8.93
CA MET C 236 -56.57 -26.80 -10.05
C MET C 236 -55.34 -26.49 -10.91
N LEU C 237 -55.07 -25.22 -11.16
CA LEU C 237 -53.88 -24.86 -11.92
C LEU C 237 -52.61 -25.23 -11.16
N SER C 238 -52.62 -25.10 -9.83
CA SER C 238 -51.43 -25.43 -9.05
C SER C 238 -51.20 -26.93 -9.02
N CYS C 239 -52.26 -27.73 -9.11
CA CYS C 239 -52.14 -29.18 -9.20
C CYS C 239 -51.84 -29.66 -10.61
N ASP C 240 -51.66 -28.76 -11.58
CA ASP C 240 -51.34 -29.15 -12.95
C ASP C 240 -52.44 -30.04 -13.54
N TYR C 241 -53.69 -29.71 -13.23
CA TYR C 241 -54.81 -30.58 -13.59
C TYR C 241 -54.87 -30.81 -15.09
N GLN C 242 -54.49 -29.82 -15.90
CA GLN C 242 -54.60 -29.93 -17.34
C GLN C 242 -53.75 -31.08 -17.88
N ASN C 243 -52.65 -31.40 -17.22
CA ASN C 243 -51.74 -32.44 -17.69
C ASN C 243 -52.08 -33.82 -17.15
N PHE C 244 -53.22 -33.99 -16.47
CA PHE C 244 -53.65 -35.29 -16.00
C PHE C 244 -55.06 -35.56 -16.47
N ASP C 245 -55.31 -36.80 -16.88
CA ASP C 245 -56.62 -37.28 -17.30
C ASP C 245 -57.14 -38.17 -16.17
N VAL C 246 -57.85 -37.56 -15.23
CA VAL C 246 -58.33 -38.25 -14.04
C VAL C 246 -59.63 -38.97 -14.40
N THR C 247 -59.55 -40.28 -14.54
CA THR C 247 -60.70 -41.11 -14.86
C THR C 247 -61.48 -41.44 -13.60
N GLU C 248 -62.72 -41.91 -13.80
CA GLU C 248 -63.52 -42.36 -12.66
C GLU C 248 -62.78 -43.45 -11.87
N GLU C 249 -62.02 -44.30 -12.57
CA GLU C 249 -61.32 -45.39 -11.90
C GLU C 249 -60.16 -44.85 -11.06
N ASN C 250 -59.49 -43.79 -11.52
CA ASN C 250 -58.49 -43.13 -10.69
C ASN C 250 -59.10 -42.63 -9.39
N VAL C 251 -60.28 -42.01 -9.47
CA VAL C 251 -60.94 -41.48 -8.28
C VAL C 251 -61.23 -42.60 -7.30
N ARG C 252 -61.77 -43.72 -7.80
CA ARG C 252 -62.14 -44.83 -6.93
C ARG C 252 -60.90 -45.46 -6.29
N ARG C 253 -59.82 -45.60 -7.06
CA ARG C 253 -58.60 -46.21 -6.52
C ARG C 253 -57.97 -45.32 -5.45
N SER C 254 -57.91 -44.02 -5.70
CA SER C 254 -57.38 -43.09 -4.71
C SER C 254 -58.18 -43.16 -3.42
N ARG C 255 -59.51 -43.10 -3.51
CA ARG C 255 -60.34 -43.13 -2.31
C ARG C 255 -60.23 -44.48 -1.61
N ARG C 256 -60.12 -45.56 -2.38
CA ARG C 256 -60.01 -46.88 -1.79
C ARG C 256 -58.72 -47.02 -0.99
N ALA C 257 -57.58 -46.65 -1.58
CA ALA C 257 -56.33 -46.72 -0.86
C ALA C 257 -56.34 -45.79 0.34
N TYR C 258 -56.95 -44.61 0.19
CA TYR C 258 -57.06 -43.67 1.30
C TYR C 258 -57.79 -44.31 2.48
N PHE C 259 -58.96 -44.89 2.22
CA PHE C 259 -59.68 -45.61 3.28
C PHE C 259 -58.83 -46.75 3.83
N ALA C 260 -58.17 -47.50 2.96
CA ALA C 260 -57.33 -48.60 3.42
C ALA C 260 -56.26 -48.07 4.39
N ASN C 261 -55.71 -46.90 4.11
CA ASN C 261 -54.67 -46.36 4.98
C ASN C 261 -55.23 -45.83 6.29
N ILE C 262 -56.51 -45.46 6.35
CA ILE C 262 -57.16 -45.25 7.65
C ILE C 262 -57.21 -46.56 8.42
N SER C 263 -57.47 -47.67 7.71
CA SER C 263 -57.46 -48.97 8.36
C SER C 263 -56.05 -49.35 8.80
N TYR C 264 -55.04 -49.01 7.99
CA TYR C 264 -53.65 -49.20 8.39
C TYR C 264 -53.36 -48.47 9.70
N LEU C 265 -53.84 -47.23 9.81
CA LEU C 265 -53.67 -46.47 11.05
C LEU C 265 -54.47 -47.08 12.19
N ASP C 266 -55.68 -47.59 11.91
CA ASP C 266 -56.49 -48.16 12.97
C ASP C 266 -55.77 -49.31 13.65
N GLU C 267 -55.04 -50.12 12.89
CA GLU C 267 -54.27 -51.19 13.49
C GLU C 267 -53.21 -50.64 14.44
N LYS C 268 -52.61 -49.51 14.07
CA LYS C 268 -51.61 -48.88 14.92
C LYS C 268 -52.24 -48.24 16.15
N VAL C 269 -53.47 -47.75 16.02
CA VAL C 269 -54.18 -47.25 17.21
C VAL C 269 -54.37 -48.38 18.21
N GLY C 270 -54.79 -49.55 17.72
CA GLY C 270 -55.00 -50.68 18.61
C GLY C 270 -53.72 -51.11 19.29
N GLU C 271 -52.59 -51.06 18.58
CA GLU C 271 -51.32 -51.40 19.20
C GLU C 271 -51.04 -50.51 20.40
N LEU C 272 -51.22 -49.19 20.23
CA LEU C 272 -50.97 -48.25 21.32
C LEU C 272 -51.90 -48.51 22.49
N ILE C 273 -53.19 -48.71 22.21
CA ILE C 273 -54.16 -49.02 23.26
C ILE C 273 -53.76 -50.31 23.98
N ASP C 274 -53.36 -51.32 23.20
CA ASP C 274 -52.89 -52.58 23.78
C ASP C 274 -51.70 -52.36 24.71
N THR C 275 -50.71 -51.59 24.26
CA THR C 275 -49.56 -51.31 25.14
C THR C 275 -50.01 -50.59 26.40
N LEU C 276 -50.90 -49.60 26.27
CA LEU C 276 -51.39 -48.92 27.46
C LEU C 276 -52.12 -49.88 28.39
N THR C 277 -52.84 -50.84 27.82
CA THR C 277 -53.63 -51.75 28.65
C THR C 277 -52.72 -52.67 29.44
N ARG C 278 -51.78 -53.32 28.76
CA ARG C 278 -50.93 -54.31 29.42
C ARG C 278 -49.91 -53.66 30.35
N THR C 279 -49.56 -52.40 30.13
CA THR C 279 -48.67 -51.71 31.07
C THR C 279 -49.43 -51.13 32.26
N ARG C 280 -50.76 -51.24 32.28
CA ARG C 280 -51.57 -50.73 33.38
C ARG C 280 -51.49 -49.21 33.47
N MET C 281 -51.37 -48.53 32.33
CA MET C 281 -51.40 -47.07 32.27
C MET C 281 -52.68 -46.53 31.66
N LEU C 282 -53.52 -47.38 31.07
CA LEU C 282 -54.68 -46.92 30.31
C LEU C 282 -55.59 -46.03 31.15
N ASP C 283 -55.92 -46.47 32.37
CA ASP C 283 -56.91 -45.80 33.18
C ASP C 283 -56.43 -44.44 33.68
N ASP C 284 -55.13 -44.16 33.60
CA ASP C 284 -54.58 -42.87 34.01
C ASP C 284 -54.15 -42.01 32.83
N THR C 285 -54.59 -42.36 31.62
CA THR C 285 -54.08 -41.73 30.40
C THR C 285 -55.22 -41.11 29.60
N LEU C 286 -55.13 -39.80 29.35
CA LEU C 286 -55.98 -39.14 28.38
C LEU C 286 -55.50 -39.46 26.97
N ILE C 287 -56.44 -39.72 26.07
CA ILE C 287 -56.13 -40.03 24.68
C ILE C 287 -56.85 -39.03 23.78
N LEU C 288 -56.09 -38.27 23.00
CA LEU C 288 -56.62 -37.36 21.99
C LEU C 288 -56.32 -37.89 20.60
N PHE C 289 -57.32 -37.85 19.72
CA PHE C 289 -57.16 -38.15 18.31
C PHE C 289 -57.44 -36.89 17.49
N CYS C 290 -56.51 -36.53 16.60
CA CYS C 290 -56.59 -35.25 15.90
C CYS C 290 -55.89 -35.37 14.54
N SER C 291 -56.07 -34.34 13.72
CA SER C 291 -55.40 -34.25 12.44
C SER C 291 -55.10 -32.78 12.15
N ASP C 292 -54.16 -32.55 11.21
CA ASP C 292 -53.76 -31.19 10.90
C ASP C 292 -54.70 -30.50 9.90
N HIS C 293 -55.13 -31.22 8.87
CA HIS C 293 -56.09 -30.71 7.89
C HIS C 293 -56.73 -31.91 7.22
N GLY C 294 -57.62 -31.65 6.28
CA GLY C 294 -58.37 -32.68 5.60
C GLY C 294 -57.86 -32.95 4.20
N ASP C 295 -58.71 -33.61 3.41
CA ASP C 295 -58.43 -33.95 2.02
C ASP C 295 -59.74 -33.94 1.27
N MET C 296 -59.83 -33.16 0.18
CA MET C 296 -61.09 -33.08 -0.56
C MET C 296 -61.48 -34.42 -1.17
N LEU C 297 -60.49 -35.27 -1.49
CA LEU C 297 -60.76 -36.62 -2.00
C LEU C 297 -61.63 -36.60 -3.26
N GLY C 298 -61.37 -35.65 -4.15
CA GLY C 298 -62.09 -35.57 -5.39
C GLY C 298 -63.42 -34.85 -5.32
N GLU C 299 -63.92 -34.52 -4.13
CA GLU C 299 -65.15 -33.76 -4.04
C GLU C 299 -64.98 -32.42 -4.76
N ARG C 300 -65.98 -32.05 -5.54
CA ARG C 300 -65.98 -30.85 -6.36
C ARG C 300 -64.92 -30.90 -7.46
N GLY C 301 -64.31 -32.06 -7.69
CA GLY C 301 -63.17 -32.15 -8.57
C GLY C 301 -61.83 -31.84 -7.91
N LEU C 302 -61.81 -31.50 -6.63
CA LEU C 302 -60.58 -31.09 -5.96
C LEU C 302 -59.98 -32.23 -5.15
N TRP C 303 -58.65 -32.17 -4.99
CA TRP C 303 -57.91 -33.10 -4.16
C TRP C 303 -57.05 -32.33 -3.17
N PHE C 304 -56.68 -33.00 -2.08
CA PHE C 304 -55.77 -32.42 -1.09
C PHE C 304 -56.46 -31.32 -0.29
N LYS C 305 -55.76 -30.23 0.02
CA LYS C 305 -56.29 -29.26 0.97
C LYS C 305 -56.17 -27.86 0.38
N MET C 306 -55.64 -26.89 1.13
CA MET C 306 -55.42 -25.54 0.64
C MET C 306 -56.71 -24.74 0.43
N ASN C 307 -57.84 -25.18 0.99
CA ASN C 307 -59.06 -24.40 0.88
C ASN C 307 -59.90 -24.62 2.12
N PHE C 308 -60.97 -23.84 2.24
CA PHE C 308 -61.83 -23.86 3.41
C PHE C 308 -63.12 -24.69 3.21
N PHE C 309 -63.26 -25.37 2.09
CA PHE C 309 -64.38 -26.30 1.94
C PHE C 309 -64.30 -27.39 3.00
N GLU C 310 -65.44 -28.04 3.24
CA GLU C 310 -65.56 -28.94 4.40
C GLU C 310 -64.54 -30.07 4.35
N GLY C 311 -64.33 -30.68 3.18
CA GLY C 311 -63.45 -31.84 3.12
C GLY C 311 -62.02 -31.52 3.48
N SER C 312 -61.58 -30.30 3.16
CA SER C 312 -60.24 -29.82 3.42
C SER C 312 -60.07 -29.21 4.81
N ALA C 313 -61.10 -28.55 5.34
CA ALA C 313 -60.98 -27.80 6.57
C ALA C 313 -61.46 -28.56 7.79
N ARG C 314 -62.37 -29.52 7.62
CA ARG C 314 -62.81 -30.37 8.71
C ARG C 314 -61.76 -31.41 9.03
N VAL C 315 -61.47 -31.58 10.32
CA VAL C 315 -60.62 -32.68 10.81
C VAL C 315 -61.22 -33.23 12.10
N PRO C 316 -61.08 -34.53 12.32
CA PRO C 316 -61.65 -35.12 13.54
C PRO C 316 -60.95 -34.59 14.79
N LEU C 317 -61.67 -34.66 15.90
CA LEU C 317 -61.11 -34.40 17.23
C LEU C 317 -61.91 -35.20 18.24
N MET C 318 -61.20 -35.99 19.06
CA MET C 318 -61.81 -36.78 20.11
C MET C 318 -60.89 -36.77 21.33
N ILE C 319 -61.50 -36.86 22.51
CA ILE C 319 -60.78 -36.87 23.78
C ILE C 319 -61.42 -37.94 24.66
N ALA C 320 -60.60 -38.81 25.25
CA ALA C 320 -61.09 -39.86 26.12
C ALA C 320 -60.18 -39.97 27.33
N GLY C 321 -60.71 -40.59 28.39
CA GLY C 321 -59.91 -40.93 29.54
C GLY C 321 -60.49 -40.42 30.86
N PRO C 322 -59.66 -40.42 31.91
CA PRO C 322 -60.16 -40.02 33.23
C PRO C 322 -60.77 -38.63 33.22
N GLY C 323 -62.00 -38.54 33.72
CA GLY C 323 -62.70 -37.28 33.83
C GLY C 323 -63.40 -36.81 32.57
N ILE C 324 -63.40 -37.59 31.50
CA ILE C 324 -63.94 -37.16 30.22
C ILE C 324 -65.26 -37.92 30.02
N ALA C 325 -66.35 -37.18 30.00
CA ALA C 325 -67.66 -37.79 29.76
C ALA C 325 -67.83 -38.03 28.26
N PRO C 326 -68.20 -39.24 27.83
CA PRO C 326 -68.38 -39.48 26.40
C PRO C 326 -69.60 -38.72 25.87
N GLY C 327 -69.58 -38.47 24.56
CA GLY C 327 -70.70 -37.79 23.94
C GLY C 327 -70.28 -37.06 22.67
N LEU C 328 -71.29 -36.74 21.87
CA LEU C 328 -71.11 -36.09 20.58
C LEU C 328 -71.43 -34.61 20.71
N HIS C 329 -70.52 -33.77 20.21
CA HIS C 329 -70.67 -32.31 20.27
C HIS C 329 -70.73 -31.77 18.86
N LEU C 330 -71.74 -30.93 18.59
CA LEU C 330 -71.98 -30.40 17.25
C LEU C 330 -71.53 -28.95 17.09
N THR C 331 -71.35 -28.21 18.18
CA THR C 331 -70.90 -26.83 18.07
C THR C 331 -69.51 -26.79 17.44
N PRO C 332 -69.26 -25.88 16.50
CA PRO C 332 -67.95 -25.83 15.84
C PRO C 332 -66.81 -25.57 16.82
N THR C 333 -65.74 -26.34 16.65
CA THR C 333 -64.50 -26.22 17.42
C THR C 333 -63.33 -26.14 16.45
N SER C 334 -62.13 -25.96 16.97
CA SER C 334 -60.97 -25.96 16.07
C SER C 334 -59.72 -26.47 16.78
N ASN C 335 -58.73 -26.77 15.94
CA ASN C 335 -57.42 -27.19 16.42
C ASN C 335 -56.78 -26.14 17.33
N LEU C 336 -57.15 -24.86 17.17
CA LEU C 336 -56.67 -23.83 18.09
C LEU C 336 -57.00 -24.16 19.53
N ASP C 337 -58.05 -24.94 19.77
CA ASP C 337 -58.51 -25.24 21.12
C ASP C 337 -57.70 -26.36 21.78
N VAL C 338 -56.90 -27.10 21.03
CA VAL C 338 -56.23 -28.27 21.60
C VAL C 338 -55.23 -27.86 22.68
N THR C 339 -54.39 -26.86 22.40
CA THR C 339 -53.37 -26.51 23.39
C THR C 339 -53.98 -25.96 24.69
N PRO C 340 -54.96 -25.06 24.66
CA PRO C 340 -55.57 -24.69 25.96
C PRO C 340 -56.36 -25.81 26.59
N THR C 341 -56.94 -26.73 25.81
CA THR C 341 -57.58 -27.91 26.40
C THR C 341 -56.57 -28.79 27.11
N LEU C 342 -55.40 -28.99 26.50
CA LEU C 342 -54.36 -29.80 27.12
C LEU C 342 -53.90 -29.18 28.43
N ALA C 343 -53.64 -27.88 28.43
CA ALA C 343 -53.21 -27.21 29.65
C ALA C 343 -54.24 -27.38 30.76
N ASP C 344 -55.51 -27.19 30.41
CA ASP C 344 -56.61 -27.34 31.36
C ASP C 344 -56.64 -28.75 31.95
N LEU C 345 -56.60 -29.76 31.08
CA LEU C 345 -56.61 -31.14 31.56
C LEU C 345 -55.43 -31.42 32.48
N ALA C 346 -54.32 -30.73 32.29
CA ALA C 346 -53.12 -30.95 33.09
C ALA C 346 -53.11 -30.12 34.37
N GLY C 347 -54.20 -29.40 34.67
CA GLY C 347 -54.26 -28.61 35.89
C GLY C 347 -53.61 -27.26 35.81
N ILE C 348 -53.30 -26.77 34.62
CA ILE C 348 -52.66 -25.47 34.48
C ILE C 348 -53.73 -24.40 34.53
N SER C 349 -53.47 -23.34 35.29
CA SER C 349 -54.45 -22.26 35.41
C SER C 349 -54.67 -21.58 34.07
N LEU C 350 -55.91 -21.14 33.86
CA LEU C 350 -56.25 -20.38 32.67
C LEU C 350 -55.36 -19.16 32.52
N GLU C 351 -54.99 -18.54 33.64
CA GLU C 351 -54.18 -17.33 33.59
C GLU C 351 -52.80 -17.60 33.01
N GLU C 352 -52.22 -18.78 33.29
CA GLU C 352 -50.88 -19.07 32.79
C GLU C 352 -50.85 -19.20 31.27
N VAL C 353 -51.96 -19.60 30.65
CA VAL C 353 -51.98 -19.81 29.20
C VAL C 353 -52.75 -18.73 28.44
N ARG C 354 -53.54 -17.90 29.13
CA ARG C 354 -54.31 -16.85 28.45
C ARG C 354 -53.48 -16.00 27.49
N PRO C 355 -52.31 -15.48 27.86
CA PRO C 355 -51.58 -14.58 26.94
C PRO C 355 -51.01 -15.28 25.72
N TRP C 356 -51.01 -16.62 25.68
CA TRP C 356 -50.29 -17.38 24.67
C TRP C 356 -51.19 -18.17 23.75
N THR C 357 -52.51 -18.16 23.97
CA THR C 357 -53.41 -18.97 23.17
C THR C 357 -54.59 -18.13 22.71
N ASP C 358 -54.97 -18.31 21.45
CA ASP C 358 -56.12 -17.65 20.85
C ASP C 358 -57.39 -18.50 20.92
N GLY C 359 -57.28 -19.78 21.27
CA GLY C 359 -58.42 -20.67 21.36
C GLY C 359 -59.00 -20.74 22.77
N VAL C 360 -59.85 -21.73 22.97
CA VAL C 360 -60.51 -21.93 24.26
C VAL C 360 -60.42 -23.39 24.64
N SER C 361 -60.37 -23.65 25.94
CA SER C 361 -60.44 -25.02 26.44
C SER C 361 -61.78 -25.63 26.08
N LEU C 362 -61.75 -26.89 25.65
CA LEU C 362 -62.97 -27.65 25.40
C LEU C 362 -63.45 -28.44 26.60
N VAL C 363 -62.72 -28.33 27.72
CA VAL C 363 -63.10 -29.04 28.94
C VAL C 363 -64.53 -28.69 29.33
N PRO C 364 -64.81 -27.33 29.43
CA PRO C 364 -66.21 -27.04 29.81
C PRO C 364 -67.20 -27.73 28.88
N MET C 365 -66.92 -27.72 27.58
CA MET C 365 -67.81 -28.35 26.61
C MET C 365 -68.05 -29.80 27.00
N VAL C 366 -66.98 -30.50 27.33
CA VAL C 366 -67.08 -31.91 27.73
C VAL C 366 -68.00 -32.08 28.91
N ASN C 367 -68.03 -31.09 29.81
CA ASN C 367 -68.84 -31.14 31.01
C ASN C 367 -70.17 -30.40 30.86
N GLY C 368 -70.65 -30.23 29.63
CA GLY C 368 -71.99 -29.76 29.37
C GLY C 368 -72.12 -28.28 29.06
N VAL C 369 -71.05 -27.50 29.15
CA VAL C 369 -71.15 -26.05 28.99
C VAL C 369 -71.28 -25.69 27.52
N GLU C 370 -72.22 -24.82 27.21
CA GLU C 370 -72.37 -24.29 25.86
C GLU C 370 -71.17 -23.42 25.47
N ARG C 371 -70.70 -23.60 24.24
CA ARG C 371 -69.59 -22.83 23.71
C ARG C 371 -70.13 -21.90 22.63
N THR C 372 -69.72 -20.63 22.68
CA THR C 372 -70.17 -19.63 21.73
C THR C 372 -69.07 -19.05 20.85
N GLU C 373 -67.80 -19.20 21.20
CA GLU C 373 -66.75 -18.54 20.45
C GLU C 373 -66.73 -19.05 19.00
N PRO C 374 -66.58 -18.17 18.02
CA PRO C 374 -66.47 -18.62 16.63
C PRO C 374 -65.15 -19.32 16.35
N VAL C 375 -65.08 -19.94 15.17
CA VAL C 375 -63.90 -20.62 14.68
C VAL C 375 -63.32 -19.81 13.52
N LEU C 376 -62.04 -19.45 13.62
CA LEU C 376 -61.37 -18.68 12.59
C LEU C 376 -60.34 -19.55 11.87
N MET C 377 -60.20 -19.32 10.56
CA MET C 377 -59.19 -20.00 9.76
C MET C 377 -58.48 -18.99 8.86
N GLU C 378 -57.24 -19.32 8.50
CA GLU C 378 -56.43 -18.50 7.61
C GLU C 378 -55.71 -19.39 6.62
N TYR C 379 -55.40 -18.83 5.46
CA TYR C 379 -54.59 -19.51 4.46
C TYR C 379 -53.80 -18.48 3.67
N ALA C 380 -52.49 -18.73 3.49
CA ALA C 380 -51.63 -17.75 2.81
C ALA C 380 -50.44 -18.44 2.14
N ALA C 381 -50.66 -19.61 1.53
CA ALA C 381 -49.57 -20.33 0.88
C ALA C 381 -49.86 -20.60 -0.59
N GLU C 382 -49.33 -21.68 -1.15
CA GLU C 382 -49.47 -21.92 -2.58
C GLU C 382 -50.95 -21.95 -2.98
N ALA C 383 -51.22 -21.44 -4.18
CA ALA C 383 -52.55 -21.31 -4.77
C ALA C 383 -53.31 -20.12 -4.21
N SER C 384 -52.79 -19.42 -3.21
CA SER C 384 -53.26 -18.08 -2.88
C SER C 384 -52.35 -17.06 -3.53
N TYR C 385 -52.94 -15.96 -4.01
CA TYR C 385 -52.20 -14.79 -4.46
C TYR C 385 -52.30 -13.65 -3.46
N ALA C 386 -53.19 -13.79 -2.48
CA ALA C 386 -53.30 -12.92 -1.32
C ALA C 386 -53.97 -13.74 -0.23
N PRO C 387 -53.81 -13.36 1.03
CA PRO C 387 -54.29 -14.25 2.10
C PRO C 387 -55.80 -14.40 2.06
N LEU C 388 -56.26 -15.58 2.48
CA LEU C 388 -57.68 -15.85 2.67
C LEU C 388 -57.96 -16.09 4.15
N VAL C 389 -59.15 -15.67 4.59
CA VAL C 389 -59.58 -15.88 5.97
C VAL C 389 -60.98 -16.44 5.95
N ALA C 390 -61.30 -17.22 6.98
CA ALA C 390 -62.63 -17.79 7.09
C ALA C 390 -63.13 -17.65 8.52
N ILE C 391 -64.45 -17.60 8.65
CA ILE C 391 -65.13 -17.52 9.93
C ILE C 391 -66.21 -18.60 9.92
N ARG C 392 -66.24 -19.40 10.97
CA ARG C 392 -67.24 -20.45 11.14
C ARG C 392 -67.91 -20.21 12.48
N GLU C 393 -69.23 -19.93 12.44
CA GLU C 393 -70.01 -19.62 13.62
C GLU C 393 -71.43 -20.11 13.42
N GLY C 394 -71.99 -20.78 14.42
CA GLY C 394 -73.30 -21.38 14.29
C GLY C 394 -73.36 -22.27 13.08
N LYS C 395 -74.37 -22.06 12.23
CA LYS C 395 -74.54 -22.84 11.02
C LYS C 395 -73.82 -22.24 9.82
N TRP C 396 -73.08 -21.15 9.99
CA TRP C 396 -72.54 -20.36 8.88
C TRP C 396 -71.04 -20.57 8.68
N LYS C 397 -70.61 -20.49 7.42
CA LYS C 397 -69.21 -20.35 7.06
C LYS C 397 -69.06 -19.18 6.09
N TYR C 398 -68.14 -18.28 6.39
CA TYR C 398 -67.86 -17.11 5.58
C TYR C 398 -66.38 -17.12 5.18
N VAL C 399 -66.11 -16.89 3.90
CA VAL C 399 -64.75 -16.93 3.35
C VAL C 399 -64.49 -15.64 2.60
N TYR C 400 -63.35 -15.00 2.90
CA TYR C 400 -62.99 -13.71 2.32
C TYR C 400 -61.58 -13.77 1.76
N CYS C 401 -61.42 -13.24 0.55
CA CYS C 401 -60.14 -12.89 -0.03
C CYS C 401 -60.34 -11.61 -0.82
N ALA C 402 -59.40 -10.67 -0.67
CA ALA C 402 -59.54 -9.35 -1.30
C ALA C 402 -59.73 -9.48 -2.82
N LEU C 403 -59.21 -10.54 -3.41
CA LEU C 403 -59.21 -10.70 -4.85
C LEU C 403 -60.40 -11.51 -5.37
N ASP C 404 -61.20 -12.10 -4.49
CA ASP C 404 -62.24 -13.04 -4.89
C ASP C 404 -63.61 -12.58 -4.44
N PRO C 405 -64.68 -13.06 -5.09
CA PRO C 405 -66.02 -12.93 -4.50
C PRO C 405 -66.09 -13.61 -3.15
N GLU C 406 -66.77 -12.95 -2.21
CA GLU C 406 -67.04 -13.59 -0.93
C GLU C 406 -67.83 -14.87 -1.12
N GLN C 407 -67.68 -15.78 -0.15
CA GLN C 407 -68.49 -16.99 -0.07
C GLN C 407 -69.16 -17.05 1.29
N LEU C 408 -70.43 -17.44 1.29
CA LEU C 408 -71.18 -17.62 2.52
C LEU C 408 -72.05 -18.86 2.37
N PHE C 409 -71.95 -19.77 3.32
CA PHE C 409 -72.66 -21.04 3.27
C PHE C 409 -73.46 -21.26 4.54
N ASP C 410 -74.67 -21.80 4.37
CA ASP C 410 -75.52 -22.27 5.44
C ASP C 410 -75.35 -23.79 5.47
N LEU C 411 -74.50 -24.27 6.38
CA LEU C 411 -74.15 -25.68 6.39
C LEU C 411 -75.30 -26.55 6.90
N GLU C 412 -76.22 -25.97 7.64
CA GLU C 412 -77.43 -26.68 8.05
C GLU C 412 -78.31 -26.99 6.85
N ALA C 413 -78.61 -25.98 6.02
CA ALA C 413 -79.43 -26.20 4.84
C ALA C 413 -78.65 -26.72 3.65
N ASP C 414 -77.32 -26.54 3.65
CA ASP C 414 -76.51 -26.75 2.45
C ASP C 414 -75.16 -27.32 2.86
N PRO C 415 -75.14 -28.55 3.39
CA PRO C 415 -73.90 -29.10 3.94
C PRO C 415 -72.84 -29.40 2.89
N LEU C 416 -73.21 -29.48 1.62
CA LEU C 416 -72.26 -29.67 0.53
C LEU C 416 -71.82 -28.35 -0.09
N GLU C 417 -72.25 -27.22 0.48
CA GLU C 417 -71.73 -25.92 0.08
C GLU C 417 -71.88 -25.71 -1.43
N LEU C 418 -73.09 -25.96 -1.93
CA LEU C 418 -73.39 -25.80 -3.35
C LEU C 418 -74.01 -24.44 -3.67
N THR C 419 -74.50 -23.70 -2.68
CA THR C 419 -75.16 -22.41 -2.91
C THR C 419 -74.46 -21.33 -2.12
N ASN C 420 -73.82 -20.41 -2.84
CA ASN C 420 -73.12 -19.28 -2.24
C ASN C 420 -74.13 -18.18 -1.95
N LEU C 421 -74.46 -18.00 -0.68
CA LEU C 421 -75.47 -17.04 -0.27
C LEU C 421 -75.00 -15.60 -0.40
N ALA C 422 -73.69 -15.37 -0.45
CA ALA C 422 -73.21 -14.01 -0.68
C ALA C 422 -73.51 -13.57 -2.11
N GLU C 423 -73.47 -14.51 -3.05
CA GLU C 423 -73.89 -14.23 -4.41
C GLU C 423 -75.40 -14.36 -4.58
N ASN C 424 -76.01 -15.35 -3.91
CA ASN C 424 -77.42 -15.70 -4.11
C ASN C 424 -78.14 -15.76 -2.77
N PRO C 425 -78.31 -14.62 -2.11
CA PRO C 425 -78.98 -14.66 -0.80
C PRO C 425 -80.42 -15.08 -0.94
N ARG C 426 -80.90 -15.83 0.05
CA ARG C 426 -82.27 -16.31 0.04
C ARG C 426 -83.27 -15.25 0.48
N GLY C 427 -82.79 -14.19 1.12
CA GLY C 427 -83.65 -13.19 1.69
C GLY C 427 -82.86 -12.23 2.57
N PRO C 428 -83.57 -11.36 3.28
CA PRO C 428 -82.88 -10.32 4.05
C PRO C 428 -82.02 -10.87 5.18
N VAL C 429 -82.40 -11.99 5.79
CA VAL C 429 -81.58 -12.57 6.85
C VAL C 429 -80.19 -12.91 6.32
N ASP C 430 -80.12 -13.50 5.12
CA ASP C 430 -78.83 -13.81 4.51
C ASP C 430 -78.02 -12.55 4.24
N GLN C 431 -78.69 -11.46 3.86
CA GLN C 431 -77.99 -10.20 3.62
C GLN C 431 -77.46 -9.62 4.92
N ALA C 432 -78.30 -9.57 5.96
CA ALA C 432 -77.83 -9.09 7.26
C ALA C 432 -76.69 -9.95 7.78
N THR C 433 -76.76 -11.26 7.56
CA THR C 433 -75.72 -12.18 7.99
C THR C 433 -74.39 -11.85 7.31
N LEU C 434 -74.42 -11.66 6.00
CA LEU C 434 -73.21 -11.28 5.27
C LEU C 434 -72.61 -10.01 5.86
N THR C 435 -73.44 -9.00 6.11
CA THR C 435 -72.95 -7.75 6.66
C THR C 435 -72.31 -7.97 8.03
N ALA C 436 -72.97 -8.76 8.89
CA ALA C 436 -72.39 -9.07 10.18
C ALA C 436 -71.01 -9.72 10.04
N PHE C 437 -70.86 -10.61 9.05
CA PHE C 437 -69.57 -11.30 8.88
C PHE C 437 -68.51 -10.36 8.32
N ARG C 438 -68.89 -9.46 7.41
CA ARG C 438 -67.95 -8.47 6.91
C ARG C 438 -67.42 -7.59 8.03
N ASP C 439 -68.32 -7.11 8.90
CA ASP C 439 -67.89 -6.27 10.00
C ASP C 439 -66.98 -7.03 10.95
N MET C 440 -67.30 -8.31 11.16
CA MET C 440 -66.50 -9.13 12.06
C MET C 440 -65.15 -9.47 11.46
N ARG C 441 -65.12 -9.75 10.16
CA ARG C 441 -63.84 -9.95 9.48
C ARG C 441 -62.98 -8.69 9.58
N ALA C 442 -63.59 -7.53 9.33
CA ALA C 442 -62.84 -6.28 9.32
C ALA C 442 -62.30 -5.91 10.71
N ALA C 443 -62.98 -6.35 11.77
CA ALA C 443 -62.49 -6.12 13.13
C ALA C 443 -61.40 -7.10 13.55
N HIS C 444 -61.34 -8.28 12.93
CA HIS C 444 -60.33 -9.26 13.32
C HIS C 444 -59.07 -9.17 12.46
N TRP C 445 -59.20 -8.86 11.18
CA TRP C 445 -58.08 -8.84 10.25
C TRP C 445 -57.99 -7.51 9.52
N ASP C 446 -56.78 -6.95 9.42
CA ASP C 446 -56.47 -6.02 8.34
C ASP C 446 -55.81 -6.85 7.26
N MET C 447 -56.55 -7.12 6.19
CA MET C 447 -56.07 -8.01 5.14
C MET C 447 -54.94 -7.39 4.31
N GLU C 448 -54.84 -6.06 4.28
CA GLU C 448 -53.71 -5.44 3.59
C GLU C 448 -52.43 -5.56 4.42
N ALA C 449 -52.54 -5.37 5.74
CA ALA C 449 -51.40 -5.61 6.62
C ALA C 449 -51.01 -7.08 6.60
N PHE C 450 -52.01 -7.97 6.58
CA PHE C 450 -51.74 -9.40 6.47
C PHE C 450 -50.94 -9.72 5.21
N ASP C 451 -51.36 -9.15 4.07
CA ASP C 451 -50.67 -9.40 2.81
C ASP C 451 -49.24 -8.88 2.83
N ALA C 452 -49.03 -7.69 3.39
CA ALA C 452 -47.68 -7.12 3.46
C ALA C 452 -46.77 -7.99 4.34
N ALA C 453 -47.31 -8.52 5.44
CA ALA C 453 -46.51 -9.37 6.31
C ALA C 453 -46.10 -10.66 5.60
N VAL C 454 -47.02 -11.23 4.81
CA VAL C 454 -46.71 -12.48 4.10
C VAL C 454 -45.65 -12.23 3.04
N ARG C 455 -45.75 -11.12 2.32
CA ARG C 455 -44.80 -10.83 1.25
C ARG C 455 -43.40 -10.58 1.79
N GLU C 456 -43.29 -9.88 2.93
CA GLU C 456 -41.99 -9.67 3.55
C GLU C 456 -41.36 -10.98 3.96
N SER C 457 -42.16 -11.89 4.52
CA SER C 457 -41.64 -13.17 4.96
C SER C 457 -41.13 -13.99 3.78
N GLN C 458 -41.86 -13.95 2.65
CA GLN C 458 -41.42 -14.66 1.47
C GLN C 458 -40.13 -14.07 0.92
N ALA C 459 -40.06 -12.76 0.82
CA ALA C 459 -38.90 -12.12 0.23
C ALA C 459 -37.66 -12.36 1.06
N ARG C 460 -37.79 -12.20 2.37
CA ARG C 460 -36.71 -12.56 3.30
C ARG C 460 -36.15 -13.93 2.97
N ARG C 461 -37.02 -14.94 2.92
CA ARG C 461 -36.56 -16.31 2.76
C ARG C 461 -35.96 -16.57 1.39
N TRP C 462 -36.40 -15.86 0.36
CA TRP C 462 -35.81 -16.08 -0.96
C TRP C 462 -34.37 -15.59 -0.99
N VAL C 463 -34.07 -14.49 -0.31
CA VAL C 463 -32.69 -14.06 -0.17
C VAL C 463 -31.89 -15.11 0.59
N VAL C 464 -32.38 -15.48 1.78
CA VAL C 464 -31.63 -16.37 2.66
C VAL C 464 -31.47 -17.74 2.02
N TYR C 465 -32.55 -18.32 1.49
CA TYR C 465 -32.48 -19.70 1.03
C TYR C 465 -31.52 -19.86 -0.15
N GLU C 466 -31.50 -18.87 -1.05
CA GLU C 466 -30.55 -18.96 -2.17
C GLU C 466 -29.12 -19.05 -1.64
N ALA C 467 -28.79 -18.23 -0.64
CA ALA C 467 -27.47 -18.31 -0.02
C ALA C 467 -27.22 -19.68 0.60
N LEU C 468 -28.18 -20.19 1.38
CA LEU C 468 -27.95 -21.45 2.08
C LEU C 468 -27.81 -22.64 1.14
N ARG C 469 -28.28 -22.53 -0.09
CA ARG C 469 -28.08 -23.58 -1.07
C ARG C 469 -26.85 -23.33 -1.95
N ASN C 470 -25.99 -22.40 -1.58
CA ASN C 470 -24.67 -22.28 -2.19
C ASN C 470 -23.62 -22.84 -1.23
N GLY C 471 -22.65 -23.55 -1.80
CA GLY C 471 -21.62 -24.14 -0.97
C GLY C 471 -22.12 -25.34 -0.20
N ALA C 472 -21.38 -25.70 0.83
CA ALA C 472 -21.74 -26.85 1.66
C ALA C 472 -23.05 -26.58 2.37
N TYR C 473 -23.96 -27.55 2.32
CA TYR C 473 -25.27 -27.40 2.93
C TYR C 473 -25.23 -27.85 4.39
N TYR C 474 -25.84 -27.05 5.28
CA TYR C 474 -25.97 -27.41 6.68
C TYR C 474 -27.40 -27.82 6.99
N PRO C 475 -27.69 -29.11 7.15
CA PRO C 475 -29.07 -29.54 7.37
C PRO C 475 -29.55 -29.29 8.79
N TRP C 476 -30.85 -29.04 8.89
CA TRP C 476 -31.53 -28.81 10.15
C TRP C 476 -32.39 -30.01 10.56
N ASP C 477 -32.37 -31.09 9.79
CA ASP C 477 -33.20 -32.23 10.11
C ASP C 477 -32.87 -32.76 11.50
N HIS C 478 -33.91 -33.15 12.23
CA HIS C 478 -33.68 -33.70 13.57
C HIS C 478 -33.01 -35.06 13.47
N GLN C 479 -31.99 -35.25 14.31
CA GLN C 479 -31.32 -36.55 14.44
C GLN C 479 -31.57 -37.11 15.83
N PRO C 480 -32.39 -38.15 15.98
CA PRO C 480 -32.63 -38.70 17.32
C PRO C 480 -31.32 -39.08 18.01
N LEU C 481 -31.28 -38.87 19.33
CA LEU C 481 -30.02 -38.91 20.07
C LEU C 481 -29.51 -40.34 20.24
N GLN C 482 -28.20 -40.49 20.21
CA GLN C 482 -27.54 -41.80 20.23
C GLN C 482 -26.99 -42.07 21.63
N LYS C 483 -27.48 -43.14 22.26
CA LYS C 483 -27.15 -43.43 23.66
C LYS C 483 -26.73 -44.88 23.87
N ALA C 484 -25.96 -45.45 22.93
CA ALA C 484 -25.71 -46.88 22.95
C ALA C 484 -24.74 -47.29 24.06
N SER C 485 -23.79 -46.42 24.40
CA SER C 485 -22.88 -46.70 25.50
C SER C 485 -23.58 -46.72 26.86
N GLU C 486 -24.82 -46.23 26.94
CA GLU C 486 -25.57 -46.17 28.18
C GLU C 486 -26.84 -47.00 28.12
N ARG C 487 -27.01 -47.82 27.09
CA ARG C 487 -28.18 -48.67 26.94
C ARG C 487 -27.86 -50.13 27.27
N TYR C 488 -28.88 -50.87 27.70
CA TYR C 488 -28.80 -52.32 27.93
C TYR C 488 -27.73 -52.57 28.99
N MET C 489 -26.90 -53.61 28.87
CA MET C 489 -26.00 -54.00 29.94
C MET C 489 -24.59 -53.50 29.63
N ARG C 490 -24.06 -52.68 30.53
CA ARG C 490 -22.73 -52.10 30.40
C ARG C 490 -22.02 -52.24 31.74
N ASN C 491 -20.69 -52.33 31.69
CA ASN C 491 -19.93 -52.77 32.84
C ASN C 491 -19.60 -51.64 33.83
N HIS C 492 -20.28 -50.51 33.72
CA HIS C 492 -20.35 -49.55 34.81
C HIS C 492 -21.64 -49.71 35.62
N MET C 493 -22.41 -50.76 35.35
CA MET C 493 -23.69 -50.99 35.99
C MET C 493 -23.66 -52.25 36.84
N ASN C 494 -24.56 -52.30 37.82
CA ASN C 494 -24.86 -53.55 38.52
C ASN C 494 -25.74 -54.40 37.61
N LEU C 495 -25.25 -55.60 37.26
CA LEU C 495 -25.86 -56.37 36.19
C LEU C 495 -27.20 -56.98 36.60
N ASP C 496 -27.37 -57.32 37.88
CA ASP C 496 -28.65 -57.82 38.36
C ASP C 496 -29.61 -56.71 38.74
N THR C 497 -29.08 -55.59 39.26
CA THR C 497 -29.90 -54.40 39.46
C THR C 497 -30.52 -53.92 38.15
N LEU C 498 -29.75 -53.99 37.06
CA LEU C 498 -30.25 -53.58 35.76
C LEU C 498 -31.52 -54.34 35.38
N GLU C 499 -31.45 -55.67 35.42
CA GLU C 499 -32.59 -56.48 34.99
C GLU C 499 -33.85 -56.13 35.78
N GLU C 500 -33.71 -55.88 37.08
CA GLU C 500 -34.87 -55.51 37.90
C GLU C 500 -35.42 -54.15 37.52
N SER C 501 -34.54 -53.15 37.32
CA SER C 501 -35.02 -51.82 36.95
C SER C 501 -35.70 -51.83 35.59
N LYS C 502 -35.27 -52.72 34.69
CA LYS C 502 -35.83 -52.77 33.34
C LYS C 502 -37.06 -53.66 33.23
N ARG C 503 -37.42 -54.36 34.30
CA ARG C 503 -38.58 -55.25 34.32
C ARG C 503 -39.80 -54.50 34.83
N TYR C 504 -40.95 -54.72 34.19
CA TYR C 504 -42.21 -54.16 34.67
C TYR C 504 -43.41 -54.82 34.00
N PRO C 505 -44.47 -55.19 34.75
CA PRO C 505 -44.59 -55.13 36.21
C PRO C 505 -43.52 -55.95 36.91
N ARG C 506 -43.27 -55.71 38.19
CA ARG C 506 -42.18 -56.38 38.90
C ARG C 506 -42.69 -57.43 39.89
N LYS D 1 40.10 49.65 -3.87
CA LYS D 1 40.76 48.44 -4.35
C LYS D 1 41.57 48.72 -5.62
N PRO D 2 42.81 48.24 -5.68
CA PRO D 2 43.67 48.55 -6.82
C PRO D 2 43.36 47.66 -8.01
N ASN D 3 43.60 48.20 -9.20
CA ASN D 3 43.62 47.37 -10.40
C ASN D 3 44.84 46.46 -10.33
N ILE D 4 44.81 45.38 -11.11
CA ILE D 4 45.90 44.41 -11.12
C ILE D 4 46.17 43.98 -12.55
N LEU D 5 47.40 44.21 -13.02
CA LEU D 5 47.85 43.79 -14.34
C LEU D 5 48.90 42.71 -14.13
N ILE D 6 48.59 41.49 -14.55
CA ILE D 6 49.51 40.37 -14.47
C ILE D 6 50.09 40.15 -15.86
N ILE D 7 51.39 40.39 -15.99
CA ILE D 7 52.12 40.14 -17.23
C ILE D 7 52.84 38.83 -17.05
N MET D 8 52.49 37.86 -17.88
CA MET D 8 53.05 36.53 -17.78
C MET D 8 53.67 36.14 -19.11
N VAL D 9 54.82 35.48 -19.06
CA VAL D 9 55.49 35.00 -20.24
C VAL D 9 55.82 33.53 -20.03
N ASP D 10 56.10 32.85 -21.13
CA ASP D 10 56.27 31.40 -21.11
C ASP D 10 57.73 31.04 -21.29
N GLN D 11 58.25 30.22 -20.37
CA GLN D 11 59.55 29.56 -20.55
C GLN D 11 60.70 30.56 -20.41
N LEU D 12 60.59 31.47 -19.44
CA LEU D 12 61.62 32.46 -19.16
C LEU D 12 62.51 32.00 -17.99
N ASN D 13 63.74 31.64 -18.30
CA ASN D 13 64.77 31.28 -17.34
C ASN D 13 64.93 32.35 -16.26
N GLY D 14 64.63 32.01 -15.01
CA GLY D 14 64.68 32.98 -13.93
C GLY D 14 66.07 33.50 -13.60
N LYS D 15 67.12 32.78 -14.01
CA LYS D 15 68.46 33.29 -13.73
C LYS D 15 68.81 34.50 -14.59
N LEU D 16 68.04 34.75 -15.64
CA LEU D 16 68.23 35.94 -16.45
C LEU D 16 67.66 37.20 -15.79
N PHE D 17 67.06 37.06 -14.60
CA PHE D 17 66.52 38.19 -13.85
C PHE D 17 67.17 38.18 -12.47
N PRO D 18 68.47 38.49 -12.39
CA PRO D 18 69.13 38.51 -11.07
C PRO D 18 68.73 39.69 -10.21
N ASP D 19 68.23 40.77 -10.80
CA ASP D 19 67.83 41.96 -10.07
C ASP D 19 67.02 42.82 -11.02
N GLY D 20 65.86 42.32 -11.42
CA GLY D 20 65.28 42.70 -12.68
C GLY D 20 66.08 42.04 -13.79
N PRO D 21 65.81 42.40 -15.03
CA PRO D 21 66.51 41.76 -16.15
C PRO D 21 68.02 41.92 -16.00
N ALA D 22 68.75 40.93 -16.50
CA ALA D 22 70.22 41.01 -16.51
C ALA D 22 70.68 42.22 -17.31
N ASP D 23 71.86 42.74 -16.95
CA ASP D 23 72.40 43.92 -17.60
C ASP D 23 72.51 43.72 -19.12
N PHE D 24 72.93 42.53 -19.56
CA PHE D 24 73.21 42.33 -20.97
C PHE D 24 71.96 42.26 -21.84
N LEU D 25 70.78 42.11 -21.26
CA LEU D 25 69.56 42.08 -22.05
C LEU D 25 69.14 43.49 -22.41
N HIS D 26 68.71 43.68 -23.64
CA HIS D 26 68.04 44.91 -24.05
C HIS D 26 66.59 44.82 -23.60
N ALA D 27 66.29 45.45 -22.47
CA ALA D 27 64.98 45.34 -21.83
C ALA D 27 64.73 46.56 -20.97
N PRO D 28 64.73 47.76 -21.56
CA PRO D 28 64.60 48.97 -20.73
C PRO D 28 63.26 49.07 -20.02
N ASN D 29 62.17 48.63 -20.63
CA ASN D 29 60.88 48.75 -19.97
C ASN D 29 60.79 47.82 -18.75
N LEU D 30 61.28 46.59 -18.89
CA LEU D 30 61.25 45.67 -17.75
C LEU D 30 62.25 46.08 -16.67
N LYS D 31 63.33 46.75 -17.04
CA LYS D 31 64.25 47.27 -16.03
C LYS D 31 63.66 48.47 -15.31
N ALA D 32 63.01 49.38 -16.05
CA ALA D 32 62.28 50.46 -15.40
C ALA D 32 61.24 49.90 -14.44
N LEU D 33 60.45 48.92 -14.91
CA LEU D 33 59.47 48.28 -14.04
C LEU D 33 60.17 47.65 -12.83
N ALA D 34 61.27 46.93 -13.05
CA ALA D 34 61.96 46.26 -11.96
C ALA D 34 62.38 47.25 -10.87
N LYS D 35 62.85 48.44 -11.27
CA LYS D 35 63.38 49.40 -10.31
C LYS D 35 62.32 49.84 -9.30
N ARG D 36 61.05 49.91 -9.71
CA ARG D 36 59.95 50.23 -8.81
C ARG D 36 59.27 48.99 -8.24
N SER D 37 59.86 47.81 -8.36
CA SER D 37 59.24 46.55 -7.98
C SER D 37 59.89 45.95 -6.74
N ALA D 38 59.11 45.18 -6.00
CA ALA D 38 59.66 44.12 -5.17
C ALA D 38 60.04 42.97 -6.07
N ARG D 39 61.29 42.54 -6.01
CA ARG D 39 61.85 41.56 -6.93
C ARG D 39 62.27 40.34 -6.14
N PHE D 40 61.77 39.17 -6.55
CA PHE D 40 61.99 37.93 -5.81
C PHE D 40 63.00 37.10 -6.59
N HIS D 41 64.28 37.23 -6.19
CA HIS D 41 65.38 36.71 -6.98
C HIS D 41 65.35 35.19 -7.07
N ASN D 42 65.02 34.52 -5.98
CA ASN D 42 65.05 33.05 -5.92
C ASN D 42 63.63 32.47 -5.98
N ASN D 43 62.91 32.83 -7.04
CA ASN D 43 61.55 32.36 -7.21
C ASN D 43 61.51 31.16 -8.14
N TYR D 44 60.62 30.21 -7.83
CA TYR D 44 60.57 28.92 -8.53
C TYR D 44 59.17 28.64 -9.06
N THR D 45 59.14 27.87 -10.15
CA THR D 45 57.91 27.23 -10.59
C THR D 45 57.48 26.18 -9.57
N SER D 46 56.20 25.83 -9.61
CA SER D 46 55.71 24.69 -8.86
C SER D 46 55.89 23.38 -9.60
N SER D 47 56.06 23.43 -10.92
CA SER D 47 56.21 22.22 -11.72
C SER D 47 56.76 22.60 -13.09
N PRO D 48 57.90 22.05 -13.52
CA PRO D 48 58.56 22.54 -14.75
C PRO D 48 57.92 22.02 -16.04
N LEU D 49 56.68 22.40 -16.27
CA LEU D 49 55.98 22.11 -17.53
C LEU D 49 54.74 23.01 -17.63
N DDZ D 50 54.34 23.35 -18.86
CA DDZ D 50 53.33 24.37 -19.10
C DDZ D 50 52.05 24.20 -18.29
O DDZ D 50 51.73 24.91 -17.34
OG1 DDZ D 50 51.87 25.40 -20.82
OG2 DDZ D 50 53.99 24.93 -21.34
CB DDZ D 50 52.89 24.46 -20.59
HA DDZ D 50 53.79 25.36 -18.81
HB DDZ D 50 52.50 23.48 -20.98
HG1 DDZ D 50 52.11 25.94 -21.58
N ALA D 51 51.27 23.19 -18.67
CA ALA D 51 49.92 23.05 -18.09
C ALA D 51 49.95 22.78 -16.58
N PRO D 52 50.85 21.90 -16.11
CA PRO D 52 50.97 21.74 -14.65
C PRO D 52 51.37 23.02 -13.93
N ALA D 53 52.34 23.76 -14.44
CA ALA D 53 52.73 25.00 -13.79
C ALA D 53 51.58 26.00 -13.79
N ARG D 54 50.82 26.06 -14.88
CA ARG D 54 49.79 27.09 -15.01
C ARG D 54 48.57 26.76 -14.16
N ALA D 55 48.13 25.51 -14.15
CA ALA D 55 47.04 25.13 -13.26
C ALA D 55 47.42 25.39 -11.80
N SER D 56 48.69 25.15 -11.47
CA SER D 56 49.12 25.36 -10.09
C SER D 56 49.24 26.84 -9.78
N PHE D 57 49.80 27.61 -10.72
CA PHE D 57 49.82 29.06 -10.64
C PHE D 57 48.42 29.63 -10.40
N MET D 58 47.44 29.19 -11.20
CA MET D 58 46.09 29.74 -11.07
C MET D 58 45.46 29.38 -9.74
N ALA D 59 45.62 28.14 -9.28
CA ALA D 59 44.97 27.70 -8.05
C ALA D 59 45.80 27.97 -6.79
N GLY D 60 47.08 28.32 -6.94
CA GLY D 60 47.94 28.32 -5.77
C GLY D 60 48.04 26.98 -5.08
N GLN D 61 47.98 25.89 -5.84
CA GLN D 61 48.04 24.54 -5.31
C GLN D 61 49.00 23.71 -6.16
N LEU D 62 49.63 22.74 -5.52
CA LEU D 62 50.56 21.86 -6.20
C LEU D 62 49.84 20.92 -7.18
N PRO D 63 50.56 20.42 -8.18
CA PRO D 63 49.96 19.42 -9.08
C PRO D 63 49.32 18.25 -8.37
N SER D 64 49.92 17.75 -7.28
CA SER D 64 49.34 16.61 -6.57
C SER D 64 47.97 16.95 -6.02
N ARG D 65 47.69 18.23 -5.79
CA ARG D 65 46.37 18.67 -5.35
C ARG D 65 45.46 19.08 -6.52
N THR D 66 45.98 19.78 -7.53
CA THR D 66 45.16 20.14 -8.69
C THR D 66 44.83 18.92 -9.54
N ARG D 67 45.67 17.89 -9.50
CA ARG D 67 45.58 16.69 -10.32
C ARG D 67 46.05 16.95 -11.75
N VAL D 68 46.55 18.14 -12.06
CA VAL D 68 47.01 18.46 -13.41
C VAL D 68 48.48 18.07 -13.46
N TYR D 69 48.73 16.78 -13.75
CA TYR D 69 50.06 16.20 -13.64
C TYR D 69 50.91 16.42 -14.87
N ASP D 70 50.27 16.68 -16.02
CA ASP D 70 50.96 16.74 -17.30
C ASP D 70 50.16 17.66 -18.21
N ASN D 71 50.58 17.74 -19.47
CA ASN D 71 50.00 18.70 -20.41
C ASN D 71 48.69 18.21 -21.03
N ALA D 72 48.16 17.07 -20.61
CA ALA D 72 46.90 16.56 -21.11
C ALA D 72 45.91 16.27 -19.99
N ALA D 73 46.16 16.75 -18.77
CA ALA D 73 45.39 16.37 -17.61
C ALA D 73 44.28 17.38 -17.39
N GLU D 74 43.06 16.87 -17.23
CA GLU D 74 41.90 17.74 -17.04
C GLU D 74 42.04 18.59 -15.77
N TYR D 75 41.79 19.88 -15.93
CA TYR D 75 41.71 20.83 -14.83
C TYR D 75 40.23 21.01 -14.50
N GLN D 76 39.83 20.51 -13.34
CA GLN D 76 38.42 20.54 -12.95
C GLN D 76 37.93 21.95 -12.74
N SER D 77 36.70 22.23 -13.21
CA SER D 77 36.20 23.59 -13.15
C SER D 77 35.86 24.01 -11.72
N SER D 78 35.69 23.05 -10.80
CA SER D 78 35.34 23.38 -9.43
C SER D 78 36.54 23.80 -8.57
N ILE D 79 37.76 23.79 -9.11
CA ILE D 79 38.94 24.22 -8.36
C ILE D 79 39.03 25.75 -8.38
N PRO D 80 39.01 26.42 -7.23
CA PRO D 80 39.10 27.89 -7.25
C PRO D 80 40.48 28.38 -7.68
N THR D 81 40.49 29.49 -8.41
CA THR D 81 41.71 30.14 -8.87
C THR D 81 41.71 31.59 -8.37
N TYR D 82 42.83 32.28 -8.57
CA TYR D 82 42.83 33.70 -8.20
C TYR D 82 41.75 34.47 -8.94
N ALA D 83 41.35 34.01 -10.13
CA ALA D 83 40.24 34.67 -10.82
C ALA D 83 38.95 34.58 -10.01
N HIS D 84 38.64 33.39 -9.48
CA HIS D 84 37.46 33.26 -8.62
C HIS D 84 37.59 34.14 -7.38
N HIS D 85 38.72 34.06 -6.68
CA HIS D 85 38.88 34.83 -5.46
C HIS D 85 38.66 36.31 -5.71
N LEU D 86 39.28 36.84 -6.77
CA LEU D 86 39.13 38.26 -7.09
C LEU D 86 37.72 38.58 -7.58
N ARG D 87 37.18 37.74 -8.47
CA ARG D 87 35.84 37.98 -8.97
C ARG D 87 34.83 38.01 -7.83
N ARG D 88 35.02 37.14 -6.84
CA ARG D 88 34.14 37.08 -5.68
C ARG D 88 34.26 38.33 -4.82
N ALA D 89 35.43 38.96 -4.82
CA ALA D 89 35.66 40.19 -4.06
C ALA D 89 35.25 41.45 -4.81
N GLY D 90 34.72 41.34 -6.02
CA GLY D 90 34.22 42.49 -6.76
C GLY D 90 35.02 42.89 -7.99
N TYR D 91 36.00 42.10 -8.41
CA TYR D 91 36.82 42.43 -9.57
C TYR D 91 36.20 41.94 -10.86
N TYR D 92 36.32 42.77 -11.90
CA TYR D 92 36.28 42.26 -13.27
C TYR D 92 37.61 41.58 -13.58
N THR D 93 37.55 40.37 -14.10
CA THR D 93 38.73 39.55 -14.35
C THR D 93 38.75 39.12 -15.80
N ALA D 94 39.91 39.23 -16.44
CA ALA D 94 40.01 38.87 -17.84
C ALA D 94 41.39 38.34 -18.12
N LEU D 95 41.47 37.52 -19.17
CA LEU D 95 42.71 36.93 -19.64
C LEU D 95 42.82 37.21 -21.11
N SER D 96 43.97 37.71 -21.52
CA SER D 96 44.37 37.73 -22.92
C SER D 96 45.60 36.85 -23.06
N GLY D 97 45.50 35.84 -23.92
CA GLY D 97 46.64 34.98 -24.17
C GLY D 97 46.52 33.57 -23.64
N LYS D 98 47.67 32.96 -23.34
CA LYS D 98 47.77 31.53 -23.15
C LYS D 98 47.62 31.17 -21.68
N MET D 99 46.97 30.04 -21.42
CA MET D 99 47.03 29.45 -20.10
C MET D 99 47.05 27.92 -20.12
N HIS D 100 46.92 27.29 -21.29
CA HIS D 100 47.09 25.85 -21.42
C HIS D 100 46.20 25.10 -20.43
N LEU D 101 44.95 25.56 -20.33
CA LEU D 101 43.95 24.85 -19.55
C LEU D 101 43.44 23.67 -20.37
N VAL D 102 43.43 22.48 -19.77
CA VAL D 102 43.00 21.27 -20.45
C VAL D 102 41.62 20.90 -19.94
N GLY D 103 40.70 20.64 -20.86
CA GLY D 103 39.34 20.34 -20.53
C GLY D 103 38.40 21.35 -21.11
N PRO D 104 37.10 21.05 -21.03
CA PRO D 104 36.11 21.91 -21.67
C PRO D 104 35.97 23.28 -21.01
N ASP D 105 36.47 23.46 -19.79
CA ASP D 105 36.44 24.77 -19.14
C ASP D 105 37.69 25.53 -19.56
N GLN D 106 37.50 26.61 -20.32
CA GLN D 106 38.61 27.43 -20.80
C GLN D 106 38.65 28.79 -20.12
N LEU D 107 37.83 29.00 -19.09
CA LEU D 107 37.86 30.24 -18.32
C LEU D 107 38.37 30.05 -16.89
N HIS D 108 37.92 29.01 -16.19
CA HIS D 108 38.37 28.73 -14.83
C HIS D 108 38.31 29.99 -13.96
N GLY D 109 37.16 30.65 -13.99
CA GLY D 109 36.89 31.80 -13.17
C GLY D 109 37.05 33.13 -13.88
N PHE D 110 37.88 33.20 -14.91
CA PHE D 110 37.98 34.43 -15.69
C PHE D 110 36.61 34.79 -16.24
N GLU D 111 36.23 36.06 -16.09
CA GLU D 111 34.93 36.52 -16.60
C GLU D 111 34.94 36.65 -18.10
N GLU D 112 36.10 36.98 -18.68
CA GLU D 112 36.21 37.16 -20.11
C GLU D 112 37.59 36.70 -20.55
N ARG D 113 37.64 36.06 -21.71
CA ARG D 113 38.90 35.63 -22.31
C ARG D 113 38.96 36.17 -23.73
N LEU D 114 39.99 36.96 -24.02
CA LEU D 114 40.05 37.77 -25.24
C LEU D 114 40.63 37.02 -26.43
N THR D 115 41.38 35.94 -26.18
CA THR D 115 41.96 35.13 -27.24
C THR D 115 41.68 33.67 -26.96
N THR D 116 41.82 32.86 -27.99
CA THR D 116 41.84 31.42 -27.78
C THR D 116 43.25 31.05 -27.28
N ASP D 117 43.44 29.78 -26.97
CA ASP D 117 44.77 29.36 -26.55
C ASP D 117 45.60 28.99 -27.76
N ILE D 118 46.92 29.16 -27.64
CA ILE D 118 47.80 28.77 -28.72
C ILE D 118 47.99 27.26 -28.76
N TYR D 119 47.82 26.58 -27.62
CA TYR D 119 48.00 25.14 -27.49
C TYR D 119 46.69 24.41 -27.30
N PRO D 120 46.68 23.08 -27.46
CA PRO D 120 45.43 22.32 -27.41
C PRO D 120 44.80 22.27 -26.02
N ALA D 121 43.49 22.04 -26.02
CA ALA D 121 42.69 21.96 -24.81
C ALA D 121 42.27 20.53 -24.46
N ASP D 122 42.74 19.53 -25.19
CA ASP D 122 42.23 18.17 -25.05
C ASP D 122 43.30 17.26 -24.45
N PHE D 123 42.97 15.97 -24.34
CA PHE D 123 43.82 15.00 -23.65
C PHE D 123 44.87 14.37 -24.55
N GLY D 124 45.31 15.08 -25.60
CA GLY D 124 46.20 14.46 -26.58
C GLY D 124 47.57 14.12 -26.02
N TRP D 125 48.17 15.03 -25.25
CA TRP D 125 49.56 14.91 -24.83
C TRP D 125 49.70 14.13 -23.51
N THR D 126 49.08 12.96 -23.45
CA THR D 126 49.04 12.19 -22.20
C THR D 126 50.21 11.23 -22.13
N PRO D 127 51.04 11.27 -21.09
CA PRO D 127 52.09 10.26 -20.93
C PRO D 127 51.51 8.94 -20.41
N ASP D 128 52.33 7.90 -20.48
CA ASP D 128 51.92 6.57 -20.03
C ASP D 128 53.06 5.93 -19.25
N TYR D 129 52.94 5.93 -17.91
CA TYR D 129 53.92 5.28 -17.05
C TYR D 129 54.02 3.78 -17.30
N ARG D 130 53.11 3.20 -18.07
CA ARG D 130 53.19 1.78 -18.41
C ARG D 130 54.12 1.52 -19.59
N LYS D 131 54.58 2.55 -20.28
CA LYS D 131 55.51 2.43 -21.41
C LYS D 131 56.76 3.25 -21.15
N PRO D 132 57.50 2.96 -20.07
CA PRO D 132 58.70 3.75 -19.77
C PRO D 132 59.76 3.59 -20.85
N GLY D 133 60.39 4.70 -21.22
CA GLY D 133 61.42 4.71 -22.24
C GLY D 133 60.93 5.01 -23.64
N GLU D 134 59.63 4.92 -23.89
CA GLU D 134 59.09 5.30 -25.19
C GLU D 134 58.91 6.81 -25.26
N ARG D 135 58.79 7.31 -26.50
CA ARG D 135 58.50 8.71 -26.74
C ARG D 135 57.48 8.82 -27.85
N ILE D 136 56.69 9.89 -27.80
CA ILE D 136 55.64 10.16 -28.78
C ILE D 136 56.10 11.40 -29.56
N ASP D 137 56.57 11.18 -30.80
CA ASP D 137 57.31 12.21 -31.51
C ASP D 137 56.45 13.39 -31.94
N TRP D 138 55.12 13.21 -32.07
CA TRP D 138 54.32 14.28 -32.68
C TRP D 138 53.99 15.41 -31.72
N TRP D 139 54.25 15.27 -30.42
CA TRP D 139 54.12 16.40 -29.49
C TRP D 139 55.30 16.56 -28.53
N TYR D 140 56.09 15.52 -28.28
CA TYR D 140 57.27 15.66 -27.42
C TYR D 140 58.17 16.78 -27.91
N HIS D 141 58.84 17.44 -26.97
CA HIS D 141 59.97 18.29 -27.31
C HIS D 141 60.97 17.50 -28.15
N ASN D 142 61.66 18.21 -29.05
CA ASN D 142 62.84 17.67 -29.71
C ASN D 142 63.79 18.82 -29.98
N LEU D 143 65.04 18.49 -30.24
CA LEU D 143 66.08 19.50 -30.38
C LEU D 143 66.06 20.19 -31.74
N GLY D 144 65.02 19.99 -32.54
CA GLY D 144 64.92 20.69 -33.81
C GLY D 144 64.86 22.20 -33.63
N SER D 145 64.21 22.66 -32.57
CA SER D 145 64.20 24.09 -32.27
C SER D 145 65.62 24.63 -32.08
N VAL D 146 66.53 23.80 -31.58
CA VAL D 146 67.90 24.25 -31.39
C VAL D 146 68.59 24.39 -32.75
N THR D 147 68.41 23.41 -33.63
CA THR D 147 69.06 23.44 -34.94
C THR D 147 68.36 24.36 -35.93
N GLY D 148 67.10 24.74 -35.67
CA GLY D 148 66.36 25.58 -36.59
C GLY D 148 66.19 27.02 -36.13
N ALA D 149 66.96 27.44 -35.14
CA ALA D 149 66.88 28.82 -34.67
C ALA D 149 67.27 29.77 -35.78
N GLY D 150 66.71 30.98 -35.75
CA GLY D 150 66.97 31.94 -36.81
C GLY D 150 66.06 33.14 -36.77
N VAL D 151 65.82 33.70 -37.95
CA VAL D 151 65.19 35.01 -38.10
C VAL D 151 63.98 34.89 -39.01
N ALA D 152 62.87 35.51 -38.61
CA ALA D 152 61.68 35.58 -39.44
C ALA D 152 60.83 36.74 -38.94
N GLU D 153 60.00 37.28 -39.82
CA GLU D 153 59.20 38.44 -39.50
C GLU D 153 57.80 38.07 -39.00
N ILE D 154 57.36 36.84 -39.24
CA ILE D 154 56.16 36.33 -38.61
C ILE D 154 56.36 34.86 -38.29
N THR D 155 55.80 34.43 -37.16
CA THR D 155 55.78 33.04 -36.75
C THR D 155 54.41 32.77 -36.16
N ASN D 156 54.11 31.49 -35.95
CA ASN D 156 52.91 31.15 -35.18
C ASN D 156 52.88 31.96 -33.88
N GLN D 157 53.99 31.97 -33.14
CA GLN D 157 54.00 32.60 -31.83
C GLN D 157 53.96 34.11 -31.91
N MET D 158 54.58 34.72 -32.93
CA MET D 158 54.51 36.17 -33.03
C MET D 158 53.13 36.64 -33.49
N GLU D 159 52.48 35.90 -34.40
CA GLU D 159 51.09 36.18 -34.71
C GLU D 159 50.26 36.19 -33.43
N TYR D 160 50.44 35.17 -32.60
CA TYR D 160 49.68 35.04 -31.37
C TYR D 160 49.96 36.20 -30.43
N ASP D 161 51.24 36.45 -30.12
CA ASP D 161 51.58 37.44 -29.11
C ASP D 161 51.24 38.85 -29.59
N ASP D 162 51.45 39.13 -30.88
CA ASP D 162 50.97 40.39 -31.44
C ASP D 162 49.49 40.58 -31.12
N GLU D 163 48.69 39.52 -31.30
CA GLU D 163 47.25 39.65 -31.05
C GLU D 163 46.96 39.77 -29.56
N VAL D 164 47.64 38.98 -28.73
CA VAL D 164 47.51 39.09 -27.28
C VAL D 164 47.77 40.53 -26.83
N ALA D 165 48.87 41.09 -27.32
CA ALA D 165 49.22 42.47 -26.95
C ALA D 165 48.15 43.44 -27.41
N PHE D 166 47.77 43.38 -28.69
CA PHE D 166 46.78 44.33 -29.19
C PHE D 166 45.51 44.29 -28.37
N LEU D 167 44.95 43.10 -28.15
CA LEU D 167 43.67 43.02 -27.46
C LEU D 167 43.80 43.43 -26.01
N ALA D 168 44.97 43.21 -25.39
CA ALA D 168 45.15 43.60 -24.00
C ALA D 168 45.17 45.12 -23.87
N ASN D 169 45.90 45.80 -24.76
CA ASN D 169 45.87 47.26 -24.78
C ASN D 169 44.48 47.78 -25.14
N GLN D 170 43.83 47.17 -26.14
CA GLN D 170 42.45 47.57 -26.45
C GLN D 170 41.58 47.47 -25.21
N LYS D 171 41.74 46.39 -24.43
CA LYS D 171 40.92 46.20 -23.24
C LYS D 171 41.25 47.23 -22.16
N LEU D 172 42.52 47.58 -21.99
CA LEU D 172 42.86 48.62 -21.04
C LEU D 172 42.18 49.94 -21.40
N TYR D 173 42.22 50.31 -22.69
CA TYR D 173 41.49 51.49 -23.14
C TYR D 173 40.01 51.38 -22.81
N GLN D 174 39.38 50.25 -23.17
CA GLN D 174 37.97 50.07 -22.85
C GLN D 174 37.74 50.24 -21.35
N LEU D 175 38.64 49.70 -20.52
CA LEU D 175 38.49 49.83 -19.08
C LEU D 175 38.65 51.27 -18.61
N SER D 176 39.45 52.08 -19.32
CA SER D 176 39.62 53.47 -18.90
C SER D 176 38.35 54.30 -19.11
N ARG D 177 37.46 53.88 -20.02
CA ARG D 177 36.21 54.61 -20.21
C ARG D 177 35.34 54.57 -18.97
N GLU D 178 35.57 53.62 -18.08
CA GLU D 178 34.84 53.53 -16.81
C GLU D 178 35.53 54.28 -15.68
N ASN D 179 36.60 55.03 -15.98
CA ASN D 179 37.38 55.67 -14.93
C ASN D 179 36.54 56.66 -14.13
N ASP D 180 35.82 57.55 -14.82
CA ASP D 180 35.06 58.61 -14.15
C ASP D 180 33.82 58.09 -13.44
N ASP D 181 33.38 56.88 -13.73
CA ASP D 181 32.24 56.28 -13.03
C ASP D 181 32.76 55.59 -11.79
N GLU D 182 32.66 56.27 -10.64
CA GLU D 182 33.13 55.70 -9.38
C GLU D 182 32.40 54.41 -9.00
N SER D 183 31.36 54.02 -9.73
CA SER D 183 30.66 52.77 -9.48
C SER D 183 31.33 51.56 -10.14
N ARG D 184 32.38 51.76 -10.93
CA ARG D 184 32.97 50.67 -11.71
C ARG D 184 33.67 49.67 -10.80
N ARG D 185 33.73 48.41 -11.27
CA ARG D 185 34.51 47.43 -10.54
C ARG D 185 35.99 47.61 -10.82
N PRO D 186 36.84 47.35 -9.84
CA PRO D 186 38.28 47.25 -10.14
C PRO D 186 38.50 46.08 -11.08
N TRP D 187 39.56 46.16 -11.88
CA TRP D 187 39.80 45.14 -12.88
C TRP D 187 41.12 44.43 -12.62
N CYS D 188 41.18 43.17 -13.06
CA CYS D 188 42.40 42.38 -13.05
C CYS D 188 42.53 41.74 -14.41
N LEU D 189 43.55 42.15 -15.17
CA LEU D 189 43.79 41.68 -16.51
C LEU D 189 45.07 40.86 -16.50
N THR D 190 44.99 39.63 -16.98
CA THR D 190 46.15 38.77 -17.15
C THR D 190 46.53 38.76 -18.62
N VAL D 191 47.76 39.13 -18.92
CA VAL D 191 48.29 39.19 -20.27
C VAL D 191 49.39 38.14 -20.35
N SER D 192 49.15 37.05 -21.07
CA SER D 192 49.98 35.86 -20.98
C SER D 192 50.54 35.54 -22.37
N PHE D 193 51.83 35.84 -22.55
CA PHE D 193 52.47 35.71 -23.85
C PHE D 193 53.10 34.33 -24.00
N THR D 194 53.22 33.90 -25.26
CA THR D 194 53.84 32.61 -25.52
C THR D 194 55.36 32.68 -25.58
N HIS D 195 55.95 33.81 -25.98
CA HIS D 195 57.40 33.94 -25.94
C HIS D 195 57.88 34.04 -24.49
N PRO D 196 59.18 33.74 -24.24
CA PRO D 196 60.23 33.34 -25.17
C PRO D 196 60.35 31.84 -25.43
N HIS D 197 59.27 31.10 -25.16
CA HIS D 197 59.12 29.69 -25.53
C HIS D 197 59.63 29.48 -26.95
N ASP D 198 60.17 28.30 -27.25
CA ASP D 198 60.63 28.00 -28.59
C ASP D 198 59.43 27.75 -29.50
N PRO D 199 59.63 27.75 -30.84
CA PRO D 199 60.84 27.91 -31.65
C PRO D 199 61.64 29.16 -31.32
N TYR D 200 62.96 29.05 -31.38
CA TYR D 200 63.86 30.18 -31.09
C TYR D 200 64.05 30.98 -32.39
N VAL D 201 63.00 31.70 -32.75
CA VAL D 201 62.96 32.49 -33.99
C VAL D 201 62.48 33.88 -33.64
N ALA D 202 63.17 34.89 -34.16
CA ALA D 202 62.94 36.27 -33.76
C ALA D 202 62.89 37.18 -34.99
N ARG D 203 62.21 38.31 -34.82
CA ARG D 203 62.24 39.35 -35.83
C ARG D 203 63.63 39.95 -35.92
N ARG D 204 64.03 40.33 -37.13
CA ARG D 204 65.42 40.76 -37.34
C ARG D 204 65.76 41.97 -36.48
N LYS D 205 64.81 42.87 -36.28
CA LYS D 205 65.06 44.04 -35.45
C LYS D 205 65.58 43.65 -34.06
N PHE D 206 64.99 42.64 -33.44
CA PHE D 206 65.42 42.25 -32.10
C PHE D 206 66.63 41.34 -32.16
N TRP D 207 66.74 40.51 -33.20
CA TRP D 207 67.92 39.68 -33.40
C TRP D 207 69.18 40.54 -33.52
N ASP D 208 69.08 41.70 -34.18
CA ASP D 208 70.24 42.55 -34.38
C ASP D 208 70.71 43.23 -33.09
N LEU D 209 69.86 43.25 -32.06
CA LEU D 209 70.27 43.84 -30.78
C LEU D 209 71.34 43.03 -30.06
N TYR D 210 71.55 41.77 -30.45
CA TYR D 210 72.46 40.88 -29.75
C TYR D 210 73.61 40.43 -30.67
N GLU D 211 74.04 41.32 -31.56
CA GLU D 211 75.15 41.01 -32.47
C GLU D 211 76.42 40.68 -31.69
N ASP D 212 76.73 41.46 -30.66
CA ASP D 212 77.96 41.32 -29.90
C ASP D 212 77.72 40.69 -28.53
N CYS D 213 76.61 39.98 -28.36
CA CYS D 213 76.24 39.44 -27.06
C CYS D 213 77.29 38.46 -26.55
N GLU D 214 77.63 38.57 -25.26
CA GLU D 214 78.67 37.76 -24.66
C GLU D 214 78.15 36.52 -23.94
N HIS D 215 76.83 36.32 -23.91
CA HIS D 215 76.24 35.20 -23.17
C HIS D 215 75.59 34.19 -24.11
N LEU D 216 76.16 34.00 -25.29
CA LEU D 216 75.59 33.10 -26.28
C LEU D 216 76.02 31.64 -26.09
N THR D 217 76.83 31.35 -25.08
CA THR D 217 77.09 29.96 -24.70
C THR D 217 76.94 29.80 -23.20
N PRO D 218 76.36 28.70 -22.74
CA PRO D 218 76.17 28.51 -21.30
C PRO D 218 77.50 28.19 -20.62
N GLU D 219 77.63 28.67 -19.39
CA GLU D 219 78.85 28.42 -18.62
C GLU D 219 79.08 26.92 -18.46
N VAL D 220 78.07 26.19 -18.00
CA VAL D 220 78.15 24.74 -17.88
C VAL D 220 77.73 24.14 -19.21
N GLY D 221 78.67 23.47 -19.87
CA GLY D 221 78.45 22.92 -21.19
C GLY D 221 77.84 21.53 -21.13
N ALA D 222 77.79 20.90 -22.31
CA ALA D 222 77.11 19.63 -22.45
C ALA D 222 77.77 18.55 -21.60
N ILE D 223 76.94 17.76 -20.93
CA ILE D 223 77.39 16.60 -20.16
C ILE D 223 77.04 15.35 -20.96
N PRO D 224 78.00 14.46 -21.25
CA PRO D 224 77.66 13.27 -22.06
C PRO D 224 76.65 12.39 -21.37
N LEU D 225 75.90 11.62 -22.18
CA LEU D 225 74.82 10.80 -21.66
C LEU D 225 75.29 9.94 -20.49
N ASP D 226 76.42 9.24 -20.66
CA ASP D 226 76.88 8.27 -19.66
C ASP D 226 77.23 8.90 -18.33
N GLU D 227 77.38 10.23 -18.26
CA GLU D 227 77.72 10.92 -17.03
C GLU D 227 76.55 11.74 -16.48
N GLN D 228 75.39 11.70 -17.11
CA GLN D 228 74.23 12.44 -16.64
C GLN D 228 73.53 11.70 -15.51
N ASP D 229 72.93 12.48 -14.61
CA ASP D 229 72.00 11.88 -13.66
C ASP D 229 70.89 11.17 -14.44
N PRO D 230 70.21 10.21 -13.83
CA PRO D 230 69.25 9.40 -14.59
C PRO D 230 68.07 10.20 -15.17
N HIS D 231 67.59 11.24 -14.49
CA HIS D 231 66.47 12.01 -15.05
C HIS D 231 66.92 12.80 -16.27
N SER D 232 68.04 13.51 -16.15
CA SER D 232 68.61 14.18 -17.32
C SER D 232 68.77 13.22 -18.50
N GLN D 233 69.14 11.97 -18.22
CA GLN D 233 69.21 10.97 -19.28
C GLN D 233 67.83 10.74 -19.90
N ARG D 234 66.80 10.63 -19.05
CA ARG D 234 65.45 10.41 -19.56
C ARG D 234 65.00 11.59 -20.41
N ILE D 235 65.39 12.81 -20.03
CA ILE D 235 65.04 13.99 -20.81
C ILE D 235 65.72 13.93 -22.17
N MET D 236 67.01 13.59 -22.21
CA MET D 236 67.75 13.56 -23.47
C MET D 236 67.18 12.50 -24.41
N LEU D 237 66.79 11.34 -23.88
CA LEU D 237 66.16 10.33 -24.73
C LEU D 237 64.80 10.79 -25.23
N SER D 238 64.11 11.64 -24.47
CA SER D 238 62.79 12.09 -24.86
C SER D 238 62.87 13.28 -25.83
N CYS D 239 63.91 14.11 -25.73
CA CYS D 239 64.17 15.11 -26.74
C CYS D 239 64.81 14.52 -28.01
N ASP D 240 64.94 13.19 -28.08
CA ASP D 240 65.56 12.52 -29.22
C ASP D 240 66.94 13.11 -29.52
N TYR D 241 67.74 13.27 -28.45
N TYR D 241 67.74 13.27 -28.45
CA TYR D 241 69.04 13.91 -28.59
CA TYR D 241 69.04 13.91 -28.59
C TYR D 241 69.94 13.20 -29.58
C TYR D 241 69.94 13.20 -29.58
N GLN D 242 69.83 11.87 -29.67
CA GLN D 242 70.70 11.09 -30.55
C GLN D 242 70.49 11.37 -32.03
N ASN D 243 69.44 12.07 -32.42
CA ASN D 243 69.14 12.31 -33.84
C ASN D 243 69.45 13.73 -34.29
N PHE D 244 70.11 14.54 -33.47
CA PHE D 244 70.42 15.91 -33.82
C PHE D 244 71.90 16.19 -33.53
N ASP D 245 72.57 16.85 -34.47
CA ASP D 245 73.96 17.27 -34.30
C ASP D 245 73.95 18.74 -33.90
N VAL D 246 73.92 18.98 -32.59
CA VAL D 246 73.81 20.32 -32.04
C VAL D 246 75.21 20.92 -31.93
N THR D 247 75.48 21.91 -32.77
CA THR D 247 76.78 22.54 -32.87
C THR D 247 76.85 23.75 -31.94
N GLU D 248 78.08 24.20 -31.68
CA GLU D 248 78.25 25.44 -30.91
C GLU D 248 77.51 26.59 -31.56
N GLU D 249 77.45 26.60 -32.89
CA GLU D 249 76.70 27.63 -33.60
C GLU D 249 75.20 27.52 -33.31
N ASN D 250 74.66 26.29 -33.29
CA ASN D 250 73.25 26.11 -32.98
C ASN D 250 72.91 26.68 -31.61
N VAL D 251 73.74 26.40 -30.61
CA VAL D 251 73.50 26.92 -29.27
C VAL D 251 73.43 28.44 -29.31
N ARG D 252 74.43 29.08 -29.93
CA ARG D 252 74.49 30.54 -29.97
C ARG D 252 73.29 31.13 -30.70
N ARG D 253 72.88 30.53 -31.81
CA ARG D 253 71.71 31.01 -32.55
C ARG D 253 70.46 30.91 -31.68
N SER D 254 70.25 29.74 -31.06
CA SER D 254 69.09 29.55 -30.18
C SER D 254 69.07 30.59 -29.08
N ARG D 255 70.19 30.79 -28.39
CA ARG D 255 70.22 31.71 -27.27
C ARG D 255 70.09 33.16 -27.72
N ARG D 256 70.59 33.48 -28.92
CA ARG D 256 70.45 34.84 -29.44
C ARG D 256 68.99 35.16 -29.75
N ALA D 257 68.32 34.29 -30.51
CA ALA D 257 66.90 34.50 -30.79
C ALA D 257 66.08 34.53 -29.52
N TYR D 258 66.46 33.71 -28.52
CA TYR D 258 65.76 33.70 -27.23
C TYR D 258 65.89 35.05 -26.53
N PHE D 259 67.10 35.60 -26.49
CA PHE D 259 67.28 36.93 -25.91
C PHE D 259 66.58 37.97 -26.77
N ALA D 260 66.60 37.80 -28.08
CA ALA D 260 65.88 38.71 -28.96
C ALA D 260 64.39 38.70 -28.66
N ASN D 261 63.83 37.53 -28.37
CA ASN D 261 62.40 37.45 -28.09
C ASN D 261 62.06 37.97 -26.70
N ILE D 262 63.02 37.99 -25.77
CA ILE D 262 62.84 38.75 -24.54
C ILE D 262 62.73 40.23 -24.86
N SER D 263 63.51 40.70 -25.83
CA SER D 263 63.42 42.10 -26.24
C SER D 263 62.12 42.38 -26.99
N TYR D 264 61.69 41.43 -27.84
CA TYR D 264 60.36 41.50 -28.44
C TYR D 264 59.29 41.70 -27.37
N LEU D 265 59.41 40.98 -26.26
CA LEU D 265 58.44 41.09 -25.17
C LEU D 265 58.58 42.41 -24.44
N ASP D 266 59.82 42.87 -24.23
CA ASP D 266 60.01 44.14 -23.51
C ASP D 266 59.31 45.28 -24.22
N GLU D 267 59.34 45.28 -25.55
CA GLU D 267 58.59 46.26 -26.32
C GLU D 267 57.11 46.21 -25.96
N LYS D 268 56.55 45.00 -25.85
CA LYS D 268 55.14 44.88 -25.51
C LYS D 268 54.87 45.33 -24.09
N VAL D 269 55.81 45.11 -23.16
CA VAL D 269 55.66 45.63 -21.81
C VAL D 269 55.60 47.16 -21.84
N GLY D 270 56.49 47.78 -22.61
CA GLY D 270 56.40 49.22 -22.81
C GLY D 270 55.03 49.67 -23.28
N GLU D 271 54.46 48.96 -24.27
CA GLU D 271 53.14 49.32 -24.78
C GLU D 271 52.11 49.34 -23.67
N LEU D 272 52.06 48.27 -22.87
CA LEU D 272 51.08 48.17 -21.78
C LEU D 272 51.27 49.30 -20.79
N ILE D 273 52.52 49.53 -20.35
CA ILE D 273 52.80 50.63 -19.44
C ILE D 273 52.34 51.96 -20.04
N ASP D 274 52.66 52.19 -21.31
CA ASP D 274 52.29 53.44 -21.95
C ASP D 274 50.77 53.60 -22.00
N THR D 275 50.03 52.51 -22.25
CA THR D 275 48.58 52.60 -22.23
C THR D 275 48.09 52.95 -20.83
N LEU D 276 48.64 52.30 -19.81
CA LEU D 276 48.26 52.62 -18.44
C LEU D 276 48.56 54.07 -18.12
N THR D 277 49.71 54.59 -18.58
CA THR D 277 50.07 55.97 -18.27
C THR D 277 49.10 56.94 -18.92
N ARG D 278 48.89 56.81 -20.23
CA ARG D 278 48.09 57.79 -20.96
C ARG D 278 46.62 57.71 -20.58
N THR D 279 46.15 56.55 -20.11
CA THR D 279 44.79 56.42 -19.61
C THR D 279 44.66 56.84 -18.15
N ARG D 280 45.77 57.16 -17.49
CA ARG D 280 45.74 57.66 -16.11
C ARG D 280 45.26 56.59 -15.13
N MET D 281 45.53 55.32 -15.44
CA MET D 281 45.27 54.22 -14.52
C MET D 281 46.54 53.69 -13.86
N LEU D 282 47.71 54.20 -14.25
CA LEU D 282 48.98 53.60 -13.82
C LEU D 282 49.14 53.62 -12.31
N ASP D 283 48.93 54.78 -11.69
CA ASP D 283 49.19 54.92 -10.25
C ASP D 283 48.28 54.03 -9.40
N ASP D 284 47.12 53.65 -9.92
CA ASP D 284 46.16 52.82 -9.19
C ASP D 284 46.28 51.34 -9.54
N THR D 285 47.36 50.93 -10.19
CA THR D 285 47.45 49.59 -10.77
C THR D 285 48.68 48.86 -10.25
N LEU D 286 48.46 47.68 -9.68
CA LEU D 286 49.53 46.75 -9.38
C LEU D 286 49.94 46.02 -10.65
N ILE D 287 51.25 45.87 -10.84
CA ILE D 287 51.79 45.17 -12.00
C ILE D 287 52.67 44.04 -11.50
N LEU D 288 52.34 42.82 -11.89
CA LEU D 288 53.08 41.62 -11.52
C LEU D 288 53.66 41.01 -12.80
N PHE D 289 54.95 40.66 -12.76
CA PHE D 289 55.62 40.00 -13.87
C PHE D 289 56.02 38.60 -13.44
N CYS D 290 55.72 37.61 -14.27
CA CYS D 290 55.87 36.21 -13.85
C CYS D 290 56.02 35.33 -15.09
N SER D 291 56.35 34.06 -14.85
CA SER D 291 56.49 33.06 -15.90
C SER D 291 56.12 31.70 -15.33
N ASP D 292 55.79 30.75 -16.21
CA ASP D 292 55.34 29.43 -15.75
C ASP D 292 56.52 28.54 -15.37
N HIS D 293 57.56 28.51 -16.19
CA HIS D 293 58.76 27.72 -15.92
C HIS D 293 59.91 28.34 -16.72
N GLY D 294 61.10 27.79 -16.53
CA GLY D 294 62.29 28.27 -17.19
C GLY D 294 62.66 27.47 -18.42
N ASP D 295 63.93 27.61 -18.81
CA ASP D 295 64.48 26.98 -20.00
C ASP D 295 65.98 26.80 -19.77
N MET D 296 66.46 25.56 -19.85
CA MET D 296 67.87 25.30 -19.56
C MET D 296 68.78 26.03 -20.54
N LEU D 297 68.33 26.22 -21.79
CA LEU D 297 69.04 27.03 -22.78
C LEU D 297 70.43 26.48 -23.08
N GLY D 298 70.56 25.16 -23.09
CA GLY D 298 71.82 24.51 -23.37
C GLY D 298 72.67 24.21 -22.16
N GLU D 299 72.40 24.85 -21.02
CA GLU D 299 73.20 24.59 -19.83
C GLU D 299 73.14 23.10 -19.51
N ARG D 300 74.30 22.55 -19.16
CA ARG D 300 74.46 21.12 -18.92
C ARG D 300 74.21 20.27 -20.16
N GLY D 301 74.04 20.90 -21.32
CA GLY D 301 73.61 20.20 -22.50
C GLY D 301 72.12 20.00 -22.61
N LEU D 302 71.33 20.55 -21.69
CA LEU D 302 69.89 20.38 -21.71
C LEU D 302 69.21 21.60 -22.30
N TRP D 303 67.99 21.37 -22.79
CA TRP D 303 67.15 22.42 -23.35
C TRP D 303 65.75 22.28 -22.76
N PHE D 304 65.02 23.39 -22.75
CA PHE D 304 63.64 23.38 -22.31
C PHE D 304 63.55 23.13 -20.80
N LYS D 305 62.57 22.34 -20.36
CA LYS D 305 62.27 22.27 -18.94
C LYS D 305 62.19 20.82 -18.50
N MET D 306 61.17 20.46 -17.72
CA MET D 306 60.94 19.10 -17.25
C MET D 306 61.93 18.65 -16.19
N ASN D 307 62.69 19.56 -15.57
CA ASN D 307 63.59 19.18 -14.49
C ASN D 307 63.67 20.29 -13.46
N PHE D 308 64.36 20.01 -12.35
CA PHE D 308 64.43 20.94 -11.23
C PHE D 308 65.75 21.71 -11.18
N PHE D 309 66.64 21.55 -12.16
CA PHE D 309 67.80 22.42 -12.19
C PHE D 309 67.37 23.88 -12.29
N GLU D 310 68.32 24.77 -11.96
CA GLU D 310 67.98 26.18 -11.75
C GLU D 310 67.40 26.82 -12.99
N GLY D 311 67.92 26.48 -14.18
CA GLY D 311 67.51 27.17 -15.39
C GLY D 311 66.09 26.82 -15.80
N SER D 312 65.66 25.60 -15.49
CA SER D 312 64.31 25.14 -15.79
C SER D 312 63.32 25.49 -14.68
N ALA D 313 63.77 25.54 -13.43
CA ALA D 313 62.87 25.68 -12.29
C ALA D 313 62.76 27.11 -11.78
N ARG D 314 63.80 27.94 -11.96
CA ARG D 314 63.71 29.35 -11.59
C ARG D 314 62.89 30.10 -12.63
N VAL D 315 62.03 30.99 -12.14
CA VAL D 315 61.34 31.96 -13.01
C VAL D 315 61.30 33.30 -12.31
N PRO D 316 61.32 34.39 -13.08
CA PRO D 316 61.26 35.71 -12.45
C PRO D 316 59.93 35.94 -11.76
N LEU D 317 59.94 36.82 -10.77
CA LEU D 317 58.70 37.29 -10.13
C LEU D 317 58.93 38.70 -9.62
N MET D 318 58.10 39.64 -10.07
CA MET D 318 58.20 41.03 -9.66
C MET D 318 56.80 41.59 -9.40
N ILE D 319 56.70 42.49 -8.43
CA ILE D 319 55.44 43.16 -8.09
C ILE D 319 55.73 44.63 -7.87
N ALA D 320 54.97 45.50 -8.54
CA ALA D 320 55.10 46.93 -8.39
C ALA D 320 53.73 47.57 -8.26
N GLY D 321 53.71 48.76 -7.64
CA GLY D 321 52.52 49.58 -7.63
C GLY D 321 52.18 50.10 -6.25
N PRO D 322 50.94 50.56 -6.08
CA PRO D 322 50.54 51.17 -4.80
C PRO D 322 50.79 50.24 -3.62
N GLY D 323 51.44 50.76 -2.60
CA GLY D 323 51.69 50.00 -1.38
C GLY D 323 52.77 48.95 -1.49
N ILE D 324 53.52 48.92 -2.58
CA ILE D 324 54.59 47.95 -2.78
C ILE D 324 55.91 48.69 -2.65
N ALA D 325 56.63 48.41 -1.56
CA ALA D 325 57.98 48.95 -1.38
C ALA D 325 58.95 48.25 -2.33
N PRO D 326 59.74 49.01 -3.11
CA PRO D 326 60.71 48.34 -3.99
C PRO D 326 61.82 47.68 -3.20
N GLY D 327 62.47 46.72 -3.85
CA GLY D 327 63.65 46.10 -3.28
C GLY D 327 63.80 44.65 -3.71
N LEU D 328 65.00 44.14 -3.45
CA LEU D 328 65.39 42.79 -3.87
C LEU D 328 65.31 41.84 -2.68
N HIS D 329 64.67 40.69 -2.88
CA HIS D 329 64.49 39.68 -1.85
C HIS D 329 65.17 38.40 -2.28
N LEU D 330 65.99 37.81 -1.40
CA LEU D 330 66.73 36.59 -1.70
C LEU D 330 66.10 35.33 -1.13
N THR D 331 65.21 35.44 -0.15
CA THR D 331 64.55 34.26 0.38
C THR D 331 63.82 33.53 -0.75
N PRO D 332 63.96 32.21 -0.88
CA PRO D 332 63.26 31.51 -1.96
C PRO D 332 61.75 31.66 -1.87
N THR D 333 61.13 31.88 -3.02
CA THR D 333 59.68 32.03 -3.15
C THR D 333 59.20 31.08 -4.24
N SER D 334 57.88 31.05 -4.44
CA SER D 334 57.25 30.08 -5.31
C SER D 334 56.08 30.71 -6.05
N ASN D 335 55.87 30.28 -7.29
CA ASN D 335 54.65 30.62 -8.02
C ASN D 335 53.40 30.29 -7.21
N LEU D 336 53.48 29.28 -6.33
CA LEU D 336 52.37 28.97 -5.44
C LEU D 336 51.93 30.18 -4.62
N ASP D 337 52.84 31.15 -4.43
CA ASP D 337 52.55 32.31 -3.60
C ASP D 337 51.77 33.40 -4.34
N VAL D 338 51.68 33.34 -5.67
CA VAL D 338 51.04 34.43 -6.41
C VAL D 338 49.57 34.57 -6.03
N THR D 339 48.85 33.45 -6.01
CA THR D 339 47.40 33.55 -5.76
C THR D 339 47.12 34.12 -4.39
N PRO D 340 47.69 33.61 -3.29
CA PRO D 340 47.45 34.25 -1.98
C PRO D 340 48.01 35.66 -1.88
N THR D 341 49.09 35.99 -2.62
CA THR D 341 49.55 37.37 -2.64
C THR D 341 48.53 38.27 -3.32
N LEU D 342 48.03 37.86 -4.48
CA LEU D 342 47.01 38.65 -5.17
C LEU D 342 45.80 38.86 -4.28
N ALA D 343 45.36 37.81 -3.58
CA ALA D 343 44.18 37.93 -2.73
C ALA D 343 44.44 38.91 -1.59
N ASP D 344 45.61 38.80 -0.95
CA ASP D 344 45.98 39.74 0.10
C ASP D 344 45.99 41.17 -0.41
N LEU D 345 46.59 41.38 -1.58
CA LEU D 345 46.67 42.74 -2.15
C LEU D 345 45.28 43.29 -2.46
N ALA D 346 44.33 42.43 -2.79
CA ALA D 346 42.97 42.86 -3.07
C ALA D 346 42.13 43.04 -1.81
N GLY D 347 42.71 42.91 -0.62
CA GLY D 347 41.97 43.07 0.61
C GLY D 347 41.20 41.86 1.06
N ILE D 348 41.43 40.69 0.47
CA ILE D 348 40.72 39.48 0.85
C ILE D 348 41.33 38.93 2.12
N SER D 349 40.48 38.48 3.05
CA SER D 349 40.96 38.00 4.33
C SER D 349 41.80 36.73 4.15
N LEU D 350 42.72 36.52 5.10
CA LEU D 350 43.56 35.32 5.07
C LEU D 350 42.72 34.05 5.14
N GLU D 351 41.66 34.07 5.95
CA GLU D 351 40.91 32.84 6.19
C GLU D 351 40.09 32.44 4.96
N GLU D 352 39.69 33.41 4.13
CA GLU D 352 38.93 33.10 2.93
C GLU D 352 39.75 32.37 1.87
N VAL D 353 41.08 32.41 1.94
CA VAL D 353 41.91 31.72 0.95
C VAL D 353 42.75 30.60 1.55
N ARG D 354 42.89 30.55 2.88
CA ARG D 354 43.73 29.52 3.51
C ARG D 354 43.36 28.10 3.07
N PRO D 355 42.10 27.68 3.09
CA PRO D 355 41.79 26.29 2.71
C PRO D 355 42.11 25.96 1.26
N TRP D 356 42.43 26.96 0.44
CA TRP D 356 42.48 26.79 -1.01
C TRP D 356 43.87 26.97 -1.61
N THR D 357 44.87 27.32 -0.80
CA THR D 357 46.19 27.64 -1.32
C THR D 357 47.25 26.94 -0.47
N ASP D 358 48.23 26.36 -1.16
CA ASP D 358 49.37 25.72 -0.53
C ASP D 358 50.55 26.67 -0.32
N GLY D 359 50.46 27.91 -0.82
CA GLY D 359 51.51 28.89 -0.66
C GLY D 359 51.17 29.93 0.41
N VAL D 360 51.97 31.01 0.41
CA VAL D 360 51.82 32.09 1.37
C VAL D 360 51.86 33.42 0.65
N SER D 361 51.18 34.41 1.22
CA SER D 361 51.24 35.77 0.69
C SER D 361 52.66 36.32 0.85
N LEU D 362 53.12 37.06 -0.15
CA LEU D 362 54.42 37.70 -0.09
C LEU D 362 54.36 39.12 0.45
N VAL D 363 53.17 39.68 0.67
CA VAL D 363 53.07 41.06 1.12
C VAL D 363 53.83 41.27 2.42
N PRO D 364 53.74 40.39 3.43
CA PRO D 364 54.58 40.59 4.62
C PRO D 364 56.06 40.70 4.31
N MET D 365 56.57 39.88 3.39
CA MET D 365 57.99 39.96 3.01
C MET D 365 58.30 41.32 2.38
N VAL D 366 57.43 41.78 1.47
CA VAL D 366 57.59 43.11 0.90
C VAL D 366 57.68 44.16 2.01
N ASN D 367 56.95 43.95 3.10
CA ASN D 367 56.89 44.89 4.21
C ASN D 367 57.82 44.48 5.36
N GLY D 368 58.87 43.74 5.06
CA GLY D 368 59.95 43.54 6.02
C GLY D 368 59.72 42.49 7.08
N VAL D 369 58.81 41.55 6.86
CA VAL D 369 58.60 40.40 7.74
C VAL D 369 59.24 39.18 7.06
N GLU D 370 60.13 38.51 7.79
CA GLU D 370 60.83 37.38 7.20
C GLU D 370 59.85 36.27 6.84
N ARG D 371 60.13 35.58 5.73
CA ARG D 371 59.40 34.40 5.32
C ARG D 371 60.26 33.17 5.55
N THR D 372 59.64 32.12 6.07
CA THR D 372 60.34 30.90 6.48
C THR D 372 59.89 29.64 5.76
N GLU D 373 58.69 29.62 5.18
CA GLU D 373 58.17 28.39 4.61
C GLU D 373 59.03 27.94 3.44
N PRO D 374 59.27 26.64 3.28
CA PRO D 374 60.06 26.17 2.15
C PRO D 374 59.32 26.25 0.83
N VAL D 375 60.02 25.93 -0.26
CA VAL D 375 59.47 25.95 -1.60
C VAL D 375 59.43 24.51 -2.10
N LEU D 376 58.24 24.05 -2.48
CA LEU D 376 58.03 22.69 -2.91
C LEU D 376 57.74 22.64 -4.39
N MET D 377 58.27 21.63 -5.07
CA MET D 377 58.04 21.43 -6.49
C MET D 377 57.75 19.96 -6.77
N GLU D 378 56.99 19.71 -7.84
CA GLU D 378 56.68 18.36 -8.27
C GLU D 378 56.77 18.28 -9.79
N TYR D 379 57.01 17.06 -10.27
CA TYR D 379 57.00 16.78 -11.69
C TYR D 379 56.55 15.34 -11.93
N ALA D 380 55.61 15.15 -12.84
CA ALA D 380 55.09 13.82 -13.13
C ALA D 380 54.57 13.69 -14.56
N ALA D 381 55.35 14.19 -15.53
CA ALA D 381 54.93 14.12 -16.92
C ALA D 381 55.99 13.42 -17.78
N GLU D 382 56.10 13.80 -19.05
CA GLU D 382 57.02 13.09 -19.93
C GLU D 382 58.44 13.17 -19.40
N ALA D 383 59.22 12.13 -19.68
CA ALA D 383 60.59 11.92 -19.20
C ALA D 383 60.64 11.51 -17.74
N SER D 384 59.50 11.42 -17.05
CA SER D 384 59.43 10.78 -15.75
C SER D 384 58.80 9.41 -15.93
N TYR D 385 59.31 8.41 -15.20
CA TYR D 385 58.67 7.11 -15.11
C TYR D 385 58.03 6.92 -13.74
N ALA D 386 58.28 7.85 -12.82
CA ALA D 386 57.58 7.97 -11.55
C ALA D 386 57.72 9.41 -11.10
N PRO D 387 56.84 9.89 -10.24
CA PRO D 387 56.88 11.32 -9.90
C PRO D 387 58.19 11.71 -9.24
N LEU D 388 58.59 12.96 -9.47
CA LEU D 388 59.72 13.56 -8.77
C LEU D 388 59.20 14.72 -7.95
N VAL D 389 59.82 14.91 -6.80
CA VAL D 389 59.54 16.08 -5.96
C VAL D 389 60.86 16.75 -5.61
N ALA D 390 60.76 18.01 -5.21
CA ALA D 390 61.93 18.78 -4.83
C ALA D 390 61.55 19.72 -3.70
N ILE D 391 62.51 19.99 -2.83
CA ILE D 391 62.35 20.93 -1.72
C ILE D 391 63.46 21.95 -1.81
N ARG D 392 63.10 23.22 -1.69
CA ARG D 392 64.03 24.34 -1.72
C ARG D 392 63.83 25.13 -0.43
N GLU D 393 64.83 25.08 0.46
CA GLU D 393 64.78 25.75 1.75
C GLU D 393 66.13 26.37 2.05
N GLY D 394 66.12 27.61 2.55
CA GLY D 394 67.34 28.33 2.79
C GLY D 394 68.27 28.27 1.60
N LYS D 395 69.47 27.71 1.78
CA LYS D 395 70.46 27.63 0.73
C LYS D 395 70.41 26.31 -0.04
N TRP D 396 69.49 25.41 0.28
CA TRP D 396 69.55 24.03 -0.19
C TRP D 396 68.46 23.72 -1.21
N LYS D 397 68.77 22.77 -2.09
CA LYS D 397 67.78 22.13 -2.97
C LYS D 397 67.96 20.62 -2.91
N TYR D 398 66.85 19.91 -2.63
CA TYR D 398 66.82 18.46 -2.54
C TYR D 398 65.84 17.92 -3.58
N VAL D 399 66.27 16.90 -4.32
CA VAL D 399 65.47 16.30 -5.39
C VAL D 399 65.37 14.80 -5.15
N TYR D 400 64.15 14.28 -5.17
CA TYR D 400 63.87 12.87 -4.91
C TYR D 400 63.03 12.27 -6.02
N CYS D 401 63.44 11.08 -6.47
CA CYS D 401 62.59 10.19 -7.24
C CYS D 401 62.87 8.77 -6.77
N ALA D 402 61.81 7.98 -6.57
CA ALA D 402 62.00 6.63 -6.03
C ALA D 402 62.97 5.83 -6.87
N LEU D 403 63.08 6.14 -8.16
CA LEU D 403 63.86 5.35 -9.10
C LEU D 403 65.27 5.87 -9.29
N ASP D 404 65.61 7.03 -8.76
CA ASP D 404 66.89 7.67 -9.01
C ASP D 404 67.64 7.93 -7.72
N PRO D 405 68.96 8.11 -7.79
CA PRO D 405 69.70 8.63 -6.64
C PRO D 405 69.21 10.02 -6.27
N GLU D 406 69.21 10.29 -4.96
CA GLU D 406 68.86 11.63 -4.51
C GLU D 406 69.86 12.66 -5.03
N GLN D 407 69.43 13.92 -5.02
CA GLN D 407 70.31 15.04 -5.29
C GLN D 407 70.14 16.06 -4.18
N LEU D 408 71.27 16.64 -3.74
CA LEU D 408 71.25 17.70 -2.74
C LEU D 408 72.29 18.73 -3.14
N PHE D 409 71.88 19.99 -3.21
CA PHE D 409 72.74 21.08 -3.67
C PHE D 409 72.75 22.20 -2.64
N ASP D 410 73.95 22.71 -2.36
CA ASP D 410 74.15 23.93 -1.58
C ASP D 410 74.35 25.04 -2.60
N LEU D 411 73.30 25.82 -2.83
CA LEU D 411 73.31 26.80 -3.91
C LEU D 411 74.15 28.04 -3.59
N GLU D 412 74.52 28.25 -2.32
CA GLU D 412 75.48 29.31 -2.02
C GLU D 412 76.88 28.90 -2.46
N ALA D 413 77.35 27.74 -1.97
CA ALA D 413 78.66 27.24 -2.36
C ALA D 413 78.69 26.77 -3.81
N ASP D 414 77.54 26.36 -4.35
CA ASP D 414 77.49 25.64 -5.62
C ASP D 414 76.27 26.10 -6.42
N PRO D 415 76.29 27.36 -6.88
CA PRO D 415 75.13 27.88 -7.62
C PRO D 415 74.87 27.16 -8.93
N LEU D 416 75.86 26.51 -9.52
CA LEU D 416 75.69 25.81 -10.79
C LEU D 416 75.36 24.33 -10.61
N GLU D 417 75.21 23.86 -9.37
CA GLU D 417 74.72 22.51 -9.11
C GLU D 417 75.62 21.48 -9.78
N LEU D 418 76.92 21.61 -9.53
CA LEU D 418 77.91 20.68 -10.07
C LEU D 418 78.32 19.61 -9.08
N THR D 419 78.03 19.78 -7.79
CA THR D 419 78.42 18.83 -6.75
C THR D 419 77.18 18.29 -6.04
N ASN D 420 76.84 17.04 -6.31
CA ASN D 420 75.73 16.37 -5.63
C ASN D 420 76.17 15.93 -4.24
N LEU D 421 75.69 16.65 -3.21
CA LEU D 421 76.12 16.41 -1.84
C LEU D 421 75.47 15.18 -1.21
N ALA D 422 74.39 14.67 -1.80
CA ALA D 422 73.82 13.42 -1.32
C ALA D 422 74.75 12.24 -1.60
N GLU D 423 75.55 12.33 -2.65
CA GLU D 423 76.53 11.30 -2.98
C GLU D 423 77.92 11.63 -2.47
N ASN D 424 78.26 12.92 -2.36
CA ASN D 424 79.60 13.36 -1.96
C ASN D 424 79.45 14.41 -0.85
N PRO D 425 79.01 14.00 0.33
CA PRO D 425 78.83 14.98 1.41
C PRO D 425 80.18 15.51 1.90
N ARG D 426 80.14 16.75 2.41
CA ARG D 426 81.33 17.42 2.91
C ARG D 426 81.61 17.14 4.38
N GLY D 427 80.71 16.45 5.07
CA GLY D 427 80.87 16.19 6.48
C GLY D 427 79.54 16.06 7.19
N PRO D 428 79.57 15.85 8.51
CA PRO D 428 78.32 15.54 9.23
C PRO D 428 77.19 16.54 9.01
N VAL D 429 77.50 17.81 8.73
CA VAL D 429 76.43 18.79 8.53
C VAL D 429 75.61 18.44 7.30
N ASP D 430 76.29 18.09 6.19
CA ASP D 430 75.59 17.66 4.99
C ASP D 430 74.78 16.39 5.24
N GLN D 431 75.35 15.44 6.00
CA GLN D 431 74.65 14.20 6.30
C GLN D 431 73.38 14.47 7.09
N ALA D 432 73.47 15.28 8.14
CA ALA D 432 72.29 15.63 8.92
C ALA D 432 71.27 16.39 8.06
N THR D 433 71.75 17.20 7.12
CA THR D 433 70.85 17.95 6.24
C THR D 433 70.06 17.02 5.33
N LEU D 434 70.77 16.17 4.57
CA LEU D 434 70.13 15.14 3.77
C LEU D 434 69.06 14.40 4.58
N THR D 435 69.42 13.95 5.78
CA THR D 435 68.48 13.23 6.63
C THR D 435 67.25 14.08 6.95
N ALA D 436 67.47 15.37 7.25
CA ALA D 436 66.36 16.25 7.53
C ALA D 436 65.44 16.39 6.33
N PHE D 437 66.01 16.37 5.11
CA PHE D 437 65.19 16.51 3.92
C PHE D 437 64.45 15.22 3.61
N ARG D 438 65.11 14.07 3.79
CA ARG D 438 64.41 12.79 3.70
C ARG D 438 63.18 12.79 4.60
N ASP D 439 63.38 13.15 5.88
CA ASP D 439 62.26 13.21 6.81
C ASP D 439 61.21 14.20 6.34
N MET D 440 61.64 15.38 5.90
CA MET D 440 60.70 16.38 5.39
C MET D 440 59.92 15.84 4.19
N ARG D 441 60.65 15.30 3.21
CA ARG D 441 60.04 14.72 2.02
C ARG D 441 59.00 13.67 2.40
N ALA D 442 59.33 12.80 3.37
CA ALA D 442 58.45 11.71 3.75
C ALA D 442 57.20 12.21 4.47
N ALA D 443 57.31 13.36 5.15
CA ALA D 443 56.14 13.93 5.81
C ALA D 443 55.19 14.62 4.82
N HIS D 444 55.73 15.18 3.73
CA HIS D 444 54.89 15.92 2.79
C HIS D 444 54.23 15.01 1.77
N TRP D 445 54.93 13.99 1.28
CA TRP D 445 54.48 13.18 0.16
C TRP D 445 54.53 11.71 0.52
N ASP D 446 53.48 10.97 0.18
CA ASP D 446 53.60 9.53 -0.03
C ASP D 446 53.82 9.31 -1.51
N MET D 447 55.06 8.95 -1.87
CA MET D 447 55.42 8.89 -3.27
C MET D 447 54.77 7.70 -3.98
N GLU D 448 54.49 6.62 -3.25
CA GLU D 448 53.77 5.51 -3.86
C GLU D 448 52.32 5.87 -4.14
N ALA D 449 51.66 6.54 -3.19
CA ALA D 449 50.31 7.05 -3.42
C ALA D 449 50.29 8.04 -4.57
N PHE D 450 51.31 8.90 -4.65
CA PHE D 450 51.44 9.84 -5.76
C PHE D 450 51.53 9.10 -7.09
N ASP D 451 52.39 8.09 -7.15
CA ASP D 451 52.56 7.31 -8.38
C ASP D 451 51.24 6.64 -8.80
N ALA D 452 50.50 6.11 -7.83
CA ALA D 452 49.25 5.43 -8.15
C ALA D 452 48.21 6.41 -8.68
N ALA D 453 48.15 7.61 -8.12
CA ALA D 453 47.20 8.60 -8.60
C ALA D 453 47.52 9.03 -10.03
N VAL D 454 48.82 9.21 -10.32
CA VAL D 454 49.22 9.56 -11.68
C VAL D 454 48.84 8.47 -12.67
N ARG D 455 49.12 7.22 -12.31
CA ARG D 455 48.83 6.10 -13.22
C ARG D 455 47.33 6.00 -13.51
N GLU D 456 46.49 6.18 -12.49
CA GLU D 456 45.04 6.12 -12.71
C GLU D 456 44.58 7.23 -13.65
N SER D 457 45.11 8.45 -13.46
CA SER D 457 44.74 9.57 -14.31
C SER D 457 45.13 9.29 -15.76
N GLN D 458 46.32 8.73 -15.97
CA GLN D 458 46.75 8.36 -17.31
C GLN D 458 45.84 7.31 -17.92
N ALA D 459 45.50 6.28 -17.14
CA ALA D 459 44.72 5.17 -17.66
C ALA D 459 43.30 5.60 -18.02
N ARG D 460 42.67 6.44 -17.18
CA ARG D 460 41.38 7.02 -17.51
C ARG D 460 41.41 7.69 -18.87
N ARG D 461 42.39 8.58 -19.06
CA ARG D 461 42.43 9.39 -20.27
C ARG D 461 42.73 8.57 -21.50
N TRP D 462 43.48 7.47 -21.36
CA TRP D 462 43.71 6.63 -22.52
C TRP D 462 42.41 6.01 -23.03
N VAL D 463 41.54 5.57 -22.11
CA VAL D 463 40.25 5.03 -22.53
C VAL D 463 39.44 6.13 -23.20
N VAL D 464 39.34 7.28 -22.56
CA VAL D 464 38.46 8.35 -23.03
C VAL D 464 38.97 8.93 -24.34
N TYR D 465 40.26 9.30 -24.40
CA TYR D 465 40.71 10.10 -25.53
C TYR D 465 40.62 9.32 -26.84
N GLU D 466 40.89 8.01 -26.78
CA GLU D 466 40.71 7.18 -27.97
C GLU D 466 39.28 7.30 -28.48
N ALA D 467 38.30 7.21 -27.59
CA ALA D 467 36.90 7.37 -27.97
C ALA D 467 36.66 8.74 -28.60
N LEU D 468 37.17 9.80 -27.98
CA LEU D 468 36.85 11.14 -28.46
C LEU D 468 37.43 11.42 -29.83
N ARG D 469 38.40 10.63 -30.28
CA ARG D 469 38.99 10.81 -31.60
C ARG D 469 38.45 9.82 -32.63
N ASN D 470 37.39 9.09 -32.31
CA ASN D 470 36.59 8.39 -33.30
C ASN D 470 35.37 9.24 -33.65
N GLY D 471 34.95 9.19 -34.91
CA GLY D 471 33.81 9.96 -35.33
C GLY D 471 34.10 11.46 -35.36
N ALA D 472 33.02 12.23 -35.38
CA ALA D 472 33.14 13.68 -35.42
C ALA D 472 33.79 14.20 -34.16
N TYR D 473 34.82 15.04 -34.32
CA TYR D 473 35.50 15.63 -33.18
C TYR D 473 34.74 16.83 -32.64
N TYR D 474 34.62 16.92 -31.31
CA TYR D 474 34.02 18.10 -30.69
C TYR D 474 35.10 18.90 -29.98
N PRO D 475 35.46 20.08 -30.47
CA PRO D 475 36.58 20.82 -29.89
C PRO D 475 36.20 21.60 -28.64
N TRP D 476 37.20 21.80 -27.79
CA TRP D 476 37.04 22.55 -26.54
C TRP D 476 37.73 23.90 -26.57
N ASP D 477 38.36 24.27 -27.69
CA ASP D 477 39.11 25.52 -27.76
C ASP D 477 38.19 26.70 -27.47
N HIS D 478 38.71 27.68 -26.75
CA HIS D 478 37.92 28.86 -26.43
C HIS D 478 37.68 29.67 -27.70
N GLN D 479 36.41 30.07 -27.91
CA GLN D 479 36.05 30.97 -29.00
C GLN D 479 35.61 32.30 -28.42
N PRO D 480 36.42 33.36 -28.49
CA PRO D 480 36.00 34.65 -27.92
C PRO D 480 34.75 35.17 -28.61
N LEU D 481 33.85 35.76 -27.82
CA LEU D 481 32.58 36.28 -28.32
C LEU D 481 32.79 37.23 -29.51
N LYS D 483 30.37 40.49 -30.14
CA LYS D 483 29.05 40.73 -30.72
C LYS D 483 29.05 42.01 -31.55
N ALA D 484 29.15 41.86 -32.88
CA ALA D 484 29.30 43.01 -33.76
C ALA D 484 28.03 43.85 -33.82
N SER D 485 26.86 43.25 -33.65
CA SER D 485 25.62 44.00 -33.70
C SER D 485 25.43 44.91 -32.49
N GLU D 486 26.30 44.82 -31.49
CA GLU D 486 26.26 45.70 -30.32
C GLU D 486 27.50 46.58 -30.20
N ARG D 487 28.42 46.51 -31.15
CA ARG D 487 29.63 47.34 -31.13
C ARG D 487 29.44 48.56 -32.02
N TYR D 488 30.15 49.63 -31.67
CA TYR D 488 30.25 50.83 -32.52
C TYR D 488 28.85 51.44 -32.66
N MET D 489 28.47 51.96 -33.83
CA MET D 489 27.24 52.73 -33.97
C MET D 489 26.15 51.86 -34.59
N ARG D 490 25.07 51.67 -33.84
CA ARG D 490 23.91 50.92 -34.28
C ARG D 490 22.67 51.73 -33.98
N ASN D 491 21.62 51.52 -34.79
CA ASN D 491 20.47 52.42 -34.80
C ASN D 491 19.45 52.13 -33.69
N HIS D 492 19.83 51.40 -32.63
CA HIS D 492 19.06 51.38 -31.40
C HIS D 492 19.68 52.22 -30.30
N MET D 493 20.91 52.71 -30.50
CA MET D 493 21.58 53.59 -29.55
C MET D 493 21.32 55.05 -29.92
N ASN D 494 21.72 55.94 -29.01
CA ASN D 494 21.74 57.37 -29.28
C ASN D 494 23.09 57.73 -29.89
N LEU D 495 23.06 58.39 -31.05
CA LEU D 495 24.29 58.61 -31.81
C LEU D 495 25.19 59.64 -31.15
N ASP D 496 24.61 60.69 -30.56
CA ASP D 496 25.41 61.68 -29.85
C ASP D 496 25.84 61.20 -28.48
N THR D 497 25.04 60.32 -27.85
CA THR D 497 25.43 59.72 -26.59
C THR D 497 26.58 58.73 -26.76
N LEU D 498 26.61 58.04 -27.90
CA LEU D 498 27.62 57.00 -28.11
C LEU D 498 29.03 57.59 -28.12
N GLU D 499 29.24 58.65 -28.90
CA GLU D 499 30.59 59.20 -29.05
C GLU D 499 31.14 59.67 -27.71
N GLU D 500 30.30 60.28 -26.87
CA GLU D 500 30.77 60.79 -25.59
C GLU D 500 31.13 59.65 -24.64
N SER D 501 30.36 58.56 -24.67
CA SER D 501 30.64 57.45 -23.75
C SER D 501 31.87 56.65 -24.18
N LYS D 502 32.20 56.66 -25.47
CA LYS D 502 33.38 55.96 -25.96
C LYS D 502 34.63 56.83 -25.99
N ARG D 503 34.52 58.09 -25.56
CA ARG D 503 35.63 59.03 -25.54
C ARG D 503 36.23 59.08 -24.14
N TYR D 504 37.57 59.04 -24.05
CA TYR D 504 38.25 59.20 -22.77
C TYR D 504 39.72 59.54 -22.96
N PRO D 505 40.28 60.54 -22.25
CA PRO D 505 39.63 61.44 -21.28
C PRO D 505 38.55 62.33 -21.91
N ARG D 506 37.62 62.82 -21.09
CA ARG D 506 36.49 63.58 -21.59
C ARG D 506 36.65 65.07 -21.28
MG MG E . -19.22 -7.88 23.75
S SO4 F . -43.36 8.25 21.79
O1 SO4 F . -42.74 9.40 22.47
O2 SO4 F . -43.59 7.19 22.76
O3 SO4 F . -44.64 8.65 21.22
O4 SO4 F . -42.47 7.79 20.72
S SO4 G . -42.13 -10.34 14.40
O1 SO4 G . -40.80 -10.13 14.99
O2 SO4 G . -42.92 -11.17 15.31
O3 SO4 G . -41.98 -11.01 13.11
O4 SO4 G . -42.79 -9.05 14.21
S SO4 H . -14.34 13.37 6.90
O1 SO4 H . -15.25 12.32 7.33
O2 SO4 H . -13.38 13.68 7.97
O3 SO4 H . -13.64 12.92 5.70
O4 SO4 H . -15.10 14.59 6.59
S SO4 I . -8.62 8.78 29.55
O1 SO4 I . -8.46 9.75 30.63
O2 SO4 I . -9.85 8.00 29.78
O3 SO4 I . -7.47 7.87 29.51
O4 SO4 I . -8.73 9.49 28.28
S SO4 J . -21.69 -9.55 27.49
O1 SO4 J . -20.25 -9.38 27.36
O2 SO4 J . -22.02 -9.68 28.90
O3 SO4 J . -22.10 -10.76 26.77
O4 SO4 J . -22.40 -8.41 26.92
MG MG K . 15.46 12.57 -12.26
S SO4 L . 15.18 -14.97 -10.71
O1 SO4 L . 13.77 -14.67 -10.95
O2 SO4 L . 15.33 -15.44 -9.33
O3 SO4 L . 16.00 -13.79 -10.94
O4 SO4 L . 15.62 -16.03 -11.63
S SO4 M . 32.92 3.77 9.13
O1 SO4 M . 34.17 3.34 9.75
O2 SO4 M . 31.78 3.40 9.95
O3 SO4 M . 32.82 3.13 7.81
O4 SO4 M . 32.94 5.22 9.00
S SO4 N . -3.54 -1.31 -22.42
O1 SO4 N . -4.61 -1.69 -21.50
O2 SO4 N . -2.37 -0.87 -21.65
O3 SO4 N . -4.03 -0.21 -23.25
O4 SO4 N . -3.16 -2.45 -23.25
S SO4 O . 21.94 -4.50 17.84
O1 SO4 O . 23.09 -5.29 17.42
O2 SO4 O . 21.68 -4.66 19.27
O3 SO4 O . 20.76 -4.94 17.10
O4 SO4 O . 22.22 -3.09 17.56
S SO4 P . 2.40 16.46 10.98
O1 SO4 P . 2.08 15.72 12.21
O2 SO4 P . 3.13 17.67 11.34
O3 SO4 P . 3.25 15.62 10.12
O4 SO4 P . 1.17 16.79 10.28
S SO4 Q . 15.85 16.71 -9.92
O1 SO4 Q . 16.69 15.74 -9.24
O2 SO4 Q . 15.16 17.54 -8.94
O3 SO4 Q . 16.68 17.55 -10.77
O4 SO4 Q . 14.85 16.01 -10.72
MG MG R . -50.36 -32.30 6.40
S SO4 S . -73.62 -29.51 21.23
O1 SO4 S . -74.06 -29.68 22.61
O2 SO4 S . -72.18 -29.26 21.21
O3 SO4 S . -74.32 -28.36 20.63
O4 SO4 S . -73.95 -30.71 20.46
S SO4 T . -47.95 -30.90 2.62
O1 SO4 T . -46.60 -30.78 3.16
O2 SO4 T . -48.54 -32.15 3.06
O3 SO4 T . -48.74 -29.78 3.11
O4 SO4 T . -47.89 -30.88 1.16
MG MG U . 54.93 26.48 -20.95
S SO4 V . 54.84 22.92 -23.33
O1 SO4 V . 55.45 24.24 -23.34
O2 SO4 V . 55.10 22.24 -22.06
O3 SO4 V . 55.40 22.12 -24.43
O4 SO4 V . 53.39 23.04 -23.52
#